data_9PDY
#
_entry.id   9PDY
#
_cell.length_a   1.00
_cell.length_b   1.00
_cell.length_c   1.00
_cell.angle_alpha   90.00
_cell.angle_beta   90.00
_cell.angle_gamma   90.00
#
_symmetry.space_group_name_H-M   'P 1'
#
loop_
_entity.id
_entity.type
_entity.pdbx_description
1 polymer 'Fusion glycoprotein F0'
2 polymer 'MPV510 Fab heavy chain'
3 polymer 'MPV510 Fab light chain'
4 non-polymer 2-acetamido-2-deoxy-beta-D-glucopyranose
#
loop_
_entity_poly.entity_id
_entity_poly.type
_entity_poly.pdbx_seq_one_letter_code
_entity_poly.pdbx_strand_id
1 'polypeptide(L)'
;LKESYLEESCSTITEGYLSVLRTGWYTNVFTLEVGDVENLTCADGPSLIKTELDLTKSALRELRTCSADQLAREEQIENP
RQSRFVLGAIACGVATAAAVTAGVAIAKCIRLESEVTAIKNCLKKTNECVSTLGCGVRVLATAVRELKDFVSKNLTRAIN
KNKCDIPDLKMAVSFSQFNRRFLNVVRQFSDNAGITPAISKDLMTDAELARAISNMPTSAGQIKLMLENRCMVRRKGFGI
LIGVYGSSVIYMVQLPIFGVIDTPCWIVKAAPSCSEKKGNYACLLREDQGWYCQNAGSTVYYPCEKDCETRGDHVFCDTA
AGINVAEQSKECNINISTTNYPCKVSCGRHPISMVALSPLGALVACYKGVSCSIGSNRVGIIKQLNKGCSYITNQDADTV
TIDNTVYQLSKVEGEQHVIKGRPVSSSFDPVKFPQDQFNVALDQCFES
;
A,B,C
2 'polypeptide(L)'
;QVQLQESGSGLVKPSQTLSLTCAVSGGSISSGDSSWSWIRQPPGKGLEWIGHVYESGNTYYDPSLQSRVTISVDRSRNQF
SLKLTSVTVADTAVYYCAREGNYGWDYFDYWGQGTLVTVSS
;
D,E,F
3 'polypeptide(L)'
;DIQMTSPFSLSASVGDRVTITCRASQSINSYLNWYQQKPGKAPRLLIYAASSLQSGVPSRFRGSGSGTDFALTISSLQPE
DFATYYCQQSYRPPSRTFGQGTKVEMK
;
G,H,I
#
loop_
_chem_comp.id
_chem_comp.type
_chem_comp.name
_chem_comp.formula
NAG D-saccharide, beta linking 2-acetamido-2-deoxy-beta-D-glucopyranose 'C8 H15 N O6'
#
# COMPACT_ATOMS: atom_id res chain seq x y z
N LEU A 1 14.98 18.64 -20.16
CA LEU A 1 14.58 18.66 -18.76
C LEU A 1 15.23 19.81 -18.01
N LYS A 2 14.39 20.63 -17.36
CA LYS A 2 14.85 21.75 -16.55
C LYS A 2 14.52 21.45 -15.09
N GLU A 3 15.53 21.47 -14.23
CA GLU A 3 15.34 21.25 -12.80
C GLU A 3 15.77 22.51 -12.09
N SER A 4 14.90 22.98 -11.20
CA SER A 4 15.19 24.16 -10.38
C SER A 4 15.20 23.73 -8.92
N TYR A 5 16.32 23.97 -8.24
CA TYR A 5 16.43 23.65 -6.83
C TYR A 5 15.93 24.83 -6.04
N LEU A 6 14.76 24.69 -5.40
CA LEU A 6 14.20 25.81 -4.67
C LEU A 6 14.72 25.71 -3.23
N GLU A 7 15.71 26.54 -2.90
CA GLU A 7 16.37 26.39 -1.61
C GLU A 7 15.50 26.89 -0.45
N GLU A 8 14.33 27.46 -0.76
CA GLU A 8 13.45 27.94 0.30
C GLU A 8 12.84 26.79 1.09
N SER A 9 12.55 25.67 0.42
CA SER A 9 11.88 24.55 1.06
C SER A 9 12.61 23.23 0.82
N CYS A 10 13.88 23.28 0.45
CA CYS A 10 14.67 22.07 0.18
C CYS A 10 13.94 21.15 -0.78
N SER A 11 13.32 21.74 -1.81
CA SER A 11 12.56 21.00 -2.80
C SER A 11 13.06 21.34 -4.20
N THR A 12 12.83 20.40 -5.13
CA THR A 12 13.22 20.54 -6.52
C THR A 12 12.02 20.21 -7.41
N ILE A 13 11.74 21.09 -8.36
CA ILE A 13 10.69 20.89 -9.35
C ILE A 13 11.35 20.64 -10.69
N THR A 14 11.01 19.52 -11.32
CA THR A 14 11.58 19.11 -12.60
C THR A 14 10.49 19.16 -13.65
N GLU A 15 10.56 20.17 -14.51
CA GLU A 15 9.60 20.32 -15.60
C GLU A 15 10.25 20.00 -16.93
N GLY A 16 9.40 19.71 -17.90
CA GLY A 16 9.75 19.42 -19.27
C GLY A 16 9.16 18.10 -19.70
N TYR A 17 8.05 17.69 -19.09
CA TYR A 17 7.47 16.40 -19.42
C TYR A 17 6.22 16.58 -20.28
N LEU A 18 5.98 15.61 -21.16
CA LEU A 18 4.84 15.66 -22.08
C LEU A 18 3.82 14.64 -21.61
N SER A 19 2.64 15.12 -21.28
CA SER A 19 1.59 14.29 -20.69
C SER A 19 1.09 13.22 -21.65
N VAL A 20 0.72 12.08 -21.07
CA VAL A 20 -0.09 11.06 -21.73
C VAL A 20 -1.15 10.59 -20.75
N LEU A 21 -2.35 11.19 -20.81
CA LEU A 21 -3.42 10.92 -19.86
C LEU A 21 -4.47 9.99 -20.44
N ARG A 22 -5.01 9.10 -19.61
CA ARG A 22 -6.08 8.21 -20.05
C ARG A 22 -7.40 8.91 -19.74
N THR A 23 -8.24 9.06 -20.75
CA THR A 23 -9.49 9.79 -20.56
C THR A 23 -10.72 8.89 -20.52
N GLY A 24 -10.66 7.70 -21.09
CA GLY A 24 -11.79 6.81 -21.09
C GLY A 24 -11.37 5.36 -21.21
N TRP A 25 -12.37 4.49 -21.12
CA TRP A 25 -12.18 3.05 -21.26
C TRP A 25 -12.82 2.57 -22.56
N TYR A 26 -12.07 1.78 -23.31
CA TYR A 26 -12.57 1.16 -24.55
C TYR A 26 -12.75 -0.33 -24.30
N THR A 27 -13.99 -0.81 -24.45
CA THR A 27 -14.32 -2.20 -24.14
C THR A 27 -14.21 -3.09 -25.37
N ASN A 28 -13.50 -4.21 -25.24
CA ASN A 28 -13.36 -5.19 -26.30
C ASN A 28 -13.92 -6.52 -25.80
N VAL A 29 -14.78 -7.17 -26.60
CA VAL A 29 -15.41 -8.42 -26.18
C VAL A 29 -14.80 -9.60 -26.94
N PHE A 30 -14.42 -10.65 -26.21
CA PHE A 30 -13.88 -11.88 -26.79
C PHE A 30 -14.80 -13.03 -26.43
N THR A 31 -14.92 -13.95 -27.39
CA THR A 31 -15.65 -15.22 -27.26
C THR A 31 -14.61 -16.30 -27.56
N LEU A 32 -13.94 -16.78 -26.52
CA LEU A 32 -12.93 -17.84 -26.64
C LEU A 32 -13.67 -19.16 -26.82
N GLU A 33 -14.12 -19.43 -28.05
CA GLU A 33 -14.86 -20.65 -28.34
C GLU A 33 -14.00 -21.88 -28.10
N VAL A 34 -14.48 -22.80 -27.26
CA VAL A 34 -13.70 -23.99 -26.94
C VAL A 34 -14.10 -25.20 -27.79
N GLY A 35 -15.37 -25.32 -28.14
CA GLY A 35 -15.86 -26.45 -28.92
C GLY A 35 -16.51 -27.47 -28.03
N ASP A 36 -17.00 -28.52 -28.69
CA ASP A 36 -17.79 -29.57 -28.07
C ASP A 36 -16.85 -30.53 -27.37
N VAL A 37 -16.16 -30.06 -26.33
CA VAL A 37 -15.08 -30.85 -25.73
C VAL A 37 -15.63 -31.76 -24.64
N GLU A 38 -16.71 -31.34 -23.99
CA GLU A 38 -17.25 -32.08 -22.87
C GLU A 38 -17.93 -33.37 -23.32
N ASN A 39 -18.27 -33.50 -24.59
CA ASN A 39 -18.95 -34.69 -25.11
C ASN A 39 -18.00 -35.82 -25.48
N LEU A 40 -16.69 -35.60 -25.40
CA LEU A 40 -15.67 -36.54 -25.87
C LEU A 40 -15.08 -37.23 -24.66
N THR A 41 -14.64 -38.49 -24.82
CA THR A 41 -14.07 -39.17 -23.69
C THR A 41 -12.92 -40.06 -24.14
N CYS A 42 -12.09 -40.46 -23.19
CA CYS A 42 -10.98 -41.37 -23.45
C CYS A 42 -11.20 -42.65 -22.66
N ALA A 43 -11.07 -43.79 -23.34
CA ALA A 43 -11.35 -45.08 -22.73
C ALA A 43 -10.28 -46.12 -23.08
N ASP A 44 -8.99 -45.74 -23.09
CA ASP A 44 -7.96 -46.75 -23.30
C ASP A 44 -6.79 -46.40 -22.37
N GLY A 45 -7.08 -45.97 -21.14
CA GLY A 45 -6.04 -45.67 -20.19
C GLY A 45 -5.34 -44.34 -20.43
N PRO A 46 -4.23 -44.09 -19.72
CA PRO A 46 -3.57 -42.78 -19.80
C PRO A 46 -2.98 -42.49 -21.17
N SER A 47 -2.91 -41.20 -21.48
CA SER A 47 -2.35 -40.74 -22.75
C SER A 47 -2.10 -39.24 -22.70
N LEU A 48 -1.27 -38.77 -23.63
CA LEU A 48 -1.04 -37.33 -23.75
C LEU A 48 -2.35 -36.61 -24.09
N ILE A 49 -3.09 -37.13 -25.07
CA ILE A 49 -4.37 -36.51 -25.43
C ILE A 49 -5.34 -36.63 -24.27
N LYS A 50 -5.34 -37.75 -23.55
CA LYS A 50 -6.22 -37.82 -22.39
C LYS A 50 -5.91 -36.72 -21.36
N THR A 51 -4.64 -36.55 -21.02
CA THR A 51 -4.24 -35.54 -20.06
C THR A 51 -4.65 -34.15 -20.54
N GLU A 52 -4.54 -33.88 -21.84
CA GLU A 52 -4.87 -32.54 -22.30
C GLU A 52 -6.37 -32.35 -22.30
N LEU A 53 -7.12 -33.41 -22.60
CA LEU A 53 -8.57 -33.34 -22.55
C LEU A 53 -9.06 -33.11 -21.12
N ASP A 54 -8.50 -33.86 -20.18
CA ASP A 54 -8.86 -33.70 -18.77
C ASP A 54 -8.54 -32.29 -18.27
N LEU A 55 -7.37 -31.77 -18.64
CA LEU A 55 -7.04 -30.40 -18.27
C LEU A 55 -8.07 -29.41 -18.82
N THR A 56 -8.41 -29.54 -20.10
CA THR A 56 -9.35 -28.60 -20.70
C THR A 56 -10.72 -28.68 -20.04
N LYS A 57 -11.21 -29.91 -19.81
CA LYS A 57 -12.54 -30.08 -19.22
C LYS A 57 -12.58 -29.55 -17.80
N SER A 58 -11.54 -29.83 -17.01
CA SER A 58 -11.48 -29.29 -15.66
C SER A 58 -11.44 -27.77 -15.69
N ALA A 59 -10.65 -27.20 -16.62
CA ALA A 59 -10.61 -25.75 -16.74
C ALA A 59 -12.01 -25.18 -17.00
N LEU A 60 -12.72 -25.79 -17.95
CA LEU A 60 -14.05 -25.30 -18.33
C LEU A 60 -15.02 -25.38 -17.15
N ARG A 61 -15.06 -26.54 -16.48
CA ARG A 61 -16.02 -26.72 -15.38
C ARG A 61 -15.71 -25.78 -14.23
N GLU A 62 -14.44 -25.69 -13.82
CA GLU A 62 -14.08 -24.78 -12.74
C GLU A 62 -14.36 -23.33 -13.13
N LEU A 63 -14.24 -23.02 -14.43
CA LEU A 63 -14.65 -21.71 -14.90
C LEU A 63 -16.14 -21.49 -14.69
N ARG A 64 -16.95 -22.54 -14.86
CA ARG A 64 -18.37 -22.42 -14.58
C ARG A 64 -18.64 -22.12 -13.12
N THR A 65 -17.74 -22.51 -12.21
CA THR A 65 -17.96 -22.29 -10.78
C THR A 65 -17.39 -20.96 -10.29
N CYS A 66 -17.09 -20.03 -11.19
CA CYS A 66 -16.54 -18.73 -10.79
C CYS A 66 -17.45 -17.61 -11.26
N SER A 67 -17.55 -16.56 -10.43
CA SER A 67 -18.43 -15.43 -10.70
C SER A 67 -19.83 -15.90 -11.07
N PHE A 85 -6.92 14.99 4.79
CA PHE A 85 -7.26 14.40 3.50
C PHE A 85 -6.04 13.77 2.86
N VAL A 86 -5.94 12.44 2.92
CA VAL A 86 -4.84 11.71 2.30
C VAL A 86 -5.22 11.53 0.83
N LEU A 87 -4.80 12.50 0.02
CA LEU A 87 -5.23 12.54 -1.38
C LEU A 87 -4.76 11.32 -2.15
N GLY A 88 -3.61 10.77 -1.81
CA GLY A 88 -3.15 9.57 -2.51
C GLY A 88 -4.10 8.40 -2.31
N ALA A 89 -4.46 8.13 -1.05
CA ALA A 89 -5.40 7.06 -0.78
C ALA A 89 -6.75 7.34 -1.44
N ILE A 90 -7.25 8.56 -1.28
CA ILE A 90 -8.54 8.91 -1.88
C ILE A 90 -8.51 8.66 -3.38
N ALA A 91 -7.46 9.15 -4.05
CA ALA A 91 -7.41 9.12 -5.50
C ALA A 91 -7.25 7.69 -6.02
N CYS A 92 -6.32 6.90 -5.45
CA CYS A 92 -6.19 5.54 -5.93
C CYS A 92 -7.44 4.71 -5.64
N GLY A 93 -8.08 4.91 -4.48
CA GLY A 93 -9.32 4.22 -4.21
C GLY A 93 -10.40 4.57 -5.22
N VAL A 94 -10.54 5.85 -5.53
CA VAL A 94 -11.54 6.27 -6.51
C VAL A 94 -11.22 5.69 -7.88
N ALA A 95 -9.93 5.63 -8.23
CA ALA A 95 -9.55 5.10 -9.54
C ALA A 95 -9.91 3.62 -9.65
N THR A 96 -9.54 2.83 -8.64
CA THR A 96 -9.88 1.41 -8.69
C THR A 96 -11.39 1.21 -8.68
N ALA A 97 -12.10 2.00 -7.89
CA ALA A 97 -13.56 1.90 -7.85
C ALA A 97 -14.16 2.19 -9.22
N ALA A 98 -13.70 3.26 -9.87
CA ALA A 98 -14.23 3.61 -11.18
C ALA A 98 -13.94 2.52 -12.20
N ALA A 99 -12.72 2.01 -12.21
CA ALA A 99 -12.36 0.96 -13.18
C ALA A 99 -13.23 -0.27 -12.98
N VAL A 100 -13.32 -0.76 -11.73
CA VAL A 100 -14.09 -1.98 -11.48
C VAL A 100 -15.56 -1.74 -11.77
N THR A 101 -16.08 -0.56 -11.42
CA THR A 101 -17.48 -0.27 -11.65
C THR A 101 -17.80 -0.26 -13.14
N ALA A 102 -16.97 0.41 -13.95
CA ALA A 102 -17.21 0.44 -15.38
C ALA A 102 -17.15 -0.96 -15.98
N GLY A 103 -16.11 -1.72 -15.60
CA GLY A 103 -16.00 -3.08 -16.13
C GLY A 103 -17.19 -3.93 -15.76
N VAL A 104 -17.64 -3.85 -14.50
CA VAL A 104 -18.75 -4.67 -14.04
C VAL A 104 -20.05 -4.23 -14.70
N ALA A 105 -20.22 -2.93 -14.91
CA ALA A 105 -21.44 -2.45 -15.56
C ALA A 105 -21.53 -2.93 -17.00
N ILE A 106 -20.44 -2.83 -17.75
CA ILE A 106 -20.47 -3.31 -19.14
C ILE A 106 -20.62 -4.82 -19.16
N ALA A 107 -19.99 -5.52 -18.22
CA ALA A 107 -20.16 -6.97 -18.13
C ALA A 107 -21.61 -7.33 -17.84
N LYS A 108 -22.27 -6.56 -16.99
CA LYS A 108 -23.69 -6.78 -16.72
C LYS A 108 -24.52 -6.57 -17.97
N CYS A 109 -24.24 -5.51 -18.71
CA CYS A 109 -24.98 -5.26 -19.95
C CYS A 109 -24.78 -6.43 -20.93
N ILE A 110 -23.57 -6.99 -20.97
CA ILE A 110 -23.31 -8.09 -21.90
C ILE A 110 -23.85 -9.43 -21.39
N ARG A 111 -23.98 -9.60 -20.08
CA ARG A 111 -24.36 -10.90 -19.51
C ARG A 111 -25.79 -11.31 -19.87
N LEU A 112 -26.61 -10.39 -20.37
CA LEU A 112 -27.94 -10.75 -20.81
C LEU A 112 -27.86 -11.78 -21.93
N GLU A 113 -28.78 -12.75 -21.90
CA GLU A 113 -28.81 -13.76 -22.94
C GLU A 113 -29.08 -13.15 -24.30
N SER A 114 -29.99 -12.18 -24.37
CA SER A 114 -30.28 -11.51 -25.63
C SER A 114 -29.04 -10.79 -26.14
N GLU A 115 -28.32 -10.08 -25.26
CA GLU A 115 -27.13 -9.36 -25.68
C GLU A 115 -26.05 -10.32 -26.16
N VAL A 116 -25.86 -11.44 -25.45
CA VAL A 116 -24.86 -12.42 -25.88
C VAL A 116 -25.22 -13.00 -27.23
N THR A 117 -26.51 -13.32 -27.44
CA THR A 117 -26.94 -13.85 -28.72
C THR A 117 -26.72 -12.82 -29.84
N ALA A 118 -27.00 -11.55 -29.56
CA ALA A 118 -26.78 -10.51 -30.56
C ALA A 118 -25.30 -10.40 -30.89
N ILE A 119 -24.43 -10.46 -29.88
CA ILE A 119 -22.99 -10.39 -30.13
C ILE A 119 -22.55 -11.56 -30.99
N LYS A 120 -23.01 -12.77 -30.65
CA LYS A 120 -22.63 -13.95 -31.43
C LYS A 120 -23.12 -13.86 -32.86
N ASN A 121 -24.36 -13.38 -33.06
CA ASN A 121 -24.89 -13.23 -34.41
C ASN A 121 -24.08 -12.21 -35.19
N CYS A 122 -23.71 -11.10 -34.56
CA CYS A 122 -22.85 -10.12 -35.21
C CYS A 122 -21.53 -10.73 -35.63
N LEU A 123 -20.93 -11.53 -34.76
CA LEU A 123 -19.65 -12.17 -35.03
C LEU A 123 -19.79 -13.50 -35.77
N LYS A 124 -21.02 -13.90 -36.13
CA LYS A 124 -21.21 -15.21 -36.72
C LYS A 124 -20.53 -15.34 -38.07
N LYS A 125 -20.55 -14.29 -38.90
CA LYS A 125 -20.03 -14.37 -40.26
C LYS A 125 -18.70 -13.65 -40.43
N THR A 126 -18.18 -13.00 -39.39
CA THR A 126 -16.89 -12.34 -39.45
C THR A 126 -16.16 -12.57 -38.13
N ASN A 127 -14.93 -12.08 -38.04
CA ASN A 127 -14.13 -12.23 -36.83
C ASN A 127 -14.02 -10.94 -36.02
N GLU A 128 -14.67 -9.87 -36.48
CA GLU A 128 -14.61 -8.60 -35.78
C GLU A 128 -15.74 -7.72 -36.29
N CYS A 129 -16.56 -7.22 -35.36
CA CYS A 129 -17.68 -6.36 -35.73
C CYS A 129 -17.96 -5.39 -34.60
N VAL A 130 -18.53 -4.23 -34.95
CA VAL A 130 -18.76 -3.15 -34.00
C VAL A 130 -20.24 -3.16 -33.68
N SER A 131 -20.58 -3.65 -32.49
CA SER A 131 -21.96 -3.80 -32.05
C SER A 131 -22.32 -2.71 -31.05
N THR A 132 -23.51 -2.13 -31.22
CA THR A 132 -24.04 -1.15 -30.27
C THR A 132 -24.93 -1.88 -29.26
N LEU A 133 -24.50 -1.89 -28.01
CA LEU A 133 -25.22 -2.60 -26.97
C LEU A 133 -26.54 -1.89 -26.65
N GLY A 134 -27.49 -2.67 -26.11
CA GLY A 134 -28.77 -2.09 -25.73
C GLY A 134 -28.64 -1.02 -24.67
N CYS A 135 -27.56 -1.04 -23.89
CA CYS A 135 -27.35 0.00 -22.88
C CYS A 135 -26.89 1.32 -23.49
N GLY A 136 -26.75 1.39 -24.81
CA GLY A 136 -26.39 2.62 -25.49
C GLY A 136 -24.92 2.78 -25.79
N VAL A 137 -24.07 1.90 -25.29
CA VAL A 137 -22.62 2.01 -25.48
C VAL A 137 -22.20 1.12 -26.65
N ARG A 138 -21.16 1.57 -27.35
CA ARG A 138 -20.62 0.85 -28.49
C ARG A 138 -19.32 0.17 -28.09
N VAL A 139 -19.23 -1.13 -28.37
CA VAL A 139 -18.09 -1.94 -27.96
C VAL A 139 -17.64 -2.80 -29.13
N LEU A 140 -16.33 -2.88 -29.32
CA LEU A 140 -15.77 -3.78 -30.33
C LEU A 140 -15.88 -5.22 -29.85
N ALA A 141 -15.92 -6.15 -30.81
CA ALA A 141 -16.03 -7.56 -30.51
C ALA A 141 -15.03 -8.34 -31.35
N THR A 142 -14.39 -9.33 -30.74
CA THR A 142 -13.44 -10.21 -31.43
C THR A 142 -13.81 -11.65 -31.13
N ALA A 143 -13.55 -12.52 -32.11
CA ALA A 143 -13.84 -13.94 -31.99
C ALA A 143 -12.54 -14.72 -32.06
N VAL A 144 -12.17 -15.36 -30.95
CA VAL A 144 -10.98 -16.19 -30.89
C VAL A 144 -11.46 -17.62 -31.13
N ARG A 145 -11.52 -18.00 -32.40
CA ARG A 145 -12.11 -19.27 -32.81
C ARG A 145 -11.06 -20.31 -33.19
N GLU A 146 -9.78 -20.04 -32.97
CA GLU A 146 -8.76 -21.02 -33.32
C GLU A 146 -8.95 -22.31 -32.53
N LEU A 147 -9.17 -22.19 -31.22
CA LEU A 147 -9.33 -23.37 -30.38
C LEU A 147 -10.56 -24.18 -30.79
N LYS A 148 -11.69 -23.50 -31.03
CA LYS A 148 -12.90 -24.21 -31.44
C LYS A 148 -12.72 -24.88 -32.79
N ASP A 149 -12.13 -24.17 -33.75
CA ASP A 149 -11.92 -24.76 -35.07
C ASP A 149 -11.04 -25.99 -34.97
N PHE A 150 -9.97 -25.91 -34.18
CA PHE A 150 -9.12 -27.08 -33.98
C PHE A 150 -9.91 -28.22 -33.36
N VAL A 151 -10.59 -27.95 -32.24
CA VAL A 151 -11.29 -29.01 -31.51
C VAL A 151 -12.37 -29.64 -32.39
N SER A 152 -12.91 -28.89 -33.34
CA SER A 152 -14.02 -29.40 -34.15
C SER A 152 -13.54 -30.11 -35.42
N LYS A 153 -12.46 -29.65 -36.03
CA LYS A 153 -12.03 -30.19 -37.32
C LYS A 153 -10.89 -31.19 -37.21
N ASN A 154 -9.97 -31.04 -36.25
CA ASN A 154 -8.84 -31.95 -36.10
C ASN A 154 -9.00 -32.87 -34.91
N LEU A 155 -9.22 -32.32 -33.71
CA LEU A 155 -9.26 -33.14 -32.50
C LEU A 155 -10.46 -34.08 -32.53
N THR A 156 -11.63 -33.58 -32.91
CA THR A 156 -12.84 -34.40 -32.84
C THR A 156 -12.74 -35.60 -33.77
N ARG A 157 -12.24 -35.39 -34.99
CA ARG A 157 -12.10 -36.50 -35.93
C ARG A 157 -10.84 -37.32 -35.68
N ALA A 158 -9.90 -36.81 -34.89
CA ALA A 158 -8.73 -37.61 -34.51
C ALA A 158 -9.09 -38.59 -33.41
N ILE A 159 -9.72 -38.11 -32.34
CA ILE A 159 -10.28 -38.99 -31.32
C ILE A 159 -11.70 -39.35 -31.75
N ASN A 160 -11.80 -40.42 -32.53
CA ASN A 160 -13.07 -41.05 -32.86
C ASN A 160 -13.35 -42.13 -31.83
N LYS A 161 -14.28 -43.04 -32.12
CA LYS A 161 -14.60 -44.16 -31.23
C LYS A 161 -14.61 -43.78 -29.76
N ASN A 162 -13.46 -43.29 -29.28
CA ASN A 162 -13.22 -42.75 -27.93
C ASN A 162 -11.79 -43.07 -27.48
N LYS A 163 -10.89 -43.31 -28.44
CA LYS A 163 -9.50 -43.67 -28.17
C LYS A 163 -8.64 -42.42 -28.23
N CYS A 164 -8.07 -42.03 -27.09
CA CYS A 164 -7.18 -40.87 -27.02
C CYS A 164 -5.71 -41.24 -27.12
N ASP A 165 -5.37 -42.53 -27.16
CA ASP A 165 -3.98 -42.97 -27.29
C ASP A 165 -3.63 -43.22 -28.75
N ILE A 166 -3.83 -42.19 -29.58
CA ILE A 166 -3.54 -42.28 -31.00
C ILE A 166 -2.04 -42.21 -31.21
N PRO A 167 -1.50 -42.86 -32.26
CA PRO A 167 -0.04 -42.86 -32.44
C PRO A 167 0.55 -41.49 -32.72
N ASP A 168 -0.25 -40.54 -33.20
CA ASP A 168 0.26 -39.24 -33.65
C ASP A 168 0.55 -38.35 -32.45
N LEU A 169 1.84 -38.10 -32.18
CA LEU A 169 2.22 -37.14 -31.16
C LEU A 169 2.10 -35.69 -31.63
N LYS A 170 2.13 -35.49 -32.95
CA LYS A 170 1.94 -34.15 -33.49
C LYS A 170 0.60 -33.59 -33.07
N MET A 171 -0.43 -34.44 -33.07
CA MET A 171 -1.75 -33.97 -32.67
C MET A 171 -1.76 -33.54 -31.20
N ALA A 172 -1.12 -34.31 -30.33
CA ALA A 172 -1.09 -33.93 -28.92
C ALA A 172 -0.34 -32.61 -28.72
N VAL A 173 0.80 -32.45 -29.40
CA VAL A 173 1.58 -31.22 -29.21
C VAL A 173 0.81 -30.02 -29.77
N SER A 174 0.14 -30.20 -30.91
CA SER A 174 -0.68 -29.12 -31.47
C SER A 174 -1.83 -28.77 -30.53
N PHE A 175 -2.44 -29.78 -29.91
CA PHE A 175 -3.48 -29.52 -28.94
C PHE A 175 -2.95 -28.71 -27.76
N SER A 176 -1.76 -29.07 -27.27
CA SER A 176 -1.15 -28.31 -26.18
C SER A 176 -0.95 -26.86 -26.58
N GLN A 177 -0.39 -26.63 -27.77
CA GLN A 177 -0.15 -25.26 -28.21
C GLN A 177 -1.46 -24.50 -28.36
N PHE A 178 -2.48 -25.12 -28.96
CA PHE A 178 -3.73 -24.44 -29.22
C PHE A 178 -4.46 -24.08 -27.94
N ASN A 179 -4.47 -25.00 -26.95
CA ASN A 179 -5.14 -24.73 -25.70
C ASN A 179 -4.26 -24.00 -24.69
N ARG A 180 -3.01 -23.68 -25.06
CA ARG A 180 -2.19 -22.85 -24.19
C ARG A 180 -2.92 -21.57 -23.79
N ARG A 181 -3.47 -20.86 -24.78
CA ARG A 181 -4.13 -19.58 -24.50
C ARG A 181 -5.33 -19.78 -23.59
N PHE A 182 -6.17 -20.78 -23.89
CA PHE A 182 -7.37 -21.01 -23.10
C PHE A 182 -7.02 -21.38 -21.66
N LEU A 183 -6.04 -22.27 -21.49
CA LEU A 183 -5.64 -22.68 -20.14
C LEU A 183 -5.03 -21.52 -19.38
N ASN A 184 -4.25 -20.66 -20.06
CA ASN A 184 -3.69 -19.50 -19.40
C ASN A 184 -4.79 -18.53 -18.94
N VAL A 185 -5.78 -18.31 -19.81
CA VAL A 185 -6.88 -17.42 -19.44
C VAL A 185 -7.63 -17.98 -18.25
N VAL A 186 -7.90 -19.29 -18.25
CA VAL A 186 -8.59 -19.91 -17.13
C VAL A 186 -7.75 -19.78 -15.86
N ARG A 187 -6.45 -20.03 -15.96
CA ARG A 187 -5.57 -19.86 -14.81
C ARG A 187 -5.69 -18.46 -14.23
N GLN A 188 -5.57 -17.44 -15.08
CA GLN A 188 -5.60 -16.07 -14.60
C GLN A 188 -6.94 -15.75 -13.93
N PHE A 189 -8.04 -16.11 -14.59
CA PHE A 189 -9.35 -15.76 -14.05
C PHE A 189 -9.63 -16.50 -12.75
N SER A 190 -9.36 -17.81 -12.71
CA SER A 190 -9.61 -18.58 -11.50
C SER A 190 -8.74 -18.10 -10.35
N ASP A 191 -7.45 -17.83 -10.62
CA ASP A 191 -6.57 -17.36 -9.56
C ASP A 191 -7.02 -16.02 -9.00
N ASN A 192 -7.45 -15.11 -9.87
CA ASN A 192 -7.90 -13.79 -9.44
C ASN A 192 -9.41 -13.71 -9.22
N ALA A 193 -10.12 -14.83 -9.31
CA ALA A 193 -11.56 -14.88 -9.05
C ALA A 193 -12.34 -14.10 -10.11
N GLY A 194 -11.98 -14.32 -11.38
CA GLY A 194 -12.72 -13.78 -12.49
C GLY A 194 -12.39 -12.36 -12.90
N ILE A 195 -11.38 -11.75 -12.29
CA ILE A 195 -10.96 -10.39 -12.64
C ILE A 195 -9.44 -10.34 -12.56
N THR A 196 -8.78 -10.26 -13.72
CA THR A 196 -7.33 -10.17 -13.76
C THR A 196 -6.87 -8.75 -13.45
N PRO A 197 -5.63 -8.59 -12.94
CA PRO A 197 -5.13 -7.23 -12.67
C PRO A 197 -4.51 -6.57 -13.89
N ALA A 198 -4.10 -7.36 -14.88
CA ALA A 198 -3.44 -6.83 -16.07
C ALA A 198 -3.71 -7.74 -17.25
N ILE A 199 -3.51 -7.19 -18.45
CA ILE A 199 -3.78 -7.90 -19.68
C ILE A 199 -2.56 -8.76 -20.02
N SER A 200 -2.67 -10.06 -19.77
CA SER A 200 -1.67 -10.99 -20.26
C SER A 200 -1.67 -11.02 -21.78
N LYS A 201 -0.65 -11.64 -22.35
CA LYS A 201 -0.59 -11.82 -23.79
C LYS A 201 -1.59 -12.85 -24.30
N ASP A 202 -2.22 -13.60 -23.39
CA ASP A 202 -3.27 -14.54 -23.77
C ASP A 202 -4.64 -13.89 -23.82
N LEU A 203 -4.89 -12.89 -22.98
CA LEU A 203 -6.13 -12.13 -23.06
C LEU A 203 -6.24 -11.42 -24.41
N MET A 204 -5.17 -10.74 -24.82
CA MET A 204 -5.16 -9.99 -26.07
C MET A 204 -3.75 -9.97 -26.61
N THR A 205 -3.57 -10.47 -27.83
CA THR A 205 -2.25 -10.50 -28.45
C THR A 205 -1.89 -9.13 -28.99
N ASP A 206 -0.66 -9.01 -29.50
CA ASP A 206 -0.18 -7.72 -30.00
C ASP A 206 -0.99 -7.24 -31.19
N ALA A 207 -1.30 -8.14 -32.13
CA ALA A 207 -2.09 -7.74 -33.29
C ALA A 207 -3.48 -7.28 -32.88
N GLU A 208 -4.13 -8.02 -31.98
CA GLU A 208 -5.46 -7.64 -31.52
C GLU A 208 -5.42 -6.30 -30.81
N LEU A 209 -4.39 -6.07 -30.00
CA LEU A 209 -4.25 -4.78 -29.33
C LEU A 209 -4.06 -3.67 -30.35
N ALA A 210 -3.29 -3.92 -31.40
CA ALA A 210 -3.12 -2.92 -32.45
C ALA A 210 -4.44 -2.59 -33.11
N ARG A 211 -5.24 -3.61 -33.44
CA ARG A 211 -6.54 -3.36 -34.05
C ARG A 211 -7.44 -2.57 -33.11
N ALA A 212 -7.47 -2.94 -31.83
CA ALA A 212 -8.30 -2.21 -30.87
C ALA A 212 -7.81 -0.78 -30.71
N ILE A 213 -6.51 -0.54 -30.84
CA ILE A 213 -5.99 0.82 -30.74
C ILE A 213 -6.42 1.62 -31.97
N SER A 214 -6.33 1.02 -33.16
CA SER A 214 -6.70 1.74 -34.37
C SER A 214 -8.20 2.01 -34.42
N ASN A 215 -9.00 1.19 -33.75
CA ASN A 215 -10.45 1.38 -33.73
C ASN A 215 -10.91 2.34 -32.64
N MET A 216 -9.99 2.91 -31.88
CA MET A 216 -10.36 3.74 -30.75
C MET A 216 -10.99 5.05 -31.21
N PRO A 217 -11.98 5.58 -30.50
CA PRO A 217 -12.61 6.86 -30.88
C PRO A 217 -11.80 8.06 -30.40
N THR A 218 -10.71 8.34 -31.09
CA THR A 218 -9.85 9.47 -30.76
C THR A 218 -9.13 9.93 -32.03
N SER A 219 -8.19 10.85 -31.87
CA SER A 219 -7.58 11.51 -33.01
C SER A 219 -6.30 10.80 -33.45
N ALA A 220 -5.75 11.27 -34.58
CA ALA A 220 -4.61 10.61 -35.21
C ALA A 220 -3.38 10.66 -34.32
N GLY A 221 -3.13 11.80 -33.66
CA GLY A 221 -1.94 11.90 -32.83
C GLY A 221 -1.98 10.94 -31.65
N GLN A 222 -3.11 10.88 -30.97
CA GLN A 222 -3.26 9.92 -29.86
C GLN A 222 -3.14 8.50 -30.37
N ILE A 223 -3.76 8.20 -31.51
CA ILE A 223 -3.70 6.85 -32.05
C ILE A 223 -2.26 6.46 -32.36
N LYS A 224 -1.48 7.39 -32.93
CA LYS A 224 -0.10 7.09 -33.25
C LYS A 224 0.75 6.90 -32.00
N LEU A 225 0.58 7.77 -31.02
CA LEU A 225 1.33 7.60 -29.76
C LEU A 225 1.00 6.27 -29.11
N MET A 226 -0.28 5.86 -29.16
CA MET A 226 -0.65 4.57 -28.59
C MET A 226 -0.09 3.42 -29.42
N LEU A 227 -0.07 3.56 -30.75
CA LEU A 227 0.59 2.55 -31.58
C LEU A 227 2.04 2.38 -31.17
N GLU A 228 2.68 3.47 -30.74
CA GLU A 228 4.08 3.40 -30.31
C GLU A 228 4.22 2.82 -28.91
N ASN A 229 3.28 3.11 -28.01
CA ASN A 229 3.37 2.71 -26.60
C ASN A 229 2.31 1.67 -26.23
N ARG A 230 2.00 0.79 -27.17
CA ARG A 230 0.99 -0.25 -26.94
C ARG A 230 1.30 -1.16 -25.75
N CYS A 231 2.58 -1.39 -25.42
CA CYS A 231 2.82 -2.24 -24.25
C CYS A 231 2.55 -1.49 -22.95
N MET A 232 2.73 -0.17 -22.95
CA MET A 232 2.22 0.62 -21.83
C MET A 232 0.70 0.54 -21.75
N VAL A 233 0.02 0.58 -22.91
CA VAL A 233 -1.42 0.39 -22.94
C VAL A 233 -1.79 -0.94 -22.30
N ARG A 234 -1.08 -2.00 -22.67
CA ARG A 234 -1.31 -3.33 -22.12
C ARG A 234 -1.10 -3.33 -20.61
N ARG A 235 -0.03 -2.68 -20.15
CA ARG A 235 0.23 -2.59 -18.71
C ARG A 235 -0.93 -1.92 -17.99
N LYS A 236 -1.49 -0.87 -18.56
CA LYS A 236 -2.56 -0.13 -17.90
C LYS A 236 -3.94 -0.75 -18.07
N GLY A 237 -4.10 -1.71 -18.98
CA GLY A 237 -5.38 -2.36 -19.16
C GLY A 237 -5.61 -3.54 -18.22
N PHE A 238 -6.77 -4.17 -18.37
CA PHE A 238 -7.13 -5.36 -17.60
C PHE A 238 -8.32 -6.03 -18.26
N GLY A 239 -8.72 -7.19 -17.72
CA GLY A 239 -9.78 -7.98 -18.30
C GLY A 239 -10.79 -8.41 -17.25
N ILE A 240 -11.90 -8.99 -17.73
CA ILE A 240 -12.98 -9.45 -16.88
C ILE A 240 -13.68 -10.61 -17.57
N LEU A 241 -14.18 -11.55 -16.77
CA LEU A 241 -14.89 -12.72 -17.26
C LEU A 241 -16.39 -12.47 -17.19
N ILE A 242 -17.08 -12.62 -18.32
CA ILE A 242 -18.54 -12.54 -18.33
C ILE A 242 -19.13 -13.83 -17.78
N GLY A 243 -18.84 -14.95 -18.43
CA GLY A 243 -19.35 -16.23 -17.99
C GLY A 243 -19.06 -17.30 -19.01
N VAL A 244 -19.61 -18.48 -18.76
CA VAL A 244 -19.48 -19.63 -19.65
C VAL A 244 -20.86 -19.93 -20.21
N TYR A 245 -21.01 -19.75 -21.52
CA TYR A 245 -22.29 -19.94 -22.21
C TYR A 245 -22.14 -21.10 -23.17
N GLY A 246 -22.82 -22.20 -22.89
CA GLY A 246 -22.66 -23.40 -23.69
C GLY A 246 -21.28 -23.98 -23.53
N SER A 247 -20.45 -23.86 -24.57
CA SER A 247 -19.06 -24.28 -24.54
C SER A 247 -18.16 -23.17 -25.06
N SER A 248 -18.43 -21.94 -24.66
CA SER A 248 -17.68 -20.78 -25.12
C SER A 248 -17.42 -19.85 -23.94
N VAL A 249 -16.15 -19.53 -23.72
CA VAL A 249 -15.76 -18.58 -22.68
C VAL A 249 -15.83 -17.18 -23.25
N ILE A 250 -16.69 -16.35 -22.67
CA ILE A 250 -16.88 -14.97 -23.11
C ILE A 250 -16.28 -14.06 -22.05
N TYR A 251 -15.28 -13.27 -22.44
CA TYR A 251 -14.65 -12.31 -21.56
C TYR A 251 -14.41 -11.02 -22.33
N MET A 252 -14.13 -9.95 -21.59
CA MET A 252 -13.94 -8.63 -22.18
C MET A 252 -12.68 -8.00 -21.61
N VAL A 253 -12.10 -7.09 -22.39
CA VAL A 253 -10.89 -6.37 -22.02
C VAL A 253 -11.22 -4.88 -21.99
N GLN A 254 -10.92 -4.23 -20.87
CA GLN A 254 -11.23 -2.82 -20.68
C GLN A 254 -9.95 -2.02 -20.94
N LEU A 255 -9.78 -1.58 -22.18
CA LEU A 255 -8.56 -0.91 -22.58
C LEU A 255 -8.61 0.58 -22.21
N PRO A 256 -7.45 1.21 -21.99
CA PRO A 256 -7.42 2.63 -21.65
C PRO A 256 -7.31 3.51 -22.89
N ILE A 257 -8.08 4.59 -22.89
CA ILE A 257 -8.09 5.56 -23.98
C ILE A 257 -7.20 6.73 -23.57
N PHE A 258 -6.09 6.92 -24.29
CA PHE A 258 -5.21 8.07 -24.05
C PHE A 258 -5.62 9.19 -24.99
N GLY A 259 -6.64 9.94 -24.57
CA GLY A 259 -7.18 11.02 -25.37
C GLY A 259 -6.43 12.33 -25.30
N VAL A 260 -5.41 12.43 -24.45
CA VAL A 260 -4.59 13.63 -24.33
C VAL A 260 -3.13 13.22 -24.45
N ILE A 261 -2.37 13.98 -25.25
CA ILE A 261 -0.94 13.74 -25.41
C ILE A 261 -0.24 15.07 -25.58
N ASP A 262 1.04 15.10 -25.20
CA ASP A 262 1.89 16.28 -25.39
C ASP A 262 1.30 17.51 -24.69
N THR A 263 1.22 17.42 -23.36
CA THR A 263 0.79 18.52 -22.52
C THR A 263 1.79 18.70 -21.39
N PRO A 264 1.88 19.91 -20.83
CA PRO A 264 2.89 20.16 -19.79
C PRO A 264 2.64 19.32 -18.53
N CYS A 265 3.73 18.89 -17.91
CA CYS A 265 3.66 18.20 -16.63
C CYS A 265 4.96 18.46 -15.87
N TRP A 266 4.90 18.29 -14.55
CA TRP A 266 6.09 18.44 -13.71
C TRP A 266 5.94 17.59 -12.47
N ILE A 267 7.07 17.38 -11.78
CA ILE A 267 7.12 16.57 -10.58
C ILE A 267 7.83 17.36 -9.48
N VAL A 268 7.36 17.19 -8.25
CA VAL A 268 7.90 17.90 -7.09
C VAL A 268 8.48 16.87 -6.12
N LYS A 269 9.67 17.15 -5.62
CA LYS A 269 10.32 16.33 -4.61
C LYS A 269 10.80 17.22 -3.47
N ALA A 270 10.88 16.65 -2.27
CA ALA A 270 11.25 17.42 -1.10
C ALA A 270 12.00 16.53 -0.11
N ALA A 271 12.75 17.17 0.78
CA ALA A 271 13.46 16.51 1.85
C ALA A 271 13.34 17.38 3.11
N PRO A 272 13.49 16.77 4.28
CA PRO A 272 13.32 17.55 5.52
C PRO A 272 14.24 18.76 5.56
N SER A 273 13.63 19.95 5.62
CA SER A 273 14.37 21.21 5.74
C SER A 273 14.43 21.57 7.23
N CYS A 274 15.43 21.02 7.89
CA CYS A 274 15.61 21.23 9.32
C CYS A 274 16.59 22.37 9.58
N SER A 275 16.46 22.98 10.76
CA SER A 275 17.30 24.10 11.15
C SER A 275 17.49 24.06 12.66
N GLU A 276 18.75 24.04 13.10
CA GLU A 276 19.07 23.94 14.52
C GLU A 276 19.14 25.32 15.16
N LYS A 277 18.65 25.41 16.39
CA LYS A 277 18.81 26.61 17.20
C LYS A 277 18.65 26.22 18.67
N LYS A 278 19.63 26.60 19.49
CA LYS A 278 19.63 26.31 20.93
C LYS A 278 19.56 24.80 21.19
N GLY A 279 20.11 24.01 20.28
CA GLY A 279 20.13 22.57 20.43
C GLY A 279 18.86 21.87 19.98
N ASN A 280 17.78 22.61 19.76
CA ASN A 280 16.54 22.04 19.25
C ASN A 280 16.44 22.29 17.76
N TYR A 281 15.64 21.47 17.08
CA TYR A 281 15.45 21.61 15.64
C TYR A 281 13.99 21.96 15.35
N ALA A 282 13.74 22.31 14.08
CA ALA A 282 12.38 22.56 13.61
C ALA A 282 12.36 22.21 12.13
N CYS A 283 11.81 21.04 11.82
CA CYS A 283 11.83 20.50 10.47
C CYS A 283 10.50 20.73 9.77
N LEU A 284 10.53 20.62 8.45
CA LEU A 284 9.32 20.66 7.64
C LEU A 284 9.54 19.80 6.41
N LEU A 285 8.44 19.35 5.82
CA LEU A 285 8.48 18.51 4.63
C LEU A 285 7.21 18.76 3.83
N ARG A 286 7.37 19.12 2.56
CA ARG A 286 6.23 19.43 1.72
C ARG A 286 5.44 18.16 1.43
N GLU A 287 4.14 18.19 1.72
CA GLU A 287 3.26 17.04 1.52
C GLU A 287 2.58 17.06 0.15
N ASP A 288 2.80 18.10 -0.65
CA ASP A 288 2.19 18.22 -1.97
C ASP A 288 3.13 17.72 -3.07
N GLN A 289 3.89 16.68 -2.77
CA GLN A 289 4.80 16.08 -3.72
C GLN A 289 4.03 15.19 -4.69
N GLY A 290 4.63 14.92 -5.83
CA GLY A 290 4.04 14.06 -6.84
C GLY A 290 3.98 14.73 -8.19
N TRP A 291 3.11 14.21 -9.05
CA TRP A 291 3.01 14.66 -10.42
C TRP A 291 1.90 15.69 -10.58
N TYR A 292 2.09 16.58 -11.55
CA TYR A 292 1.08 17.55 -11.95
C TYR A 292 1.06 17.63 -13.47
N CYS A 293 -0.06 18.08 -14.01
CA CYS A 293 -0.20 18.25 -15.45
C CYS A 293 -1.19 19.37 -15.72
N GLN A 294 -1.08 19.95 -16.92
CA GLN A 294 -1.94 21.04 -17.35
C GLN A 294 -2.83 20.57 -18.50
N ASN A 295 -4.10 20.99 -18.47
CA ASN A 295 -5.06 20.60 -19.49
C ASN A 295 -6.03 21.75 -19.71
N ALA A 296 -5.74 22.57 -20.72
CA ALA A 296 -6.65 23.64 -21.15
C ALA A 296 -7.14 24.46 -19.95
N GLY A 297 -6.20 25.06 -19.24
CA GLY A 297 -6.53 25.89 -18.10
C GLY A 297 -6.93 25.13 -16.85
N SER A 298 -6.72 23.81 -16.82
CA SER A 298 -7.04 22.99 -15.66
C SER A 298 -5.78 22.26 -15.22
N THR A 299 -5.40 22.46 -13.96
CA THR A 299 -4.27 21.76 -13.37
C THR A 299 -4.80 20.57 -12.56
N VAL A 300 -4.22 19.40 -12.80
CA VAL A 300 -4.71 18.15 -12.23
C VAL A 300 -3.60 17.52 -11.41
N TYR A 301 -3.90 17.23 -10.14
CA TYR A 301 -2.97 16.58 -9.23
C TYR A 301 -3.18 15.08 -9.25
N TYR A 302 -2.09 14.32 -9.33
CA TYR A 302 -2.11 12.87 -9.38
C TYR A 302 -1.31 12.36 -8.18
N PRO A 303 -1.90 12.35 -6.99
CA PRO A 303 -1.11 12.20 -5.76
C PRO A 303 -0.79 10.77 -5.36
N CYS A 304 -1.52 9.77 -5.83
CA CYS A 304 -1.25 8.40 -5.42
C CYS A 304 -0.20 7.78 -6.32
N GLU A 305 0.59 6.87 -5.75
CA GLU A 305 1.89 6.48 -6.28
C GLU A 305 1.84 5.26 -7.18
N LYS A 306 0.67 4.88 -7.71
CA LYS A 306 0.54 3.66 -8.48
C LYS A 306 0.02 3.90 -9.89
N ASP A 307 -0.16 5.14 -10.32
CA ASP A 307 -0.83 5.41 -11.59
C ASP A 307 -0.01 6.33 -12.49
N CYS A 308 1.09 6.88 -11.98
CA CYS A 308 1.88 7.85 -12.75
C CYS A 308 3.27 7.26 -13.00
N GLU A 309 3.51 6.82 -14.22
CA GLU A 309 4.77 6.20 -14.63
C GLU A 309 5.42 7.03 -15.72
N THR A 310 6.72 7.25 -15.59
CA THR A 310 7.48 7.99 -16.59
C THR A 310 8.13 7.05 -17.59
N ARG A 311 8.25 7.52 -18.83
CA ARG A 311 9.00 6.81 -19.87
C ARG A 311 9.73 7.88 -20.69
N GLY A 312 10.97 8.17 -20.30
CA GLY A 312 11.75 9.18 -20.97
C GLY A 312 11.26 10.58 -20.68
N ASP A 313 10.75 11.26 -21.71
CA ASP A 313 10.19 12.60 -21.55
C ASP A 313 8.69 12.60 -21.31
N HIS A 314 8.00 11.52 -21.70
CA HIS A 314 6.56 11.43 -21.54
C HIS A 314 6.21 10.80 -20.20
N VAL A 315 5.17 11.32 -19.56
CA VAL A 315 4.67 10.81 -18.29
C VAL A 315 3.25 10.30 -18.51
N PHE A 316 3.03 9.02 -18.21
CA PHE A 316 1.73 8.39 -18.36
C PHE A 316 1.01 8.40 -17.02
N CYS A 317 -0.23 8.88 -17.02
CA CYS A 317 -1.04 8.92 -15.80
C CYS A 317 -2.49 8.65 -16.15
N ASP A 318 -3.31 8.49 -15.12
CA ASP A 318 -4.73 8.20 -15.27
C ASP A 318 -5.53 9.37 -14.73
N THR A 319 -6.50 9.84 -15.53
CA THR A 319 -7.29 11.01 -15.14
C THR A 319 -8.32 10.69 -14.08
N ALA A 320 -8.72 9.43 -13.94
CA ALA A 320 -9.63 9.05 -12.87
C ALA A 320 -8.95 9.11 -11.51
N ALA A 321 -7.64 8.94 -11.47
CA ALA A 321 -6.85 9.03 -10.24
C ALA A 321 -6.33 10.43 -9.98
N GLY A 322 -6.78 11.42 -10.74
CA GLY A 322 -6.32 12.79 -10.59
C GLY A 322 -7.34 13.66 -9.89
N ILE A 323 -6.85 14.61 -9.10
CA ILE A 323 -7.68 15.57 -8.39
C ILE A 323 -7.52 16.92 -9.07
N ASN A 324 -8.65 17.57 -9.34
CA ASN A 324 -8.65 18.87 -10.01
C ASN A 324 -8.29 19.93 -8.99
N VAL A 325 -7.01 20.32 -8.96
CA VAL A 325 -6.52 21.32 -8.04
C VAL A 325 -6.62 22.70 -8.69
N ALA A 326 -6.70 23.74 -7.86
CA ALA A 326 -6.77 25.11 -8.35
C ALA A 326 -5.46 25.48 -9.06
N GLU A 327 -5.55 26.46 -9.97
CA GLU A 327 -4.38 26.93 -10.71
C GLU A 327 -3.31 27.48 -9.79
N GLN A 328 -3.69 28.55 -9.08
CA GLN A 328 -2.99 29.17 -7.97
C GLN A 328 -2.06 28.22 -7.20
N SER A 329 -2.42 26.95 -7.11
CA SER A 329 -1.56 25.99 -6.42
C SER A 329 -0.13 25.97 -6.94
N LYS A 330 0.13 26.48 -8.14
CA LYS A 330 1.50 26.54 -8.66
C LYS A 330 2.33 27.63 -8.00
N GLU A 331 1.72 28.48 -7.18
CA GLU A 331 2.44 29.56 -6.50
C GLU A 331 3.21 29.07 -5.28
N CYS A 332 2.93 27.87 -4.79
CA CYS A 332 3.72 27.30 -3.70
C CYS A 332 5.13 26.93 -4.15
N ASN A 333 5.35 26.83 -5.46
CA ASN A 333 6.68 26.54 -5.99
C ASN A 333 7.54 27.80 -6.14
N ILE A 334 7.00 28.97 -5.82
CA ILE A 334 7.71 30.24 -5.99
C ILE A 334 7.83 30.97 -4.66
N ASN A 335 6.71 31.24 -4.01
CA ASN A 335 6.65 32.01 -2.77
C ASN A 335 5.79 31.28 -1.74
N ILE A 336 6.08 29.99 -1.53
CA ILE A 336 5.38 29.15 -0.57
C ILE A 336 5.18 29.91 0.74
N SER A 337 6.17 30.70 1.14
CA SER A 337 6.08 31.40 2.42
C SER A 337 5.03 32.51 2.37
N THR A 338 5.10 33.37 1.36
CA THR A 338 4.23 34.55 1.28
C THR A 338 3.18 34.41 0.19
N THR A 339 2.67 33.20 -0.02
CA THR A 339 1.55 32.96 -0.92
C THR A 339 0.28 32.78 -0.12
N ASN A 340 -0.85 33.16 -0.72
CA ASN A 340 -2.15 33.03 -0.08
C ASN A 340 -2.78 31.66 -0.27
N TYR A 341 -2.20 30.82 -1.12
CA TYR A 341 -2.66 29.44 -1.23
C TYR A 341 -2.23 28.64 0.00
N PRO A 342 -3.13 27.86 0.62
CA PRO A 342 -2.71 27.06 1.78
C PRO A 342 -1.83 25.88 1.38
N CYS A 343 -0.54 26.12 1.23
CA CYS A 343 0.39 25.05 0.85
C CYS A 343 0.48 24.02 1.96
N LYS A 344 0.53 22.74 1.57
CA LYS A 344 0.55 21.64 2.52
C LYS A 344 1.98 21.26 2.87
N VAL A 345 2.23 21.04 4.17
CA VAL A 345 3.54 20.62 4.65
C VAL A 345 3.35 19.78 5.91
N SER A 346 4.21 18.77 6.08
CA SER A 346 4.33 18.10 7.35
C SER A 346 5.30 18.86 8.24
N CYS A 347 5.22 18.60 9.55
CA CYS A 347 6.00 19.36 10.51
C CYS A 347 6.40 18.46 11.67
N GLY A 348 7.43 18.90 12.40
CA GLY A 348 7.93 18.14 13.51
C GLY A 348 9.09 18.87 14.16
N ARG A 349 9.76 18.16 15.07
CA ARG A 349 10.93 18.71 15.75
C ARG A 349 12.07 17.70 15.81
N HIS A 350 11.86 16.49 15.30
CA HIS A 350 12.93 15.49 15.26
C HIS A 350 13.63 15.50 13.91
N PRO A 351 14.93 15.77 13.83
CA PRO A 351 15.60 15.70 12.52
C PRO A 351 15.55 14.30 11.92
N ILE A 352 15.36 14.26 10.61
CA ILE A 352 15.52 13.05 9.81
C ILE A 352 16.55 13.33 8.73
N SER A 353 17.62 12.55 8.73
CA SER A 353 18.66 12.61 7.70
C SER A 353 18.37 11.59 6.60
N MET A 354 18.25 12.06 5.36
CA MET A 354 17.90 11.21 4.24
C MET A 354 18.38 11.86 2.95
N VAL A 355 18.40 11.08 1.88
CA VAL A 355 18.72 11.55 0.54
C VAL A 355 17.49 11.36 -0.33
N ALA A 356 16.94 12.47 -0.84
CA ALA A 356 15.74 12.45 -1.68
C ALA A 356 16.19 12.63 -3.12
N LEU A 357 16.41 11.50 -3.81
CA LEU A 357 16.88 11.55 -5.19
C LEU A 357 15.88 12.29 -6.07
N SER A 358 16.39 13.18 -6.89
CA SER A 358 15.63 13.93 -7.86
C SER A 358 15.91 13.45 -9.28
N PRO A 359 15.07 13.83 -10.25
CA PRO A 359 15.29 13.33 -11.62
C PRO A 359 16.67 13.64 -12.17
N LEU A 360 17.23 14.82 -11.87
CA LEU A 360 18.54 15.21 -12.37
C LEU A 360 19.57 15.42 -11.28
N GLY A 361 19.16 15.48 -10.01
CA GLY A 361 20.11 15.65 -8.94
C GLY A 361 19.77 14.83 -7.72
N ALA A 362 20.01 15.40 -6.54
CA ALA A 362 19.67 14.73 -5.29
C ALA A 362 19.76 15.70 -4.12
N LEU A 363 18.70 15.76 -3.31
CA LEU A 363 18.71 16.56 -2.10
C LEU A 363 19.30 15.75 -0.95
N VAL A 364 20.31 16.30 -0.29
CA VAL A 364 21.02 15.61 0.79
C VAL A 364 20.77 16.37 2.07
N ALA A 365 20.06 15.73 3.00
CA ALA A 365 19.90 16.26 4.36
C ALA A 365 20.58 15.37 5.38
N CYS A 366 21.45 15.96 6.20
CA CYS A 366 22.10 15.26 7.29
C CYS A 366 22.51 16.26 8.35
N TYR A 367 22.17 15.95 9.60
CA TYR A 367 22.33 16.85 10.74
C TYR A 367 22.94 16.07 11.87
N LYS A 368 23.08 16.74 13.01
CA LYS A 368 23.80 16.23 14.18
C LYS A 368 23.76 14.70 14.25
N GLY A 369 24.96 14.10 14.22
CA GLY A 369 25.10 12.66 14.34
C GLY A 369 25.19 11.90 13.04
N VAL A 370 25.22 12.58 11.90
CA VAL A 370 25.37 11.92 10.61
C VAL A 370 26.49 12.59 9.84
N SER A 371 27.29 11.79 9.15
CA SER A 371 28.33 12.27 8.26
C SER A 371 27.97 12.06 6.79
N CYS A 372 28.10 13.12 5.99
CA CYS A 372 27.84 13.08 4.56
C CYS A 372 29.11 13.24 3.73
N SER A 373 29.06 12.72 2.51
CA SER A 373 30.21 12.82 1.60
C SER A 373 29.77 12.36 0.22
N ILE A 374 30.33 13.02 -0.80
CA ILE A 374 30.04 12.69 -2.19
C ILE A 374 31.30 12.16 -2.86
N GLY A 375 31.10 11.44 -3.96
CA GLY A 375 32.21 10.80 -4.64
C GLY A 375 31.81 10.30 -6.00
N SER A 376 32.65 9.42 -6.54
CA SER A 376 32.46 8.89 -7.89
C SER A 376 33.22 7.58 -7.99
N ASN A 377 33.04 6.89 -9.11
CA ASN A 377 33.73 5.63 -9.32
C ASN A 377 35.23 5.83 -9.45
N ARG A 378 35.66 6.94 -10.05
CA ARG A 378 37.09 7.22 -10.15
C ARG A 378 37.72 7.30 -8.77
N VAL A 379 37.38 8.35 -8.02
CA VAL A 379 37.87 8.54 -6.66
C VAL A 379 36.71 8.30 -5.69
N GLY A 380 36.92 7.39 -4.75
CA GLY A 380 35.94 7.16 -3.71
C GLY A 380 35.37 8.44 -3.11
N ILE A 381 36.24 9.26 -2.51
CA ILE A 381 35.83 10.43 -1.76
C ILE A 381 36.21 11.68 -2.53
N ILE A 382 35.25 12.61 -2.67
CA ILE A 382 35.51 13.90 -3.29
C ILE A 382 35.54 15.01 -2.25
N LYS A 383 34.51 15.11 -1.41
CA LYS A 383 34.46 16.14 -0.40
C LYS A 383 33.49 15.72 0.70
N GLN A 384 33.55 16.45 1.82
CA GLN A 384 32.69 16.21 2.98
C GLN A 384 31.62 17.29 2.99
N LEU A 385 30.37 16.90 2.76
CA LEU A 385 29.28 17.85 2.74
C LEU A 385 29.10 18.48 4.11
N ASN A 386 28.46 19.65 4.13
CA ASN A 386 28.24 20.41 5.35
C ASN A 386 26.90 19.99 5.96
N LYS A 387 26.49 20.68 7.02
CA LYS A 387 25.24 20.38 7.72
C LYS A 387 24.10 21.17 7.11
N GLY A 388 22.96 20.52 6.89
CA GLY A 388 21.84 21.18 6.25
C GLY A 388 21.56 20.58 4.89
N CYS A 389 20.56 21.17 4.23
CA CYS A 389 20.10 20.66 2.94
C CYS A 389 21.02 21.18 1.83
N SER A 390 21.23 20.33 0.83
CA SER A 390 22.31 20.51 -0.11
C SER A 390 21.91 19.83 -1.40
N TYR A 391 22.09 20.55 -2.50
CA TYR A 391 21.73 20.06 -3.82
C TYR A 391 22.99 19.54 -4.50
N ILE A 392 22.99 18.26 -4.82
CA ILE A 392 24.13 17.62 -5.49
C ILE A 392 23.73 17.38 -6.94
N THR A 393 24.44 18.04 -7.85
CA THR A 393 24.14 17.90 -9.28
C THR A 393 24.69 16.58 -9.81
N ASN A 394 23.95 15.97 -10.72
CA ASN A 394 24.40 14.71 -11.32
C ASN A 394 25.69 14.91 -12.10
N GLN A 395 25.81 16.02 -12.82
CA GLN A 395 27.05 16.31 -13.53
C GLN A 395 28.22 16.53 -12.58
N ASP A 396 27.95 16.74 -11.29
CA ASP A 396 29.03 17.01 -10.34
C ASP A 396 29.69 15.71 -9.88
N ALA A 397 28.89 14.68 -9.61
CA ALA A 397 29.36 13.45 -8.97
C ALA A 397 28.51 12.29 -9.45
N ASP A 398 28.85 11.10 -9.00
CA ASP A 398 28.07 9.92 -9.36
C ASP A 398 27.31 9.32 -8.18
N THR A 399 27.87 9.38 -6.97
CA THR A 399 27.28 8.76 -5.79
C THR A 399 27.43 9.68 -4.59
N VAL A 400 26.61 9.45 -3.56
CA VAL A 400 26.64 10.21 -2.32
C VAL A 400 26.36 9.28 -1.15
N THR A 401 27.04 9.53 -0.03
CA THR A 401 26.97 8.68 1.15
C THR A 401 26.53 9.49 2.36
N ILE A 402 25.77 8.85 3.26
CA ILE A 402 25.14 9.53 4.39
C ILE A 402 25.39 8.76 5.69
N ASP A 403 26.36 7.85 5.69
CA ASP A 403 26.70 6.91 6.79
C ASP A 403 26.59 5.48 6.25
N ASN A 404 27.66 5.02 5.62
CA ASN A 404 27.75 3.64 5.14
C ASN A 404 26.63 3.31 4.16
N THR A 405 25.88 4.31 3.72
CA THR A 405 24.75 4.14 2.81
C THR A 405 25.06 4.89 1.52
N VAL A 406 25.27 4.16 0.44
CA VAL A 406 25.69 4.73 -0.84
C VAL A 406 24.46 4.89 -1.73
N TYR A 407 24.21 6.12 -2.17
CA TYR A 407 23.18 6.42 -3.14
C TYR A 407 23.83 6.85 -4.44
N GLN A 408 23.40 6.26 -5.55
CA GLN A 408 23.96 6.57 -6.86
C GLN A 408 23.02 7.52 -7.59
N LEU A 409 23.58 8.64 -8.06
CA LEU A 409 22.77 9.65 -8.72
C LEU A 409 22.39 9.21 -10.13
N SER A 410 21.39 9.88 -10.69
CA SER A 410 20.95 9.62 -12.04
C SER A 410 21.88 10.28 -13.04
N LYS A 411 21.88 9.77 -14.27
CA LYS A 411 22.70 10.30 -15.34
C LYS A 411 21.85 10.87 -16.48
N VAL A 412 20.72 11.48 -16.13
CA VAL A 412 19.90 12.19 -17.11
C VAL A 412 20.52 13.56 -17.35
N GLU A 413 20.34 14.06 -18.58
CA GLU A 413 20.98 15.30 -19.00
C GLU A 413 19.97 16.44 -19.02
N GLY A 414 20.36 17.57 -18.44
CA GLY A 414 19.48 18.71 -18.35
C GLY A 414 20.11 19.78 -17.48
N GLU A 415 19.61 21.00 -17.62
CA GLU A 415 20.19 22.13 -16.91
C GLU A 415 19.60 22.22 -15.51
N GLN A 416 20.48 22.37 -14.52
CA GLN A 416 20.07 22.50 -13.13
C GLN A 416 20.18 23.95 -12.69
N HIS A 417 19.18 24.41 -11.92
CA HIS A 417 19.11 25.80 -11.49
C HIS A 417 19.03 25.87 -9.98
N VAL A 418 19.23 27.08 -9.45
CA VAL A 418 19.17 27.34 -8.02
C VAL A 418 18.40 28.63 -7.80
N ILE A 419 17.50 28.62 -6.82
CA ILE A 419 16.65 29.77 -6.50
C ILE A 419 16.98 30.17 -5.07
N LYS A 420 17.89 31.14 -4.93
CA LYS A 420 18.36 31.53 -3.61
C LYS A 420 17.24 32.13 -2.78
N GLY A 421 17.28 31.87 -1.47
CA GLY A 421 16.24 32.35 -0.59
C GLY A 421 16.35 31.74 0.79
N ARG A 422 16.16 32.52 1.83
CA ARG A 422 16.30 32.02 3.19
C ARG A 422 15.25 30.94 3.42
N PRO A 423 15.65 29.73 3.82
CA PRO A 423 14.66 28.66 4.00
C PRO A 423 13.61 29.04 5.04
N VAL A 424 12.38 28.58 4.79
CA VAL A 424 11.28 28.90 5.70
C VAL A 424 11.54 28.32 7.08
N SER A 425 11.93 27.05 7.13
CA SER A 425 12.29 26.43 8.41
C SER A 425 13.24 27.29 9.25
N SER A 426 14.19 27.98 8.62
CA SER A 426 15.16 28.79 9.34
C SER A 426 14.71 30.22 9.58
N SER A 427 13.76 30.72 8.79
CA SER A 427 13.41 32.13 8.82
C SER A 427 12.15 32.40 9.64
N PHE A 428 11.44 31.35 10.05
CA PHE A 428 10.24 31.52 10.85
C PHE A 428 10.36 30.79 12.18
N ASP A 429 9.58 31.26 13.16
CA ASP A 429 9.54 30.65 14.49
C ASP A 429 8.42 29.62 14.50
N PRO A 430 8.71 28.33 14.69
CA PRO A 430 7.66 27.32 14.55
C PRO A 430 6.64 27.39 15.68
N VAL A 431 5.48 26.78 15.42
CA VAL A 431 4.42 26.74 16.42
C VAL A 431 4.86 25.87 17.58
N LYS A 432 4.66 26.38 18.81
CA LYS A 432 5.09 25.63 19.98
C LYS A 432 4.28 24.35 20.14
N PHE A 433 2.95 24.43 20.03
CA PHE A 433 2.10 23.27 20.20
C PHE A 433 0.84 23.41 19.34
N PRO A 434 0.49 22.38 18.56
CA PRO A 434 1.22 21.13 18.31
C PRO A 434 2.31 21.33 17.27
N GLN A 435 3.50 20.77 17.48
CA GLN A 435 4.57 20.85 16.50
C GLN A 435 4.45 19.77 15.45
N ASP A 436 4.30 18.51 15.87
CA ASP A 436 4.12 17.38 14.97
C ASP A 436 2.73 17.43 14.35
N GLN A 437 2.65 17.89 13.11
CA GLN A 437 1.43 17.81 12.34
C GLN A 437 1.70 17.03 11.06
N PHE A 438 0.82 16.07 10.78
CA PHE A 438 1.09 15.08 9.74
C PHE A 438 0.91 15.68 8.35
N ASN A 439 -0.11 16.51 8.20
CA ASN A 439 -0.47 17.04 6.88
C ASN A 439 -1.38 18.24 7.09
N VAL A 440 -0.80 19.44 7.06
CA VAL A 440 -1.50 20.66 7.46
C VAL A 440 -1.07 21.79 6.53
N ALA A 441 -1.80 22.90 6.60
CA ALA A 441 -1.41 24.09 5.86
C ALA A 441 -0.16 24.69 6.49
N LEU A 442 0.73 25.20 5.63
CA LEU A 442 1.98 25.77 6.11
C LEU A 442 1.76 26.92 7.09
N ASP A 443 0.59 27.56 7.05
CA ASP A 443 0.29 28.63 7.99
C ASP A 443 0.32 28.12 9.42
N GLN A 444 -0.28 26.96 9.68
CA GLN A 444 -0.41 26.50 11.05
C GLN A 444 0.94 26.26 11.70
N CYS A 445 1.92 25.75 10.94
CA CYS A 445 3.20 25.37 11.52
C CYS A 445 4.07 26.58 11.81
N PHE A 446 4.42 27.35 10.76
CA PHE A 446 5.33 28.47 10.89
C PHE A 446 4.58 29.78 10.76
N GLU A 447 5.07 30.80 11.47
CA GLU A 447 4.49 32.14 11.46
C GLU A 447 2.99 32.07 11.73
N SER A 448 2.61 31.27 12.73
CA SER A 448 1.22 31.10 13.09
C SER A 448 0.61 32.40 13.58
N LEU B 1 16.29 -16.54 21.00
CA LEU B 1 15.37 -15.40 20.99
C LEU B 1 14.94 -15.01 22.40
N LYS B 2 15.16 -13.75 22.75
CA LYS B 2 14.74 -13.19 24.03
C LYS B 2 13.64 -12.17 23.79
N GLU B 3 12.50 -12.38 24.43
CA GLU B 3 11.37 -11.45 24.34
C GLU B 3 11.11 -10.89 25.71
N SER B 4 11.01 -9.56 25.78
CA SER B 4 10.71 -8.87 27.03
C SER B 4 9.38 -8.14 26.86
N TYR B 5 8.41 -8.45 27.70
CA TYR B 5 7.12 -7.79 27.68
C TYR B 5 7.21 -6.54 28.53
N LEU B 6 7.20 -5.37 27.88
CA LEU B 6 7.34 -4.13 28.64
C LEU B 6 5.93 -3.68 29.00
N GLU B 7 5.54 -3.90 30.25
CA GLU B 7 4.15 -3.64 30.64
C GLU B 7 3.85 -2.15 30.75
N GLU B 8 4.87 -1.30 30.60
CA GLU B 8 4.64 0.14 30.69
C GLU B 8 3.84 0.66 29.50
N SER B 9 4.06 0.07 28.31
CA SER B 9 3.42 0.56 27.10
C SER B 9 2.74 -0.56 26.33
N CYS B 10 2.45 -1.68 26.98
CA CYS B 10 1.81 -2.83 26.33
C CYS B 10 2.54 -3.20 25.03
N SER B 11 3.87 -3.18 25.09
CA SER B 11 4.71 -3.49 23.95
C SER B 11 5.72 -4.57 24.32
N THR B 12 6.17 -5.30 23.29
CA THR B 12 7.15 -6.37 23.43
C THR B 12 8.28 -6.16 22.43
N ILE B 13 9.51 -6.23 22.91
CA ILE B 13 10.70 -6.14 22.07
C ILE B 13 11.35 -7.52 22.03
N THR B 14 11.55 -8.04 20.82
CA THR B 14 12.12 -9.36 20.62
C THR B 14 13.49 -9.20 19.97
N GLU B 15 14.54 -9.42 20.75
CA GLU B 15 15.89 -9.33 20.25
C GLU B 15 16.51 -10.72 20.14
N GLY B 16 17.56 -10.79 19.34
CA GLY B 16 18.35 -11.97 19.10
C GLY B 16 18.44 -12.26 17.62
N TYR B 17 18.32 -11.25 16.77
CA TYR B 17 18.33 -11.47 15.34
C TYR B 17 19.67 -11.04 14.75
N LEU B 18 20.08 -11.73 13.69
CA LEU B 18 21.36 -11.45 13.03
C LEU B 18 21.07 -10.78 11.69
N SER B 19 21.55 -9.56 11.54
CA SER B 19 21.25 -8.75 10.38
C SER B 19 21.81 -9.33 9.09
N VAL B 20 21.08 -9.11 8.01
CA VAL B 20 21.57 -9.28 6.64
C VAL B 20 21.11 -8.07 5.82
N LEU B 21 21.96 -7.06 5.71
CA LEU B 21 21.61 -5.81 5.05
C LEU B 21 22.19 -5.73 3.65
N ARG B 22 21.43 -5.14 2.72
CA ARG B 22 21.92 -4.94 1.36
C ARG B 22 22.58 -3.56 1.31
N THR B 23 23.84 -3.51 0.88
CA THR B 23 24.56 -2.26 0.89
C THR B 23 24.75 -1.66 -0.49
N GLY B 24 24.69 -2.46 -1.55
CA GLY B 24 24.88 -1.95 -2.89
C GLY B 24 24.19 -2.82 -3.92
N TRP B 25 24.23 -2.36 -5.16
CA TRP B 25 23.68 -3.06 -6.31
C TRP B 25 24.81 -3.56 -7.20
N TYR B 26 24.73 -4.82 -7.59
CA TYR B 26 25.69 -5.43 -8.52
C TYR B 26 24.98 -5.67 -9.85
N THR B 27 25.49 -5.03 -10.91
CA THR B 27 24.84 -5.08 -12.22
C THR B 27 25.41 -6.22 -13.08
N ASN B 28 24.51 -7.03 -13.65
CA ASN B 28 24.89 -8.11 -14.54
C ASN B 28 24.23 -7.87 -15.90
N VAL B 29 25.00 -7.95 -16.98
CA VAL B 29 24.47 -7.68 -18.32
C VAL B 29 24.31 -8.99 -19.10
N PHE B 30 23.14 -9.17 -19.71
CA PHE B 30 22.85 -10.33 -20.55
C PHE B 30 22.54 -9.85 -21.95
N THR B 31 22.97 -10.67 -22.91
CA THR B 31 22.71 -10.49 -24.35
C THR B 31 22.03 -11.79 -24.77
N LEU B 32 20.70 -11.82 -24.70
CA LEU B 32 19.90 -12.97 -25.10
C LEU B 32 19.85 -13.01 -26.63
N GLU B 33 20.92 -13.51 -27.23
CA GLU B 33 21.01 -13.58 -28.69
C GLU B 33 19.92 -14.48 -29.27
N VAL B 34 19.12 -13.94 -30.19
CA VAL B 34 18.02 -14.71 -30.76
C VAL B 34 18.40 -15.36 -32.09
N GLY B 35 19.23 -14.71 -32.90
CA GLY B 35 19.61 -15.21 -34.20
C GLY B 35 18.81 -14.56 -35.30
N ASP B 36 19.14 -14.96 -36.51
CA ASP B 36 18.61 -14.38 -37.74
C ASP B 36 17.22 -14.97 -37.98
N VAL B 37 16.27 -14.67 -37.10
CA VAL B 37 14.98 -15.35 -37.15
C VAL B 37 14.02 -14.62 -38.06
N GLU B 38 14.19 -13.31 -38.18
CA GLU B 38 13.26 -12.50 -38.95
C GLU B 38 13.40 -12.72 -40.44
N ASN B 39 14.53 -13.29 -40.89
CA ASN B 39 14.76 -13.52 -42.31
C ASN B 39 14.16 -14.82 -42.83
N LEU B 40 13.58 -15.65 -41.95
CA LEU B 40 13.08 -16.97 -42.29
C LEU B 40 11.57 -16.91 -42.42
N THR B 41 11.01 -17.75 -43.29
CA THR B 41 9.56 -17.71 -43.44
C THR B 41 9.02 -19.12 -43.66
N CYS B 42 7.71 -19.28 -43.44
CA CYS B 42 7.04 -20.54 -43.69
C CYS B 42 6.01 -20.35 -44.79
N ALA B 43 6.03 -21.25 -45.77
CA ALA B 43 5.16 -21.12 -46.94
C ALA B 43 4.53 -22.46 -47.32
N ASP B 44 4.07 -23.25 -46.33
CA ASP B 44 3.34 -24.47 -46.68
C ASP B 44 2.20 -24.63 -45.66
N GLY B 45 1.54 -23.53 -45.30
CA GLY B 45 0.43 -23.60 -44.38
C GLY B 45 0.82 -23.79 -42.93
N PRO B 46 -0.15 -24.07 -42.07
CA PRO B 46 0.11 -24.14 -40.63
C PRO B 46 1.04 -25.29 -40.25
N SER B 47 1.76 -25.10 -39.15
CA SER B 47 2.67 -26.11 -38.63
C SER B 47 3.12 -25.73 -37.23
N LEU B 48 3.65 -26.73 -36.51
CA LEU B 48 4.22 -26.47 -35.20
C LEU B 48 5.39 -25.49 -35.30
N ILE B 49 6.29 -25.73 -36.25
CA ILE B 49 7.42 -24.81 -36.41
C ILE B 49 6.93 -23.46 -36.87
N LYS B 50 5.92 -23.40 -37.72
CA LYS B 50 5.39 -22.10 -38.08
C LYS B 50 4.87 -21.32 -36.88
N THR B 51 4.07 -21.97 -36.04
CA THR B 51 3.54 -21.32 -34.84
C THR B 51 4.67 -20.84 -33.94
N GLU B 52 5.74 -21.62 -33.81
CA GLU B 52 6.79 -21.20 -32.90
C GLU B 52 7.58 -20.04 -33.51
N LEU B 53 7.73 -20.07 -34.84
CA LEU B 53 8.42 -18.97 -35.52
C LEU B 53 7.61 -17.68 -35.39
N ASP B 54 6.30 -17.76 -35.61
CA ASP B 54 5.44 -16.59 -35.50
C ASP B 54 5.46 -16.04 -34.08
N LEU B 55 5.40 -16.92 -33.07
CA LEU B 55 5.50 -16.47 -31.69
C LEU B 55 6.81 -15.72 -31.45
N THR B 56 7.93 -16.29 -31.91
CA THR B 56 9.23 -15.66 -31.66
C THR B 56 9.31 -14.30 -32.35
N LYS B 57 8.88 -14.23 -33.61
CA LYS B 57 8.98 -12.98 -34.35
C LYS B 57 8.08 -11.90 -33.76
N SER B 58 6.86 -12.27 -33.36
CA SER B 58 5.99 -11.31 -32.70
C SER B 58 6.60 -10.84 -31.40
N ALA B 59 7.19 -11.76 -30.62
CA ALA B 59 7.85 -11.37 -29.38
C ALA B 59 8.94 -10.34 -29.66
N LEU B 60 9.78 -10.61 -30.65
CA LEU B 60 10.89 -9.71 -30.97
C LEU B 60 10.38 -8.34 -31.39
N ARG B 61 9.41 -8.29 -32.30
CA ARG B 61 8.95 -7.01 -32.81
C ARG B 61 8.26 -6.19 -31.71
N GLU B 62 7.37 -6.84 -30.94
CA GLU B 62 6.72 -6.13 -29.85
C GLU B 62 7.74 -5.68 -28.80
N LEU B 63 8.83 -6.43 -28.64
CA LEU B 63 9.92 -5.97 -27.79
C LEU B 63 10.55 -4.70 -28.35
N ARG B 64 10.63 -4.58 -29.67
CA ARG B 64 11.14 -3.35 -30.27
C ARG B 64 10.23 -2.16 -29.97
N THR B 65 8.94 -2.40 -29.72
CA THR B 65 8.01 -1.30 -29.47
C THR B 65 7.88 -0.96 -27.98
N CYS B 66 8.82 -1.39 -27.15
CA CYS B 66 8.77 -1.10 -25.72
C CYS B 66 10.02 -0.33 -25.30
N SER B 67 9.84 0.59 -24.35
CA SER B 67 10.91 1.44 -23.87
C SER B 67 11.67 2.07 -25.03
N PHE B 85 5.51 13.02 9.82
CA PHE B 85 6.44 12.29 8.96
C PHE B 85 6.11 10.80 8.98
N VAL B 86 5.49 10.31 7.91
CA VAL B 86 5.17 8.89 7.78
C VAL B 86 6.43 8.22 7.25
N LEU B 87 7.27 7.76 8.18
CA LEU B 87 8.58 7.24 7.82
C LEU B 87 8.47 6.02 6.93
N GLY B 88 7.44 5.19 7.09
CA GLY B 88 7.30 4.04 6.22
C GLY B 88 7.12 4.44 4.77
N ALA B 89 6.19 5.36 4.51
CA ALA B 89 5.99 5.84 3.15
C ALA B 89 7.25 6.50 2.61
N ILE B 90 7.86 7.37 3.42
CA ILE B 90 9.07 8.07 2.97
C ILE B 90 10.15 7.04 2.60
N ALA B 91 10.36 6.05 3.45
CA ALA B 91 11.47 5.12 3.27
C ALA B 91 11.24 4.20 2.08
N CYS B 92 10.05 3.63 1.96
CA CYS B 92 9.80 2.77 0.80
C CYS B 92 9.83 3.55 -0.50
N GLY B 93 9.30 4.78 -0.51
CA GLY B 93 9.40 5.59 -1.70
C GLY B 93 10.84 5.88 -2.09
N VAL B 94 11.66 6.24 -1.10
CA VAL B 94 13.07 6.51 -1.39
C VAL B 94 13.76 5.24 -1.88
N ALA B 95 13.42 4.08 -1.32
CA ALA B 95 14.05 2.84 -1.74
C ALA B 95 13.71 2.52 -3.20
N THR B 96 12.43 2.59 -3.55
CA THR B 96 12.06 2.32 -4.93
C THR B 96 12.67 3.34 -5.87
N ALA B 97 12.70 4.61 -5.47
CA ALA B 97 13.32 5.64 -6.31
C ALA B 97 14.80 5.34 -6.53
N ALA B 98 15.52 4.98 -5.48
CA ALA B 98 16.95 4.69 -5.61
C ALA B 98 17.18 3.49 -6.53
N ALA B 99 16.39 2.42 -6.34
CA ALA B 99 16.57 1.24 -7.16
C ALA B 99 16.33 1.54 -8.62
N VAL B 100 15.20 2.19 -8.93
CA VAL B 100 14.87 2.49 -10.32
C VAL B 100 15.89 3.45 -10.91
N THR B 101 16.33 4.44 -10.13
CA THR B 101 17.29 5.40 -10.63
C THR B 101 18.62 4.74 -10.97
N ALA B 102 19.12 3.89 -10.09
CA ALA B 102 20.38 3.20 -10.36
C ALA B 102 20.26 2.31 -11.59
N GLY B 103 19.17 1.52 -11.66
CA GLY B 103 18.98 0.68 -12.82
C GLY B 103 18.91 1.46 -14.11
N VAL B 104 18.16 2.57 -14.11
CA VAL B 104 18.00 3.35 -15.32
C VAL B 104 19.30 4.04 -15.69
N ALA B 105 20.08 4.48 -14.71
CA ALA B 105 21.36 5.14 -15.00
C ALA B 105 22.33 4.16 -15.66
N ILE B 106 22.45 2.95 -15.09
CA ILE B 106 23.36 1.98 -15.69
C ILE B 106 22.84 1.54 -17.05
N ALA B 107 21.52 1.43 -17.21
CA ALA B 107 20.96 1.11 -18.50
C ALA B 107 21.27 2.19 -19.52
N LYS B 108 21.21 3.46 -19.10
CA LYS B 108 21.57 4.56 -19.99
C LYS B 108 23.05 4.48 -20.40
N CYS B 109 23.93 4.18 -19.43
CA CYS B 109 25.34 4.04 -19.77
C CYS B 109 25.55 2.92 -20.77
N ILE B 110 24.79 1.83 -20.64
CA ILE B 110 24.94 0.70 -21.56
C ILE B 110 24.28 0.93 -22.90
N ARG B 111 23.23 1.77 -22.96
CA ARG B 111 22.45 1.94 -24.17
C ARG B 111 23.24 2.60 -25.30
N LEU B 112 24.38 3.20 -25.00
CA LEU B 112 25.22 3.77 -26.05
C LEU B 112 25.64 2.68 -27.02
N GLU B 113 25.66 3.03 -28.31
CA GLU B 113 26.08 2.06 -29.33
C GLU B 113 27.53 1.64 -29.11
N SER B 114 28.40 2.60 -28.76
CA SER B 114 29.79 2.26 -28.50
C SER B 114 29.91 1.31 -27.31
N GLU B 115 29.16 1.58 -26.24
CA GLU B 115 29.21 0.71 -25.06
C GLU B 115 28.70 -0.68 -25.38
N VAL B 116 27.61 -0.77 -26.15
CA VAL B 116 27.07 -2.08 -26.53
C VAL B 116 28.08 -2.84 -27.38
N THR B 117 28.72 -2.16 -28.33
CA THR B 117 29.72 -2.80 -29.16
C THR B 117 30.90 -3.28 -28.33
N ALA B 118 31.33 -2.47 -27.35
CA ALA B 118 32.42 -2.89 -26.47
C ALA B 118 32.04 -4.11 -25.67
N ILE B 119 30.81 -4.14 -25.14
CA ILE B 119 30.35 -5.30 -24.37
C ILE B 119 30.35 -6.54 -25.26
N LYS B 120 29.83 -6.42 -26.48
CA LYS B 120 29.78 -7.57 -27.37
C LYS B 120 31.17 -8.05 -27.74
N ASN B 121 32.10 -7.12 -27.99
CA ASN B 121 33.47 -7.50 -28.30
C ASN B 121 34.11 -8.21 -27.12
N CYS B 122 33.88 -7.72 -25.90
CA CYS B 122 34.40 -8.38 -24.72
C CYS B 122 33.85 -9.80 -24.61
N LEU B 123 32.56 -9.98 -24.87
CA LEU B 123 31.92 -11.27 -24.79
C LEU B 123 32.03 -12.07 -26.09
N LYS B 124 32.73 -11.55 -27.09
CA LYS B 124 32.77 -12.22 -28.40
C LYS B 124 33.46 -13.58 -28.32
N LYS B 125 34.53 -13.70 -27.55
CA LYS B 125 35.33 -14.92 -27.50
C LYS B 125 35.13 -15.73 -26.24
N THR B 126 34.33 -15.25 -25.29
CA THR B 126 34.02 -15.99 -24.07
C THR B 126 32.55 -15.79 -23.73
N ASN B 127 32.10 -16.46 -22.67
CA ASN B 127 30.71 -16.35 -22.23
C ASN B 127 30.55 -15.49 -20.99
N GLU B 128 31.64 -14.94 -20.47
CA GLU B 128 31.57 -14.11 -19.26
C GLU B 128 32.85 -13.30 -19.16
N CYS B 129 32.72 -11.98 -19.05
CA CYS B 129 33.88 -11.12 -18.93
C CYS B 129 33.50 -9.89 -18.11
N VAL B 130 34.50 -9.30 -17.47
CA VAL B 130 34.29 -8.19 -16.55
C VAL B 130 34.75 -6.93 -17.28
N SER B 131 33.77 -6.13 -17.71
CA SER B 131 34.02 -4.93 -18.49
C SER B 131 33.84 -3.69 -17.62
N THR B 132 34.76 -2.74 -17.77
CA THR B 132 34.67 -1.45 -17.09
C THR B 132 33.98 -0.46 -18.03
N LEU B 133 32.79 0.00 -17.66
CA LEU B 133 32.05 0.90 -18.52
C LEU B 133 32.69 2.28 -18.55
N GLY B 134 32.41 3.02 -19.62
CA GLY B 134 32.93 4.37 -19.74
C GLY B 134 32.48 5.29 -18.63
N CYS B 135 31.35 4.99 -18.00
CA CYS B 135 30.87 5.78 -16.88
C CYS B 135 31.66 5.55 -15.60
N GLY B 136 32.66 4.67 -15.63
CA GLY B 136 33.51 4.43 -14.49
C GLY B 136 33.14 3.24 -13.63
N VAL B 137 31.98 2.62 -13.89
CA VAL B 137 31.49 1.52 -13.08
C VAL B 137 31.85 0.21 -13.76
N ARG B 138 32.10 -0.82 -12.94
CA ARG B 138 32.46 -2.15 -13.40
C ARG B 138 31.25 -3.07 -13.28
N VAL B 139 30.90 -3.75 -14.36
CA VAL B 139 29.72 -4.60 -14.42
C VAL B 139 30.09 -5.93 -15.06
N LEU B 140 29.59 -7.01 -14.48
CA LEU B 140 29.76 -8.33 -15.09
C LEU B 140 28.86 -8.46 -16.30
N ALA B 141 29.26 -9.33 -17.23
CA ALA B 141 28.50 -9.56 -18.46
C ALA B 141 28.40 -11.06 -18.71
N THR B 142 27.21 -11.48 -19.15
CA THR B 142 26.95 -12.87 -19.49
C THR B 142 26.31 -12.94 -20.86
N ALA B 143 26.62 -14.01 -21.60
CA ALA B 143 26.09 -14.21 -22.95
C ALA B 143 25.22 -15.46 -22.94
N VAL B 144 23.92 -15.27 -23.15
CA VAL B 144 22.97 -16.38 -23.23
C VAL B 144 22.81 -16.67 -24.72
N ARG B 145 23.70 -17.53 -25.24
CA ARG B 145 23.78 -17.79 -26.67
C ARG B 145 23.18 -19.13 -27.07
N GLU B 146 22.50 -19.82 -26.16
CA GLU B 146 21.91 -21.11 -26.51
C GLU B 146 20.86 -20.94 -27.60
N LEU B 147 19.98 -19.94 -27.44
CA LEU B 147 18.92 -19.73 -28.43
C LEU B 147 19.50 -19.37 -29.79
N LYS B 148 20.49 -18.47 -29.83
CA LYS B 148 21.09 -18.09 -31.09
C LYS B 148 21.80 -19.27 -31.74
N ASP B 149 22.57 -20.03 -30.96
CA ASP B 149 23.27 -21.19 -31.52
C ASP B 149 22.29 -22.19 -32.10
N PHE B 150 21.19 -22.45 -31.38
CA PHE B 150 20.17 -23.33 -31.92
C PHE B 150 19.60 -22.78 -33.22
N VAL B 151 19.14 -21.52 -33.20
CA VAL B 151 18.49 -20.94 -34.36
C VAL B 151 19.42 -20.91 -35.56
N SER B 152 20.72 -20.84 -35.33
CA SER B 152 21.68 -20.72 -36.42
C SER B 152 22.17 -22.07 -36.95
N LYS B 153 22.32 -23.07 -36.07
CA LYS B 153 22.91 -24.33 -36.47
C LYS B 153 21.89 -25.43 -36.73
N ASN B 154 20.77 -25.45 -36.01
CA ASN B 154 19.76 -26.49 -36.18
C ASN B 154 18.52 -25.97 -36.89
N LEU B 155 17.90 -24.90 -36.37
CA LEU B 155 16.65 -24.42 -36.95
C LEU B 155 16.85 -23.91 -38.37
N THR B 156 17.90 -23.11 -38.59
CA THR B 156 18.09 -22.50 -39.90
C THR B 156 18.29 -23.53 -40.98
N ARG B 157 19.10 -24.56 -40.70
CA ARG B 157 19.33 -25.61 -41.69
C ARG B 157 18.20 -26.64 -41.71
N ALA B 158 17.35 -26.67 -40.69
CA ALA B 158 16.19 -27.55 -40.73
C ALA B 158 15.10 -26.97 -41.61
N ILE B 159 14.74 -25.71 -41.38
CA ILE B 159 13.84 -24.99 -42.29
C ILE B 159 14.71 -24.36 -43.37
N ASN B 160 14.94 -25.12 -44.44
CA ASN B 160 15.55 -24.63 -45.66
C ASN B 160 14.43 -24.17 -46.60
N LYS B 161 14.73 -23.99 -47.88
CA LYS B 161 13.75 -23.61 -48.89
C LYS B 161 12.73 -22.58 -48.38
N ASN B 162 12.02 -22.95 -47.31
CA ASN B 162 11.05 -22.13 -46.57
C ASN B 162 9.90 -22.99 -46.06
N LYS B 163 10.15 -24.29 -45.90
CA LYS B 163 9.13 -25.25 -45.47
C LYS B 163 9.28 -25.48 -43.97
N CYS B 164 8.26 -25.06 -43.20
CA CYS B 164 8.26 -25.25 -41.76
C CYS B 164 7.50 -26.50 -41.33
N ASP B 165 6.85 -27.21 -42.26
CA ASP B 165 6.12 -28.44 -41.94
C ASP B 165 7.01 -29.67 -42.14
N ILE B 166 8.16 -29.65 -41.48
CA ILE B 166 9.12 -30.77 -41.59
C ILE B 166 8.60 -31.96 -40.78
N PRO B 167 8.90 -33.18 -41.20
CA PRO B 167 8.36 -34.36 -40.47
C PRO B 167 8.85 -34.47 -39.04
N ASP B 168 9.99 -33.86 -38.70
CA ASP B 168 10.62 -34.06 -37.40
C ASP B 168 9.90 -33.22 -36.34
N LEU B 169 9.18 -33.89 -35.43
CA LEU B 169 8.59 -33.23 -34.28
C LEU B 169 9.60 -32.93 -33.19
N LYS B 170 10.70 -33.69 -33.15
CA LYS B 170 11.75 -33.41 -32.18
C LYS B 170 12.27 -32.00 -32.35
N MET B 171 12.42 -31.54 -33.59
CA MET B 171 12.91 -30.20 -33.83
C MET B 171 11.94 -29.16 -33.28
N ALA B 172 10.64 -29.35 -33.49
CA ALA B 172 9.66 -28.39 -32.98
C ALA B 172 9.68 -28.36 -31.45
N VAL B 173 9.75 -29.52 -30.81
CA VAL B 173 9.73 -29.55 -29.35
C VAL B 173 11.01 -28.92 -28.79
N SER B 174 12.15 -29.19 -29.43
CA SER B 174 13.40 -28.57 -29.00
C SER B 174 13.35 -27.07 -29.18
N PHE B 175 12.75 -26.60 -30.27
CA PHE B 175 12.56 -25.16 -30.46
C PHE B 175 11.72 -24.57 -29.35
N SER B 176 10.63 -25.25 -28.99
CA SER B 176 9.79 -24.75 -27.90
C SER B 176 10.60 -24.65 -26.61
N GLN B 177 11.35 -25.69 -26.28
CA GLN B 177 12.15 -25.65 -25.05
C GLN B 177 13.18 -24.54 -25.09
N PHE B 178 13.88 -24.40 -26.22
CA PHE B 178 14.95 -23.41 -26.31
C PHE B 178 14.41 -21.99 -26.22
N ASN B 179 13.29 -21.70 -26.88
CA ASN B 179 12.72 -20.36 -26.84
C ASN B 179 11.81 -20.15 -25.64
N ARG B 180 11.64 -21.15 -24.77
CA ARG B 180 10.90 -20.92 -23.54
C ARG B 180 11.45 -19.73 -22.77
N ARG B 181 12.77 -19.68 -22.58
CA ARG B 181 13.37 -18.60 -21.81
C ARG B 181 13.14 -17.25 -22.47
N PHE B 182 13.36 -17.19 -23.79
CA PHE B 182 13.22 -15.92 -24.50
C PHE B 182 11.78 -15.43 -24.46
N LEU B 183 10.82 -16.33 -24.69
CA LEU B 183 9.41 -15.95 -24.65
C LEU B 183 9.00 -15.52 -23.26
N ASN B 184 9.50 -16.19 -22.23
CA ASN B 184 9.18 -15.79 -20.86
C ASN B 184 9.74 -14.41 -20.55
N VAL B 185 10.97 -14.14 -20.98
CA VAL B 185 11.56 -12.82 -20.74
C VAL B 185 10.74 -11.75 -21.45
N VAL B 186 10.34 -12.01 -22.70
CA VAL B 186 9.54 -11.05 -23.44
C VAL B 186 8.20 -10.84 -22.75
N ARG B 187 7.57 -11.92 -22.30
CA ARG B 187 6.31 -11.80 -21.55
C ARG B 187 6.48 -10.87 -20.36
N GLN B 188 7.50 -11.14 -19.54
CA GLN B 188 7.68 -10.34 -18.32
C GLN B 188 7.92 -8.87 -18.65
N PHE B 189 8.81 -8.60 -19.62
CA PHE B 189 9.14 -7.21 -19.91
C PHE B 189 7.96 -6.47 -20.53
N SER B 190 7.28 -7.10 -21.50
CA SER B 190 6.13 -6.45 -22.13
C SER B 190 5.01 -6.22 -21.13
N ASP B 191 4.73 -7.20 -20.26
CA ASP B 191 3.66 -7.05 -19.29
C ASP B 191 3.98 -5.92 -18.32
N ASN B 192 5.22 -5.82 -17.87
CA ASN B 192 5.62 -4.79 -16.93
C ASN B 192 6.19 -3.54 -17.60
N ALA B 193 6.15 -3.47 -18.93
CA ALA B 193 6.60 -2.30 -19.67
C ALA B 193 8.11 -2.11 -19.56
N GLY B 194 8.85 -3.21 -19.70
CA GLY B 194 10.30 -3.16 -19.77
C GLY B 194 11.03 -3.16 -18.45
N ILE B 195 10.32 -3.31 -17.33
CA ILE B 195 10.95 -3.36 -16.01
C ILE B 195 10.19 -4.38 -15.17
N THR B 196 10.81 -5.53 -14.91
CA THR B 196 10.20 -6.56 -14.10
C THR B 196 10.30 -6.22 -12.61
N PRO B 197 9.39 -6.75 -11.79
CA PRO B 197 9.49 -6.48 -10.34
C PRO B 197 10.42 -7.43 -9.61
N ALA B 198 10.69 -8.59 -10.20
CA ALA B 198 11.52 -9.60 -9.55
C ALA B 198 12.22 -10.43 -10.62
N ILE B 199 13.27 -11.12 -10.20
CA ILE B 199 14.10 -11.92 -11.10
C ILE B 199 13.44 -13.29 -11.25
N SER B 200 12.78 -13.51 -12.38
CA SER B 200 12.32 -14.84 -12.71
C SER B 200 13.51 -15.77 -12.93
N LYS B 201 13.22 -17.07 -13.01
CA LYS B 201 14.26 -18.04 -13.30
C LYS B 201 14.71 -17.99 -14.75
N ASP B 202 14.00 -17.25 -15.60
CA ASP B 202 14.41 -17.04 -16.99
C ASP B 202 15.36 -15.86 -17.14
N LEU B 203 15.21 -14.83 -16.32
CA LEU B 203 16.17 -13.73 -16.32
C LEU B 203 17.56 -14.22 -15.95
N MET B 204 17.65 -14.99 -14.87
CA MET B 204 18.93 -15.50 -14.39
C MET B 204 18.70 -16.84 -13.71
N THR B 205 19.37 -17.87 -14.20
CA THR B 205 19.23 -19.21 -13.63
C THR B 205 20.04 -19.32 -12.34
N ASP B 206 19.91 -20.48 -11.68
CA ASP B 206 20.58 -20.68 -10.40
C ASP B 206 22.09 -20.65 -10.56
N ALA B 207 22.62 -21.31 -11.60
CA ALA B 207 24.07 -21.31 -11.81
C ALA B 207 24.58 -19.90 -12.07
N GLU B 208 23.88 -19.15 -12.93
CA GLU B 208 24.30 -17.78 -13.23
C GLU B 208 24.25 -16.91 -11.98
N LEU B 209 23.22 -17.09 -11.15
CA LEU B 209 23.15 -16.34 -9.90
C LEU B 209 24.31 -16.71 -8.99
N ALA B 210 24.67 -17.99 -8.94
CA ALA B 210 25.82 -18.41 -8.13
C ALA B 210 27.10 -17.74 -8.62
N ARG B 211 27.32 -17.71 -9.93
CA ARG B 211 28.51 -17.06 -10.46
C ARG B 211 28.52 -15.57 -10.14
N ALA B 212 27.37 -14.91 -10.30
CA ALA B 212 27.30 -13.49 -9.99
C ALA B 212 27.52 -13.23 -8.51
N ILE B 213 27.10 -14.17 -7.66
CA ILE B 213 27.33 -14.02 -6.22
C ILE B 213 28.81 -14.17 -5.91
N SER B 214 29.46 -15.16 -6.51
CA SER B 214 30.89 -15.38 -6.26
C SER B 214 31.74 -14.25 -6.79
N ASN B 215 31.25 -13.54 -7.82
CA ASN B 215 32.00 -12.43 -8.41
C ASN B 215 31.74 -11.11 -7.69
N MET B 216 30.94 -11.11 -6.63
CA MET B 216 30.56 -9.87 -5.97
C MET B 216 31.75 -9.25 -5.25
N PRO B 217 31.85 -7.92 -5.23
CA PRO B 217 32.96 -7.27 -4.51
C PRO B 217 32.69 -7.14 -3.01
N THR B 218 32.83 -8.25 -2.28
CA THR B 218 32.63 -8.28 -0.85
C THR B 218 33.47 -9.40 -0.25
N SER B 219 33.28 -9.67 1.03
CA SER B 219 34.14 -10.57 1.77
C SER B 219 33.60 -12.00 1.76
N ALA B 220 34.42 -12.91 2.30
CA ALA B 220 34.11 -14.34 2.25
C ALA B 220 32.85 -14.67 3.04
N GLY B 221 32.68 -14.06 4.20
CA GLY B 221 31.50 -14.37 5.02
C GLY B 221 30.21 -13.97 4.32
N GLN B 222 30.17 -12.75 3.77
CA GLN B 222 29.00 -12.32 3.03
C GLN B 222 28.76 -13.19 1.81
N ILE B 223 29.84 -13.54 1.09
CA ILE B 223 29.69 -14.38 -0.09
C ILE B 223 29.10 -15.73 0.28
N LYS B 224 29.56 -16.31 1.40
CA LYS B 224 29.04 -17.61 1.82
C LYS B 224 27.58 -17.52 2.24
N LEU B 225 27.23 -16.50 3.03
CA LEU B 225 25.84 -16.34 3.42
C LEU B 225 24.94 -16.17 2.20
N MET B 226 25.40 -15.42 1.19
CA MET B 226 24.63 -15.26 -0.02
C MET B 226 24.55 -16.56 -0.81
N LEU B 227 25.64 -17.33 -0.85
CA LEU B 227 25.58 -18.64 -1.48
C LEU B 227 24.51 -19.51 -0.82
N GLU B 228 24.31 -19.33 0.49
CA GLU B 228 23.29 -20.09 1.18
C GLU B 228 21.88 -19.55 0.96
N ASN B 229 21.73 -18.22 0.82
CA ASN B 229 20.43 -17.58 0.71
C ASN B 229 20.21 -16.95 -0.67
N ARG B 230 20.75 -17.60 -1.70
CA ARG B 230 20.63 -17.10 -3.06
C ARG B 230 19.18 -16.92 -3.53
N CYS B 231 18.22 -17.71 -3.03
CA CYS B 231 16.85 -17.47 -3.48
C CYS B 231 16.26 -16.24 -2.81
N MET B 232 16.70 -15.90 -1.60
CA MET B 232 16.37 -14.58 -1.05
C MET B 232 17.00 -13.47 -1.89
N VAL B 233 18.24 -13.68 -2.34
CA VAL B 233 18.87 -12.73 -3.26
C VAL B 233 18.00 -12.54 -4.49
N ARG B 234 17.54 -13.64 -5.07
CA ARG B 234 16.69 -13.58 -6.25
C ARG B 234 15.39 -12.83 -5.96
N ARG B 235 14.79 -13.08 -4.79
CA ARG B 235 13.58 -12.38 -4.41
C ARG B 235 13.81 -10.88 -4.35
N LYS B 236 14.96 -10.46 -3.81
CA LYS B 236 15.24 -9.04 -3.65
C LYS B 236 15.76 -8.36 -4.90
N GLY B 237 16.17 -9.13 -5.92
CA GLY B 237 16.67 -8.55 -7.15
C GLY B 237 15.56 -8.21 -8.14
N PHE B 238 15.97 -7.69 -9.29
CA PHE B 238 15.05 -7.38 -10.39
C PHE B 238 15.87 -7.14 -11.66
N GLY B 239 15.17 -6.94 -12.77
CA GLY B 239 15.80 -6.80 -14.07
C GLY B 239 15.28 -5.58 -14.82
N ILE B 240 15.94 -5.28 -15.93
CA ILE B 240 15.61 -4.14 -16.78
C ILE B 240 16.01 -4.47 -18.21
N LEU B 241 15.24 -3.93 -19.16
CA LEU B 241 15.50 -4.13 -20.58
C LEU B 241 16.25 -2.92 -21.13
N ILE B 242 17.39 -3.16 -21.76
CA ILE B 242 18.12 -2.10 -22.44
C ILE B 242 17.45 -1.78 -23.77
N GLY B 243 17.38 -2.77 -24.65
CA GLY B 243 16.76 -2.57 -25.94
C GLY B 243 16.99 -3.77 -26.83
N VAL B 244 16.57 -3.64 -28.08
CA VAL B 244 16.76 -4.67 -29.10
C VAL B 244 17.73 -4.11 -30.14
N TYR B 245 18.90 -4.73 -30.23
CA TYR B 245 19.96 -4.29 -31.13
C TYR B 245 20.18 -5.39 -32.16
N GLY B 246 19.85 -5.11 -33.41
CA GLY B 246 19.92 -6.12 -34.45
C GLY B 246 18.91 -7.22 -34.20
N SER B 247 19.39 -8.38 -33.81
CA SER B 247 18.54 -9.52 -33.45
C SER B 247 18.97 -10.11 -32.12
N SER B 248 19.27 -9.24 -31.16
CA SER B 248 19.75 -9.65 -29.85
C SER B 248 19.07 -8.81 -28.78
N VAL B 249 18.44 -9.47 -27.82
CA VAL B 249 17.81 -8.80 -26.70
C VAL B 249 18.86 -8.61 -25.61
N ILE B 250 19.14 -7.36 -25.26
CA ILE B 250 20.12 -7.01 -24.25
C ILE B 250 19.37 -6.49 -23.03
N TYR B 251 19.53 -7.18 -21.91
CA TYR B 251 18.91 -6.77 -20.65
C TYR B 251 19.93 -6.97 -19.53
N MET B 252 19.65 -6.34 -18.39
CA MET B 252 20.55 -6.39 -17.25
C MET B 252 19.77 -6.74 -15.98
N VAL B 253 20.47 -7.31 -15.02
CA VAL B 253 19.89 -7.70 -13.73
C VAL B 253 20.63 -6.94 -12.64
N GLN B 254 19.87 -6.25 -11.79
CA GLN B 254 20.42 -5.41 -10.72
C GLN B 254 20.35 -6.21 -9.43
N LEU B 255 21.42 -6.95 -9.13
CA LEU B 255 21.42 -7.83 -7.97
C LEU B 255 21.75 -7.05 -6.69
N PRO B 256 21.28 -7.53 -5.54
CA PRO B 256 21.58 -6.87 -4.27
C PRO B 256 22.85 -7.39 -3.62
N ILE B 257 23.65 -6.46 -3.10
CA ILE B 257 24.90 -6.79 -2.42
C ILE B 257 24.63 -6.77 -0.92
N PHE B 258 24.74 -7.94 -0.28
CA PHE B 258 24.60 -8.03 1.17
C PHE B 258 25.99 -7.92 1.80
N GLY B 259 26.43 -6.67 1.98
CA GLY B 259 27.75 -6.39 2.51
C GLY B 259 27.86 -6.45 4.02
N VAL B 260 26.76 -6.63 4.73
CA VAL B 260 26.76 -6.74 6.19
C VAL B 260 26.01 -8.00 6.57
N ILE B 261 26.57 -8.76 7.50
CA ILE B 261 25.94 -9.97 8.01
C ILE B 261 26.28 -10.13 9.49
N ASP B 262 25.39 -10.79 10.22
CA ASP B 262 25.60 -11.11 11.62
C ASP B 262 25.82 -9.85 12.46
N THR B 263 24.79 -9.02 12.50
CA THR B 263 24.76 -7.82 13.32
C THR B 263 23.47 -7.80 14.14
N PRO B 264 23.48 -7.10 15.28
CA PRO B 264 22.28 -7.12 16.14
C PRO B 264 21.09 -6.45 15.46
N CYS B 265 19.90 -7.00 15.73
CA CYS B 265 18.65 -6.43 15.28
C CYS B 265 17.55 -6.81 16.25
N TRP B 266 16.47 -6.03 16.24
CA TRP B 266 15.32 -6.32 17.10
C TRP B 266 14.06 -5.75 16.44
N ILE B 267 12.91 -6.21 16.92
CA ILE B 267 11.61 -5.80 16.42
C ILE B 267 10.74 -5.38 17.59
N VAL B 268 9.92 -4.36 17.37
CA VAL B 268 9.04 -3.80 18.39
C VAL B 268 7.60 -3.98 17.93
N LYS B 269 6.74 -4.44 18.84
CA LYS B 269 5.32 -4.57 18.60
C LYS B 269 4.56 -3.92 19.75
N ALA B 270 3.34 -3.46 19.46
CA ALA B 270 2.55 -2.76 20.45
C ALA B 270 1.08 -3.00 20.20
N ALA B 271 0.29 -2.78 21.25
CA ALA B 271 -1.17 -2.87 21.19
C ALA B 271 -1.74 -1.71 22.02
N PRO B 272 -2.98 -1.33 21.73
CA PRO B 272 -3.57 -0.18 22.45
C PRO B 272 -3.55 -0.40 23.97
N SER B 273 -2.82 0.48 24.67
CA SER B 273 -2.77 0.46 26.12
C SER B 273 -3.81 1.44 26.65
N CYS B 274 -5.04 0.93 26.78
CA CYS B 274 -6.16 1.74 27.24
C CYS B 274 -6.37 1.58 28.74
N SER B 275 -6.99 2.60 29.34
CA SER B 275 -7.25 2.61 30.77
C SER B 275 -8.54 3.38 31.03
N GLU B 276 -9.48 2.74 31.71
CA GLU B 276 -10.79 3.33 31.97
C GLU B 276 -10.77 4.15 33.25
N LYS B 277 -11.48 5.27 33.23
CA LYS B 277 -11.71 6.06 34.43
C LYS B 277 -12.94 6.93 34.21
N LYS B 278 -13.90 6.85 35.14
CA LYS B 278 -15.14 7.62 35.07
C LYS B 278 -15.92 7.32 33.79
N GLY B 279 -15.78 6.09 33.28
CA GLY B 279 -16.47 5.67 32.08
C GLY B 279 -15.82 6.08 30.78
N ASN B 280 -14.84 6.97 30.83
CA ASN B 280 -14.08 7.36 29.64
C ASN B 280 -12.75 6.61 29.62
N TYR B 281 -12.17 6.49 28.43
CA TYR B 281 -10.90 5.82 28.28
C TYR B 281 -9.83 6.80 27.79
N ALA B 282 -8.59 6.33 27.79
CA ALA B 282 -7.47 7.11 27.26
C ALA B 282 -6.44 6.11 26.74
N CYS B 283 -6.41 5.91 25.43
CA CYS B 283 -5.57 4.90 24.82
C CYS B 283 -4.31 5.51 24.25
N LEU B 284 -3.32 4.65 24.00
CA LEU B 284 -2.11 5.04 23.31
C LEU B 284 -1.58 3.84 22.54
N LEU B 285 -0.78 4.12 21.52
CA LEU B 285 -0.21 3.08 20.67
C LEU B 285 1.12 3.60 20.13
N ARG B 286 2.19 2.84 20.37
CA ARG B 286 3.51 3.26 19.93
C ARG B 286 3.60 3.21 18.41
N GLU B 287 4.00 4.33 17.81
CA GLU B 287 4.11 4.44 16.36
C GLU B 287 5.51 4.11 15.86
N ASP B 288 6.45 3.82 16.75
CA ASP B 288 7.84 3.50 16.37
C ASP B 288 8.06 2.00 16.29
N GLN B 289 7.04 1.28 15.84
CA GLN B 289 7.12 -0.16 15.67
C GLN B 289 7.88 -0.50 14.39
N GLY B 290 8.39 -1.72 14.34
CA GLY B 290 9.11 -2.20 13.17
C GLY B 290 10.47 -2.75 13.55
N TRP B 291 11.35 -2.82 12.55
CA TRP B 291 12.66 -3.43 12.71
C TRP B 291 13.73 -2.37 12.99
N TYR B 292 14.75 -2.77 13.73
CA TYR B 292 15.93 -1.96 13.98
C TYR B 292 17.16 -2.84 13.85
N CYS B 293 18.30 -2.21 13.57
CA CYS B 293 19.56 -2.93 13.48
C CYS B 293 20.69 -1.99 13.88
N GLN B 294 21.81 -2.59 14.28
CA GLN B 294 23.00 -1.86 14.71
C GLN B 294 24.12 -2.08 13.73
N ASN B 295 24.86 -1.01 13.44
CA ASN B 295 25.96 -1.08 12.48
C ASN B 295 27.05 -0.11 12.92
N ALA B 296 28.06 -0.65 13.64
CA ALA B 296 29.23 0.11 14.03
C ALA B 296 28.86 1.47 14.62
N GLY B 297 28.08 1.43 15.70
CA GLY B 297 27.69 2.65 16.38
C GLY B 297 26.59 3.42 15.69
N SER B 298 25.94 2.84 14.69
CA SER B 298 24.84 3.49 13.97
C SER B 298 23.61 2.60 14.05
N THR B 299 22.52 3.16 14.57
CA THR B 299 21.24 2.48 14.62
C THR B 299 20.38 2.92 13.45
N VAL B 300 19.83 1.97 12.72
CA VAL B 300 19.11 2.22 11.48
C VAL B 300 17.69 1.71 11.63
N TYR B 301 16.72 2.60 11.38
CA TYR B 301 15.31 2.25 11.42
C TYR B 301 14.83 1.87 10.03
N TYR B 302 14.07 0.78 9.95
CA TYR B 302 13.53 0.26 8.69
C TYR B 302 12.01 0.24 8.82
N PRO B 303 11.35 1.40 8.66
CA PRO B 303 9.95 1.51 9.09
C PRO B 303 8.90 1.03 8.09
N CYS B 304 9.23 0.93 6.81
CA CYS B 304 8.22 0.52 5.83
C CYS B 304 8.19 -1.01 5.74
N GLU B 305 7.01 -1.53 5.44
CA GLU B 305 6.66 -2.93 5.71
C GLU B 305 6.90 -3.86 4.53
N LYS B 306 7.72 -3.47 3.55
CA LYS B 306 7.89 -4.27 2.35
C LYS B 306 9.34 -4.66 2.10
N ASP B 307 10.25 -4.35 3.01
CA ASP B 307 11.67 -4.56 2.74
C ASP B 307 12.38 -5.37 3.82
N CYS B 308 11.68 -5.66 4.93
CA CYS B 308 12.30 -6.36 6.05
C CYS B 308 11.60 -7.71 6.23
N GLU B 309 12.28 -8.77 5.83
CA GLU B 309 11.74 -10.14 5.90
C GLU B 309 12.64 -10.98 6.80
N THR B 310 12.01 -11.76 7.67
CA THR B 310 12.74 -12.65 8.56
C THR B 310 12.84 -14.05 7.97
N ARG B 311 13.95 -14.73 8.27
CA ARG B 311 14.14 -16.15 7.93
C ARG B 311 14.86 -16.79 9.10
N GLY B 312 14.08 -17.35 10.04
CA GLY B 312 14.65 -17.97 11.22
C GLY B 312 15.22 -16.94 12.18
N ASP B 313 16.53 -16.98 12.38
CA ASP B 313 17.21 -16.02 13.25
C ASP B 313 17.73 -14.80 12.50
N HIS B 314 17.92 -14.90 11.19
CA HIS B 314 18.44 -13.80 10.39
C HIS B 314 17.29 -12.96 9.84
N VAL B 315 17.50 -11.65 9.83
CA VAL B 315 16.53 -10.70 9.29
C VAL B 315 17.16 -10.00 8.11
N PHE B 316 16.51 -10.08 6.95
CA PHE B 316 16.99 -9.46 5.73
C PHE B 316 16.28 -8.13 5.54
N CYS B 317 17.05 -7.07 5.32
CA CYS B 317 16.49 -5.74 5.09
C CYS B 317 17.35 -5.01 4.07
N ASP B 318 16.86 -3.85 3.64
CA ASP B 318 17.53 -3.03 2.64
C ASP B 318 17.95 -1.72 3.30
N THR B 319 19.22 -1.34 3.10
CA THR B 319 19.76 -0.15 3.73
C THR B 319 19.28 1.14 3.07
N ALA B 320 18.85 1.06 1.81
CA ALA B 320 18.28 2.24 1.15
C ALA B 320 16.92 2.60 1.73
N ALA B 321 16.20 1.61 2.26
CA ALA B 321 14.90 1.82 2.88
C ALA B 321 15.01 2.11 4.38
N GLY B 322 16.22 2.30 4.89
CA GLY B 322 16.43 2.53 6.31
C GLY B 322 16.72 3.99 6.61
N ILE B 323 16.24 4.43 7.77
CA ILE B 323 16.45 5.79 8.25
C ILE B 323 17.46 5.74 9.39
N ASN B 324 18.47 6.60 9.33
CA ASN B 324 19.51 6.65 10.35
C ASN B 324 18.96 7.37 11.57
N VAL B 325 18.49 6.60 12.55
CA VAL B 325 17.94 7.16 13.78
C VAL B 325 19.05 7.31 14.81
N ALA B 326 18.86 8.23 15.76
CA ALA B 326 19.82 8.45 16.83
C ALA B 326 19.91 7.21 17.72
N GLU B 327 21.06 7.06 18.39
CA GLU B 327 21.29 5.92 19.30
C GLU B 327 20.28 5.91 20.44
N GLN B 328 20.32 6.98 21.23
CA GLN B 328 19.36 7.36 22.27
C GLN B 328 17.96 6.84 22.03
N SER B 329 17.53 6.70 20.77
CA SER B 329 16.20 6.18 20.48
C SER B 329 15.93 4.83 21.15
N LYS B 330 16.96 4.08 21.56
CA LYS B 330 16.75 2.81 22.24
C LYS B 330 16.27 2.99 23.68
N GLU B 331 16.25 4.22 24.19
CA GLU B 331 15.82 4.49 25.55
C GLU B 331 14.30 4.50 25.70
N CYS B 332 13.57 4.59 24.59
CA CYS B 332 12.11 4.48 24.66
C CYS B 332 11.66 3.07 25.00
N ASN B 333 12.53 2.09 24.87
CA ASN B 333 12.21 0.71 25.24
C ASN B 333 12.42 0.44 26.72
N ILE B 334 12.90 1.41 27.49
CA ILE B 334 13.20 1.24 28.90
C ILE B 334 12.39 2.22 29.76
N ASN B 335 12.52 3.51 29.49
CA ASN B 335 11.88 4.56 30.27
C ASN B 335 11.19 5.55 29.34
N ILE B 336 10.37 5.03 28.42
CA ILE B 336 9.60 5.83 27.47
C ILE B 336 8.97 7.03 28.17
N SER B 337 8.51 6.82 29.40
CA SER B 337 7.82 7.89 30.12
C SER B 337 8.80 9.00 30.51
N THR B 338 9.91 8.65 31.15
CA THR B 338 10.86 9.62 31.69
C THR B 338 12.16 9.68 30.89
N THR B 339 12.07 9.50 29.59
CA THR B 339 13.21 9.68 28.70
C THR B 339 13.10 11.02 27.98
N ASN B 340 14.27 11.58 27.65
CA ASN B 340 14.32 12.87 26.96
C ASN B 340 14.21 12.73 25.45
N TYR B 341 14.27 11.51 24.93
CA TYR B 341 14.02 11.30 23.50
C TYR B 341 12.53 11.47 23.21
N PRO B 342 12.16 12.21 22.16
CA PRO B 342 10.73 12.33 21.83
C PRO B 342 10.15 11.06 21.23
N CYS B 343 9.76 10.12 22.08
CA CYS B 343 9.19 8.86 21.60
C CYS B 343 7.85 9.11 20.91
N LYS B 344 7.64 8.40 19.81
CA LYS B 344 6.44 8.57 19.00
C LYS B 344 5.33 7.63 19.46
N VAL B 345 4.12 8.17 19.56
CA VAL B 345 2.95 7.36 19.93
C VAL B 345 1.71 7.97 19.29
N SER B 346 0.78 7.11 18.89
CA SER B 346 -0.56 7.56 18.54
C SER B 346 -1.41 7.67 19.79
N CYS B 347 -2.50 8.43 19.69
CA CYS B 347 -3.32 8.71 20.86
C CYS B 347 -4.78 8.82 20.45
N GLY B 348 -5.65 8.68 21.44
CA GLY B 348 -7.08 8.73 21.20
C GLY B 348 -7.84 8.53 22.49
N ARG B 349 -9.16 8.37 22.35
CA ARG B 349 -10.03 8.13 23.50
C ARG B 349 -11.01 6.99 23.24
N HIS B 350 -10.99 6.40 22.04
CA HIS B 350 -11.87 5.29 21.73
C HIS B 350 -11.12 3.97 21.92
N PRO B 351 -11.57 3.08 22.81
CA PRO B 351 -10.88 1.78 22.93
C PRO B 351 -10.95 0.97 21.65
N ILE B 352 -9.84 0.30 21.35
CA ILE B 352 -9.78 -0.71 20.30
C ILE B 352 -9.30 -2.01 20.94
N SER B 353 -10.12 -3.06 20.82
CA SER B 353 -9.76 -4.40 21.26
C SER B 353 -9.18 -5.20 20.11
N MET B 354 -7.96 -5.70 20.31
CA MET B 354 -7.26 -6.44 19.26
C MET B 354 -6.21 -7.33 19.90
N VAL B 355 -5.68 -8.25 19.11
CA VAL B 355 -4.59 -9.14 19.51
C VAL B 355 -3.40 -8.84 18.60
N ALA B 356 -2.30 -8.38 19.20
CA ALA B 356 -1.08 -8.03 18.46
C ALA B 356 -0.10 -9.17 18.66
N LEU B 357 -0.11 -10.12 17.74
CA LEU B 357 0.77 -11.28 17.85
C LEU B 357 2.22 -10.85 17.84
N SER B 358 3.00 -11.41 18.77
CA SER B 358 4.43 -11.17 18.88
C SER B 358 5.20 -12.40 18.44
N PRO B 359 6.51 -12.27 18.21
CA PRO B 359 7.30 -13.42 17.74
C PRO B 359 7.20 -14.64 18.64
N LEU B 360 7.17 -14.45 19.96
CA LEU B 360 7.11 -15.57 20.90
C LEU B 360 5.84 -15.56 21.74
N GLY B 361 5.07 -14.48 21.73
CA GLY B 361 3.85 -14.47 22.51
C GLY B 361 2.72 -13.76 21.79
N ALA B 362 1.91 -13.02 22.55
CA ALA B 362 0.82 -12.25 21.96
C ALA B 362 0.24 -11.28 22.98
N LEU B 363 0.11 -10.01 22.58
CA LEU B 363 -0.51 -9.01 23.43
C LEU B 363 -2.01 -9.01 23.18
N VAL B 364 -2.79 -9.15 24.25
CA VAL B 364 -4.24 -9.24 24.16
C VAL B 364 -4.83 -8.02 24.84
N ALA B 365 -5.48 -7.17 24.07
CA ALA B 365 -6.26 -6.06 24.59
C ALA B 365 -7.75 -6.24 24.31
N CYS B 366 -8.57 -6.16 25.37
CA CYS B 366 -10.01 -6.21 25.23
C CYS B 366 -10.63 -5.51 26.43
N TYR B 367 -11.58 -4.62 26.15
CA TYR B 367 -12.18 -3.74 27.14
C TYR B 367 -13.69 -3.77 26.93
N LYS B 368 -14.38 -2.94 27.71
CA LYS B 368 -15.83 -2.93 27.79
C LYS B 368 -16.49 -3.38 26.49
N GLY B 369 -17.27 -4.46 26.59
CA GLY B 369 -18.00 -4.99 25.46
C GLY B 369 -17.33 -6.10 24.69
N VAL B 370 -16.18 -6.59 25.14
CA VAL B 370 -15.49 -7.70 24.49
C VAL B 370 -15.15 -8.73 25.55
N SER B 371 -15.31 -10.00 25.18
CA SER B 371 -14.90 -11.12 26.03
C SER B 371 -13.65 -11.82 25.47
N CYS B 372 -12.67 -12.04 26.34
CA CYS B 372 -11.43 -12.73 25.98
C CYS B 372 -11.31 -14.09 26.67
N SER B 373 -10.54 -14.98 26.05
CA SER B 373 -10.33 -16.30 26.61
C SER B 373 -9.22 -16.99 25.82
N ILE B 374 -8.42 -17.78 26.54
CA ILE B 374 -7.32 -18.52 25.94
C ILE B 374 -7.60 -20.01 26.05
N GLY B 375 -6.93 -20.79 25.20
CA GLY B 375 -7.17 -22.22 25.15
C GLY B 375 -6.11 -22.93 24.34
N SER B 376 -6.43 -24.16 23.95
CA SER B 376 -5.49 -25.01 23.24
C SER B 376 -6.30 -26.08 22.51
N ASN B 377 -5.61 -26.86 21.68
CA ASN B 377 -6.28 -27.92 20.94
C ASN B 377 -6.80 -29.02 21.86
N ARG B 378 -6.09 -29.30 22.94
CA ARG B 378 -6.57 -30.29 23.90
C ARG B 378 -7.92 -29.88 24.48
N VAL B 379 -7.92 -28.81 25.29
CA VAL B 379 -9.16 -28.28 25.87
C VAL B 379 -9.46 -26.95 25.19
N GLY B 380 -10.67 -26.84 24.64
CA GLY B 380 -11.11 -25.58 24.08
C GLY B 380 -10.80 -24.38 24.95
N ILE B 381 -11.36 -24.36 26.16
CA ILE B 381 -11.28 -23.19 27.04
C ILE B 381 -10.35 -23.51 28.20
N ILE B 382 -9.42 -22.59 28.48
CA ILE B 382 -8.54 -22.70 29.64
C ILE B 382 -8.93 -21.72 30.73
N LYS B 383 -9.06 -20.44 30.38
CA LYS B 383 -9.42 -19.42 31.36
C LYS B 383 -10.00 -18.21 30.64
N GLN B 384 -10.62 -17.33 31.43
CA GLN B 384 -11.22 -16.09 30.94
C GLN B 384 -10.30 -14.95 31.30
N LEU B 385 -9.68 -14.33 30.31
CA LEU B 385 -8.77 -13.22 30.55
C LEU B 385 -9.52 -12.04 31.15
N ASN B 386 -8.75 -11.18 31.84
CA ASN B 386 -9.31 -10.01 32.51
C ASN B 386 -9.33 -8.83 31.55
N LYS B 387 -9.69 -7.65 32.06
CA LYS B 387 -9.77 -6.44 31.24
C LYS B 387 -8.43 -5.73 31.26
N GLY B 388 -7.99 -5.25 30.10
CA GLY B 388 -6.69 -4.62 30.00
C GLY B 388 -5.73 -5.43 29.17
N CYS B 389 -4.51 -4.92 29.08
CA CYS B 389 -3.48 -5.55 28.25
C CYS B 389 -2.84 -6.70 29.01
N SER B 390 -2.50 -7.74 28.28
CA SER B 390 -2.19 -9.03 28.88
C SER B 390 -1.25 -9.76 27.93
N TYR B 391 -0.18 -10.30 28.49
CA TYR B 391 0.83 -11.01 27.73
C TYR B 391 0.56 -12.50 27.86
N ILE B 392 0.29 -13.15 26.72
CA ILE B 392 0.03 -14.57 26.67
C ILE B 392 1.26 -15.26 26.08
N THR B 393 1.92 -16.08 26.89
CA THR B 393 3.12 -16.79 26.45
C THR B 393 2.75 -17.96 25.54
N ASN B 394 3.58 -18.19 24.52
CA ASN B 394 3.32 -19.31 23.61
C ASN B 394 3.40 -20.64 24.34
N GLN B 395 4.36 -20.77 25.26
CA GLN B 395 4.46 -21.99 26.05
C GLN B 395 3.25 -22.19 26.95
N ASP B 396 2.45 -21.14 27.16
CA ASP B 396 1.30 -21.25 28.06
C ASP B 396 0.10 -21.88 27.36
N ALA B 397 -0.15 -21.50 26.10
CA ALA B 397 -1.37 -21.88 25.39
C ALA B 397 -1.04 -21.95 23.90
N ASP B 398 -2.04 -22.34 23.11
CA ASP B 398 -1.87 -22.40 21.67
C ASP B 398 -2.68 -21.35 20.92
N THR B 399 -3.87 -21.00 21.41
CA THR B 399 -4.76 -20.07 20.73
C THR B 399 -5.41 -19.14 21.75
N VAL B 400 -5.92 -18.02 21.25
CA VAL B 400 -6.61 -17.02 22.07
C VAL B 400 -7.77 -16.43 21.29
N THR B 401 -8.87 -16.15 21.98
CA THR B 401 -10.11 -15.68 21.37
C THR B 401 -10.53 -14.35 21.98
N ILE B 402 -11.13 -13.48 21.17
CA ILE B 402 -11.45 -12.11 21.56
C ILE B 402 -12.91 -11.76 21.20
N ASP B 403 -13.72 -12.79 20.93
CA ASP B 403 -15.12 -12.68 20.44
C ASP B 403 -15.22 -13.43 19.10
N ASN B 404 -15.42 -14.74 19.19
CA ASN B 404 -15.63 -15.57 18.00
C ASN B 404 -14.47 -15.47 17.02
N THR B 405 -13.35 -14.85 17.43
CA THR B 405 -12.19 -14.65 16.59
C THR B 405 -11.02 -15.38 17.23
N VAL B 406 -10.56 -16.44 16.57
CA VAL B 406 -9.52 -17.32 17.12
C VAL B 406 -8.19 -16.93 16.51
N TYR B 407 -7.23 -16.59 17.38
CA TYR B 407 -5.85 -16.33 16.97
C TYR B 407 -4.97 -17.44 17.51
N GLN B 408 -4.13 -18.00 16.64
CA GLN B 408 -3.24 -19.09 17.03
C GLN B 408 -1.84 -18.53 17.27
N LEU B 409 -1.29 -18.82 18.45
CA LEU B 409 0.02 -18.30 18.81
C LEU B 409 1.13 -19.03 18.06
N SER B 410 2.30 -18.43 18.04
CA SER B 410 3.47 -19.02 17.42
C SER B 410 4.09 -20.06 18.34
N LYS B 411 4.85 -20.98 17.74
CA LYS B 411 5.52 -22.05 18.49
C LYS B 411 7.03 -21.91 18.40
N VAL B 412 7.54 -20.68 18.37
CA VAL B 412 8.97 -20.45 18.43
C VAL B 412 9.44 -20.56 19.88
N GLU B 413 10.68 -21.00 20.07
CA GLU B 413 11.20 -21.30 21.40
C GLU B 413 12.15 -20.19 21.85
N GLY B 414 11.97 -19.73 23.07
CA GLY B 414 12.77 -18.64 23.60
C GLY B 414 12.21 -18.21 24.93
N GLU B 415 13.05 -17.50 25.70
CA GLU B 415 12.67 -17.12 27.06
C GLU B 415 11.88 -15.81 27.01
N GLN B 416 10.75 -15.79 27.71
CA GLN B 416 9.90 -14.61 27.79
C GLN B 416 10.09 -13.92 29.13
N HIS B 417 10.13 -12.59 29.09
CA HIS B 417 10.40 -11.79 30.28
C HIS B 417 9.26 -10.81 30.50
N VAL B 418 9.24 -10.20 31.70
CA VAL B 418 8.25 -9.20 32.06
C VAL B 418 8.96 -8.08 32.80
N ILE B 419 8.60 -6.84 32.46
CA ILE B 419 9.21 -5.64 33.03
C ILE B 419 8.10 -4.88 33.73
N LYS B 420 7.94 -5.11 35.02
CA LYS B 420 6.83 -4.52 35.77
C LYS B 420 6.96 -3.00 35.80
N GLY B 421 5.81 -2.33 35.77
CA GLY B 421 5.79 -0.88 35.76
C GLY B 421 4.41 -0.34 35.46
N ARG B 422 4.00 0.70 36.17
CA ARG B 422 2.66 1.24 35.98
C ARG B 422 2.53 1.76 34.56
N PRO B 423 1.55 1.30 33.78
CA PRO B 423 1.46 1.76 32.39
C PRO B 423 1.27 3.27 32.30
N VAL B 424 1.87 3.85 31.25
CA VAL B 424 1.80 5.29 31.07
C VAL B 424 0.36 5.75 30.89
N SER B 425 -0.39 5.05 30.01
CA SER B 425 -1.79 5.36 29.83
C SER B 425 -2.55 5.48 31.15
N SER B 426 -2.23 4.65 32.15
CA SER B 426 -2.93 4.67 33.42
C SER B 426 -2.34 5.63 34.43
N SER B 427 -1.07 6.02 34.27
CA SER B 427 -0.35 6.77 35.30
C SER B 427 -0.31 8.25 34.98
N PHE B 428 -0.71 8.65 33.78
CA PHE B 428 -0.71 10.07 33.41
C PHE B 428 -2.10 10.53 33.01
N ASP B 429 -2.31 11.84 33.14
CA ASP B 429 -3.58 12.47 32.77
C ASP B 429 -3.49 12.93 31.32
N PRO B 430 -4.29 12.38 30.40
CA PRO B 430 -4.10 12.70 28.98
C PRO B 430 -4.46 14.15 28.67
N VAL B 431 -3.96 14.61 27.52
CA VAL B 431 -4.26 15.96 27.06
C VAL B 431 -5.73 16.05 26.70
N LYS B 432 -6.40 17.10 27.18
CA LYS B 432 -7.82 17.26 26.92
C LYS B 432 -8.09 17.50 25.44
N PHE B 433 -7.33 18.41 24.81
CA PHE B 433 -7.53 18.72 23.41
C PHE B 433 -6.21 19.15 22.76
N PRO B 434 -5.84 18.57 21.61
CA PRO B 434 -6.50 17.48 20.90
C PRO B 434 -6.11 16.13 21.49
N GLN B 435 -7.05 15.21 21.65
CA GLN B 435 -6.76 13.88 22.14
C GLN B 435 -6.30 12.95 21.03
N ASP B 436 -7.07 12.88 19.94
CA ASP B 436 -6.74 12.08 18.78
C ASP B 436 -5.57 12.72 18.03
N GLN B 437 -4.38 12.18 18.22
CA GLN B 437 -3.22 12.57 17.43
C GLN B 437 -2.66 11.33 16.75
N PHE B 438 -2.41 11.46 15.45
CA PHE B 438 -2.12 10.30 14.61
C PHE B 438 -0.71 9.80 14.85
N ASN B 439 0.24 10.71 15.02
CA ASN B 439 1.65 10.37 15.12
C ASN B 439 2.39 11.56 15.70
N VAL B 440 2.63 11.53 17.01
CA VAL B 440 3.13 12.70 17.74
C VAL B 440 4.10 12.22 18.80
N ALA B 441 4.85 13.17 19.38
CA ALA B 441 5.72 12.85 20.49
C ALA B 441 4.87 12.53 21.73
N LEU B 442 5.34 11.56 22.51
CA LEU B 442 4.60 11.14 23.70
C LEU B 442 4.39 12.29 24.68
N ASP B 443 5.23 13.32 24.61
CA ASP B 443 5.06 14.48 25.49
C ASP B 443 3.71 15.15 25.26
N GLN B 444 3.33 15.33 23.99
CA GLN B 444 2.13 16.10 23.71
C GLN B 444 0.88 15.44 24.28
N CYS B 445 0.82 14.10 24.25
CA CYS B 445 -0.39 13.41 24.66
C CYS B 445 -0.54 13.37 26.17
N PHE B 446 0.42 12.76 26.87
CA PHE B 446 0.35 12.55 28.30
C PHE B 446 1.33 13.48 29.02
N GLU B 447 0.94 13.90 30.22
CA GLU B 447 1.77 14.77 31.06
C GLU B 447 2.23 16.00 30.27
N SER B 448 1.30 16.59 29.53
CA SER B 448 1.59 17.75 28.70
C SER B 448 2.03 18.93 29.56
N LEU C 1 -30.79 -4.73 -3.04
CA LEU C 1 -29.89 -3.69 -2.54
C LEU C 1 -30.64 -2.40 -2.26
N LYS C 2 -30.50 -1.90 -1.03
CA LYS C 2 -31.10 -0.64 -0.60
C LYS C 2 -29.99 0.35 -0.33
N GLU C 3 -30.03 1.50 -1.01
CA GLU C 3 -29.06 2.56 -0.82
C GLU C 3 -29.79 3.78 -0.30
N SER C 4 -29.27 4.35 0.78
CA SER C 4 -29.83 5.56 1.37
C SER C 4 -28.78 6.65 1.29
N TYR C 5 -29.12 7.76 0.64
CA TYR C 5 -28.23 8.90 0.54
C TYR C 5 -28.43 9.78 1.75
N LEU C 6 -27.45 9.79 2.67
CA LEU C 6 -27.63 10.57 3.88
C LEU C 6 -27.06 11.96 3.60
N GLU C 7 -27.95 12.94 3.36
CA GLU C 7 -27.48 14.25 2.92
C GLU C 7 -26.85 15.04 4.05
N GLU C 8 -26.87 14.52 5.27
CA GLU C 8 -26.26 15.23 6.39
C GLU C 8 -24.74 15.25 6.28
N SER C 9 -24.14 14.19 5.74
CA SER C 9 -22.69 14.08 5.67
C SER C 9 -22.21 13.71 4.27
N CYS C 10 -23.03 13.93 3.25
CA CYS C 10 -22.68 13.60 1.87
C CYS C 10 -22.16 12.17 1.77
N SER C 11 -22.82 11.25 2.47
CA SER C 11 -22.44 9.85 2.50
C SER C 11 -23.63 8.97 2.14
N THR C 12 -23.33 7.79 1.63
CA THR C 12 -24.32 6.80 1.23
C THR C 12 -23.98 5.46 1.85
N ILE C 13 -24.98 4.83 2.48
CA ILE C 13 -24.84 3.50 3.07
C ILE C 13 -25.66 2.54 2.23
N THR C 14 -25.01 1.48 1.74
CA THR C 14 -25.65 0.50 0.87
C THR C 14 -25.72 -0.82 1.63
N GLU C 15 -26.91 -1.18 2.08
CA GLU C 15 -27.13 -2.43 2.78
C GLU C 15 -27.89 -3.40 1.90
N GLY C 16 -27.78 -4.67 2.28
CA GLY C 16 -28.43 -5.80 1.65
C GLY C 16 -27.42 -6.85 1.26
N TYR C 17 -26.30 -6.93 1.96
CA TYR C 17 -25.26 -7.88 1.61
C TYR C 17 -25.26 -9.05 2.58
N LEU C 18 -24.90 -10.23 2.07
CA LEU C 18 -24.86 -11.45 2.87
C LEU C 18 -23.41 -11.82 3.12
N SER C 19 -23.03 -11.84 4.39
CA SER C 19 -21.65 -12.04 4.78
C SER C 19 -21.13 -13.42 4.41
N VAL C 20 -19.84 -13.48 4.09
CA VAL C 20 -19.07 -14.72 4.02
C VAL C 20 -17.73 -14.46 4.70
N LEU C 21 -17.64 -14.80 5.99
CA LEU C 21 -16.45 -14.51 6.79
C LEU C 21 -15.59 -15.75 6.99
N ARG C 22 -14.27 -15.57 6.98
CA ARG C 22 -13.35 -16.67 7.23
C ARG C 22 -13.07 -16.70 8.73
N THR C 23 -13.31 -17.85 9.36
CA THR C 23 -13.15 -17.94 10.80
C THR C 23 -11.91 -18.70 11.23
N GLY C 24 -11.37 -19.57 10.38
CA GLY C 24 -10.19 -20.35 10.74
C GLY C 24 -9.41 -20.76 9.52
N TRP C 25 -8.28 -21.39 9.77
CA TRP C 25 -7.40 -21.93 8.75
C TRP C 25 -7.43 -23.44 8.80
N TYR C 26 -7.59 -24.07 7.63
CA TYR C 26 -7.54 -25.52 7.49
C TYR C 26 -6.26 -25.90 6.76
N THR C 27 -5.41 -26.69 7.42
CA THR C 27 -4.10 -27.02 6.88
C THR C 27 -4.14 -28.34 6.11
N ASN C 28 -3.60 -28.32 4.88
CA ASN C 28 -3.50 -29.51 4.06
C ASN C 28 -2.04 -29.77 3.75
N VAL C 29 -1.57 -31.01 3.94
CA VAL C 29 -0.16 -31.34 3.73
C VAL C 29 0.00 -32.14 2.44
N PHE C 30 0.96 -31.74 1.59
CA PHE C 30 1.29 -32.42 0.35
C PHE C 30 2.73 -32.89 0.43
N THR C 31 2.96 -34.06 -0.17
CA THR C 31 4.28 -34.68 -0.33
C THR C 31 4.42 -34.90 -1.84
N LEU C 32 4.98 -33.90 -2.53
CA LEU C 32 5.21 -33.97 -3.97
C LEU C 32 6.42 -34.87 -4.22
N GLU C 33 6.19 -36.18 -4.18
CA GLU C 33 7.26 -37.15 -4.37
C GLU C 33 7.87 -37.02 -5.77
N VAL C 34 9.19 -36.82 -5.84
CA VAL C 34 9.84 -36.64 -7.13
C VAL C 34 10.45 -37.94 -7.65
N GLY C 35 10.96 -38.80 -6.78
CA GLY C 35 11.60 -40.03 -7.17
C GLY C 35 13.11 -39.89 -7.15
N ASP C 36 13.74 -41.01 -7.49
CA ASP C 36 15.19 -41.17 -7.43
C ASP C 36 15.80 -40.52 -8.66
N VAL C 37 15.67 -39.20 -8.78
CA VAL C 37 16.04 -38.53 -10.03
C VAL C 37 17.50 -38.14 -10.00
N GLU C 38 18.04 -37.88 -8.83
CA GLU C 38 19.41 -37.40 -8.70
C GLU C 38 20.44 -38.49 -9.01
N ASN C 39 20.02 -39.76 -8.97
CA ASN C 39 20.93 -40.87 -9.23
C ASN C 39 21.11 -41.19 -10.71
N LEU C 40 20.37 -40.53 -11.59
CA LEU C 40 20.33 -40.84 -13.02
C LEU C 40 21.17 -39.80 -13.76
N THR C 41 21.79 -40.21 -14.87
CA THR C 41 22.60 -39.25 -15.59
C THR C 41 22.47 -39.48 -17.10
N CYS C 42 22.84 -38.46 -17.87
CA CYS C 42 22.84 -38.56 -19.32
C CYS C 42 24.28 -38.42 -19.82
N ALA C 43 24.68 -39.34 -20.70
CA ALA C 43 26.06 -39.37 -21.18
C ALA C 43 26.12 -39.60 -22.69
N ASP C 44 25.24 -38.95 -23.48
CA ASP C 44 25.38 -39.06 -24.93
C ASP C 44 25.05 -37.68 -25.52
N GLY C 45 25.52 -36.62 -24.88
CA GLY C 45 25.29 -35.28 -25.40
C GLY C 45 23.88 -34.75 -25.17
N PRO C 46 23.55 -33.62 -25.80
CA PRO C 46 22.27 -32.97 -25.54
C PRO C 46 21.08 -33.80 -26.00
N SER C 47 19.95 -33.59 -25.32
CA SER C 47 18.70 -34.28 -25.65
C SER C 47 17.53 -33.62 -24.92
N LEU C 48 16.33 -33.91 -25.41
CA LEU C 48 15.13 -33.44 -24.73
C LEU C 48 15.04 -33.99 -23.32
N ILE C 49 15.27 -35.30 -23.17
CA ILE C 49 15.24 -35.91 -21.84
C ILE C 49 16.37 -35.36 -20.99
N LYS C 50 17.55 -35.13 -21.58
CA LYS C 50 18.60 -34.52 -20.78
C LYS C 50 18.20 -33.16 -20.24
N THR C 51 17.65 -32.30 -21.09
CA THR C 51 17.23 -30.97 -20.66
C THR C 51 16.18 -31.07 -19.56
N GLU C 52 15.27 -32.03 -19.66
CA GLU C 52 14.22 -32.09 -18.65
C GLU C 52 14.79 -32.63 -17.35
N LEU C 53 15.76 -33.55 -17.45
CA LEU C 53 16.41 -34.07 -16.25
C LEU C 53 17.19 -32.97 -15.55
N ASP C 54 17.96 -32.19 -16.32
CA ASP C 54 18.74 -31.10 -15.76
C ASP C 54 17.83 -30.07 -15.10
N LEU C 55 16.71 -29.73 -15.74
CA LEU C 55 15.76 -28.80 -15.13
C LEU C 55 15.27 -29.34 -13.80
N THR C 56 14.85 -30.62 -13.77
CA THR C 56 14.31 -31.18 -12.54
C THR C 56 15.35 -31.20 -11.42
N LYS C 57 16.58 -31.62 -11.75
CA LYS C 57 17.63 -31.72 -10.73
C LYS C 57 18.00 -30.35 -10.20
N SER C 58 18.11 -29.36 -11.09
CA SER C 58 18.40 -27.99 -10.63
C SER C 58 17.26 -27.48 -9.75
N ALA C 59 16.01 -27.75 -10.14
CA ALA C 59 14.89 -27.35 -9.31
C ALA C 59 15.01 -27.94 -7.92
N LEU C 60 15.28 -29.24 -7.83
CA LEU C 60 15.37 -29.92 -6.54
C LEU C 60 16.48 -29.35 -5.69
N ARG C 61 17.68 -29.19 -6.26
CA ARG C 61 18.80 -28.71 -5.47
C ARG C 61 18.59 -27.27 -5.00
N GLU C 62 18.14 -26.38 -5.90
CA GLU C 62 17.87 -25.01 -5.49
C GLU C 62 16.77 -24.96 -4.45
N LEU C 63 15.82 -25.91 -4.51
CA LEU C 63 14.82 -26.02 -3.45
C LEU C 63 15.47 -26.37 -2.14
N ARG C 64 16.52 -27.20 -2.16
CA ARG C 64 17.24 -27.50 -0.92
C ARG C 64 17.91 -26.26 -0.34
N THR C 65 18.22 -25.26 -1.17
CA THR C 65 18.90 -24.06 -0.69
C THR C 65 17.93 -22.96 -0.27
N CYS C 66 16.66 -23.28 -0.05
CA CYS C 66 15.68 -22.28 0.35
C CYS C 66 15.06 -22.65 1.69
N SER C 67 14.78 -21.62 2.49
CA SER C 67 14.24 -21.82 3.84
C SER C 67 15.04 -22.85 4.62
N PHE C 85 -5.09 6.40 15.16
CA PHE C 85 -5.16 4.97 14.90
C PHE C 85 -5.62 4.69 13.47
N VAL C 86 -4.67 4.33 12.61
CA VAL C 86 -4.99 3.99 11.22
C VAL C 86 -5.44 2.54 11.21
N LEU C 87 -6.74 2.35 11.38
CA LEU C 87 -7.28 1.01 11.56
C LEU C 87 -7.01 0.13 10.36
N GLY C 88 -6.99 0.68 9.15
CA GLY C 88 -6.70 -0.14 7.98
C GLY C 88 -5.32 -0.75 8.05
N ALA C 89 -4.30 0.08 8.33
CA ALA C 89 -2.95 -0.44 8.45
C ALA C 89 -2.86 -1.45 9.59
N ILE C 90 -3.43 -1.10 10.75
CA ILE C 90 -3.37 -2.00 11.90
C ILE C 90 -3.98 -3.34 11.54
N ALA C 91 -5.16 -3.32 10.92
CA ALA C 91 -5.91 -4.55 10.66
C ALA C 91 -5.24 -5.42 9.62
N CYS C 92 -4.81 -4.83 8.49
CA CYS C 92 -4.13 -5.65 7.50
C CYS C 92 -2.81 -6.19 8.02
N GLY C 93 -2.06 -5.39 8.79
CA GLY C 93 -0.84 -5.91 9.39
C GLY C 93 -1.10 -7.07 10.31
N VAL C 94 -2.11 -6.95 11.17
CA VAL C 94 -2.45 -8.04 12.08
C VAL C 94 -2.89 -9.27 11.29
N ALA C 95 -3.63 -9.07 10.21
CA ALA C 95 -4.09 -10.21 9.42
C ALA C 95 -2.92 -10.96 8.79
N THR C 96 -2.01 -10.23 8.15
CA THR C 96 -0.85 -10.89 7.55
C THR C 96 0.01 -11.56 8.62
N ALA C 97 0.18 -10.90 9.77
CA ALA C 97 0.95 -11.49 10.85
C ALA C 97 0.32 -12.79 11.33
N ALA C 98 -1.00 -12.80 11.52
CA ALA C 98 -1.67 -14.00 11.99
C ALA C 98 -1.54 -15.13 10.97
N ALA C 99 -1.76 -14.82 9.69
CA ALA C 99 -1.67 -15.86 8.66
C ALA C 99 -0.27 -16.47 8.62
N VAL C 100 0.76 -15.61 8.55
CA VAL C 100 2.13 -16.11 8.46
C VAL C 100 2.50 -16.87 9.73
N THR C 101 2.07 -16.38 10.89
CA THR C 101 2.40 -17.04 12.15
C THR C 101 1.78 -18.43 12.21
N ALA C 102 0.50 -18.55 11.85
CA ALA C 102 -0.15 -19.86 11.88
C ALA C 102 0.52 -20.81 10.90
N GLY C 103 0.77 -20.35 9.67
CA GLY C 103 1.44 -21.20 8.70
C GLY C 103 2.80 -21.67 9.18
N VAL C 104 3.59 -20.75 9.73
CA VAL C 104 4.94 -21.09 10.17
C VAL C 104 4.89 -22.03 11.37
N ALA C 105 3.93 -21.83 12.27
CA ALA C 105 3.82 -22.71 13.44
C ALA C 105 3.48 -24.12 13.02
N ILE C 106 2.50 -24.28 12.13
CA ILE C 106 2.15 -25.63 11.69
C ILE C 106 3.29 -26.24 10.89
N ALA C 107 3.99 -25.42 10.10
CA ALA C 107 5.14 -25.92 9.36
C ALA C 107 6.24 -26.38 10.32
N LYS C 108 6.43 -25.65 11.43
CA LYS C 108 7.40 -26.07 12.43
C LYS C 108 7.00 -27.39 13.06
N CYS C 109 5.71 -27.55 13.38
CA CYS C 109 5.25 -28.81 13.95
C CYS C 109 5.50 -29.96 12.97
N ILE C 110 5.31 -29.71 11.68
CA ILE C 110 5.51 -30.76 10.69
C ILE C 110 6.98 -31.01 10.36
N ARG C 111 7.84 -30.01 10.54
CA ARG C 111 9.24 -30.13 10.13
C ARG C 111 10.01 -31.15 10.95
N LEU C 112 9.48 -31.58 12.08
CA LEU C 112 10.14 -32.62 12.86
C LEU C 112 10.27 -33.89 12.02
N GLU C 113 11.42 -34.57 12.17
CA GLU C 113 11.63 -35.80 11.44
C GLU C 113 10.61 -36.86 11.86
N SER C 114 10.32 -36.95 13.15
CA SER C 114 9.31 -37.91 13.61
C SER C 114 7.95 -37.60 13.02
N GLU C 115 7.56 -36.32 13.00
CA GLU C 115 6.26 -35.95 12.44
C GLU C 115 6.20 -36.25 10.94
N VAL C 116 7.28 -35.96 10.22
CA VAL C 116 7.31 -36.25 8.77
C VAL C 116 7.20 -37.75 8.54
N THR C 117 7.92 -38.54 9.33
CA THR C 117 7.85 -40.00 9.18
C THR C 117 6.43 -40.50 9.49
N ALA C 118 5.80 -39.95 10.52
CA ALA C 118 4.42 -40.34 10.85
C ALA C 118 3.48 -39.99 9.70
N ILE C 119 3.64 -38.81 9.11
CA ILE C 119 2.79 -38.41 7.99
C ILE C 119 2.98 -39.37 6.82
N LYS C 120 4.23 -39.68 6.50
CA LYS C 120 4.50 -40.59 5.39
C LYS C 120 3.94 -41.98 5.66
N ASN C 121 4.08 -42.48 6.88
CA ASN C 121 3.52 -43.79 7.22
C ASN C 121 2.00 -43.78 7.10
N CYS C 122 1.36 -42.70 7.55
CA CYS C 122 -0.09 -42.58 7.40
C CYS C 122 -0.48 -42.62 5.92
N LEU C 123 0.26 -41.90 5.09
CA LEU C 123 -0.01 -41.84 3.66
C LEU C 123 0.63 -42.99 2.88
N LYS C 124 1.30 -43.92 3.55
CA LYS C 124 2.04 -44.95 2.84
C LYS C 124 1.12 -45.88 2.04
N LYS C 125 -0.05 -46.22 2.59
CA LYS C 125 -0.94 -47.18 1.96
C LYS C 125 -2.17 -46.55 1.33
N THR C 126 -2.34 -45.23 1.45
CA THR C 126 -3.46 -44.54 0.82
C THR C 126 -2.95 -43.21 0.29
N ASN C 127 -3.84 -42.46 -0.38
CA ASN C 127 -3.49 -41.17 -0.95
C ASN C 127 -4.05 -40.00 -0.14
N GLU C 128 -4.75 -40.28 0.95
CA GLU C 128 -5.34 -39.23 1.77
C GLU C 128 -5.69 -39.81 3.12
N CYS C 129 -5.19 -39.19 4.20
CA CYS C 129 -5.48 -39.65 5.54
C CYS C 129 -5.46 -38.46 6.48
N VAL C 130 -6.20 -38.60 7.58
CA VAL C 130 -6.39 -37.51 8.55
C VAL C 130 -5.52 -37.83 9.75
N SER C 131 -4.41 -37.13 9.87
CA SER C 131 -3.42 -37.36 10.92
C SER C 131 -3.53 -36.29 11.99
N THR C 132 -3.46 -36.71 13.25
CA THR C 132 -3.43 -35.79 14.39
C THR C 132 -1.98 -35.53 14.77
N LEU C 133 -1.53 -34.29 14.58
CA LEU C 133 -0.15 -33.96 14.87
C LEU C 133 0.13 -33.97 16.36
N GLY C 134 1.40 -34.16 16.71
CA GLY C 134 1.79 -34.15 18.11
C GLY C 134 1.50 -32.84 18.80
N CYS C 135 1.41 -31.75 18.04
CA CYS C 135 1.08 -30.45 18.62
C CYS C 135 -0.40 -30.32 18.99
N GLY C 136 -1.19 -31.36 18.75
CA GLY C 136 -2.59 -31.38 19.12
C GLY C 136 -3.56 -30.99 18.03
N VAL C 137 -3.06 -30.53 16.88
CA VAL C 137 -3.91 -30.07 15.79
C VAL C 137 -4.07 -31.18 14.77
N ARG C 138 -5.24 -31.21 14.13
CA ARG C 138 -5.57 -32.22 13.13
C ARG C 138 -5.48 -31.59 11.75
N VAL C 139 -4.73 -32.22 10.86
CA VAL C 139 -4.47 -31.70 9.52
C VAL C 139 -4.67 -32.81 8.50
N LEU C 140 -5.33 -32.48 7.39
CA LEU C 140 -5.46 -33.41 6.29
C LEU C 140 -4.13 -33.54 5.56
N ALA C 141 -3.94 -34.69 4.90
CA ALA C 141 -2.71 -34.97 4.18
C ALA C 141 -3.05 -35.56 2.81
N THR C 142 -2.32 -35.12 1.79
CA THR C 142 -2.49 -35.61 0.43
C THR C 142 -1.13 -36.01 -0.13
N ALA C 143 -1.12 -37.03 -0.97
CA ALA C 143 0.10 -37.55 -1.59
C ALA C 143 0.00 -37.34 -3.09
N VAL C 144 0.85 -36.47 -3.62
CA VAL C 144 0.92 -36.23 -5.06
C VAL C 144 2.05 -37.11 -5.57
N ARG C 145 1.71 -38.34 -5.92
CA ARG C 145 2.69 -39.37 -6.27
C ARG C 145 2.75 -39.63 -7.77
N GLU C 146 2.07 -38.83 -8.59
CA GLU C 146 2.12 -39.06 -10.03
C GLU C 146 3.53 -38.90 -10.56
N LEU C 147 4.23 -37.84 -10.14
CA LEU C 147 5.58 -37.60 -10.63
C LEU C 147 6.53 -38.72 -10.20
N LYS C 148 6.44 -39.15 -8.93
CA LYS C 148 7.31 -40.22 -8.46
C LYS C 148 7.01 -41.52 -9.18
N ASP C 149 5.74 -41.86 -9.34
CA ASP C 149 5.39 -43.09 -10.03
C ASP C 149 5.90 -43.08 -11.46
N PHE C 150 5.75 -41.96 -12.15
CA PHE C 150 6.30 -41.84 -13.49
C PHE C 150 7.81 -42.03 -13.47
N VAL C 151 8.51 -41.25 -12.64
CA VAL C 151 9.97 -41.28 -12.63
C VAL C 151 10.49 -42.67 -12.28
N SER C 152 9.72 -43.45 -11.54
CA SER C 152 10.17 -44.75 -11.07
C SER C 152 9.82 -45.88 -12.03
N LYS C 153 8.66 -45.80 -12.69
CA LYS C 153 8.19 -46.91 -13.52
C LYS C 153 8.43 -46.71 -15.01
N ASN C 154 8.39 -45.47 -15.51
CA ASN C 154 8.58 -45.20 -16.93
C ASN C 154 9.94 -44.57 -17.21
N LEU C 155 10.25 -43.45 -16.55
CA LEU C 155 11.48 -42.73 -16.86
C LEU C 155 12.71 -43.54 -16.49
N THR C 156 12.70 -44.16 -15.31
CA THR C 156 13.89 -44.88 -14.85
C THR C 156 14.23 -46.05 -15.77
N ARG C 157 13.22 -46.81 -16.19
CA ARG C 157 13.47 -47.93 -17.09
C ARG C 157 13.61 -47.49 -18.55
N ALA C 158 13.18 -46.27 -18.88
CA ALA C 158 13.41 -45.76 -20.23
C ALA C 158 14.85 -45.31 -20.40
N ILE C 159 15.35 -44.48 -19.47
CA ILE C 159 16.77 -44.14 -19.45
C ILE C 159 17.47 -45.20 -18.60
N ASN C 160 17.89 -46.27 -19.26
CA ASN C 160 18.77 -47.27 -18.69
C ASN C 160 20.20 -46.88 -18.99
N LYS C 161 21.16 -47.82 -18.84
CA LYS C 161 22.56 -47.58 -19.15
C LYS C 161 23.04 -46.19 -18.74
N ASN C 162 22.40 -45.15 -19.28
CA ASN C 162 22.59 -43.74 -18.98
C ASN C 162 22.39 -42.89 -20.23
N LYS C 163 21.63 -43.42 -21.21
CA LYS C 163 21.38 -42.76 -22.48
C LYS C 163 20.05 -42.03 -22.41
N CYS C 164 20.09 -40.70 -22.48
CA CYS C 164 18.88 -39.89 -22.47
C CYS C 164 18.40 -39.52 -23.87
N ASP C 165 19.14 -39.85 -24.91
CA ASP C 165 18.75 -39.55 -26.28
C ASP C 165 18.00 -40.74 -26.90
N ILE C 166 16.94 -41.17 -26.22
CA ILE C 166 16.14 -42.30 -26.69
C ILE C 166 15.27 -41.85 -27.86
N PRO C 167 14.96 -42.73 -28.81
CA PRO C 167 14.18 -42.31 -29.98
C PRO C 167 12.77 -41.83 -29.65
N ASP C 168 12.22 -42.23 -28.50
CA ASP C 168 10.82 -41.97 -28.19
C ASP C 168 10.66 -40.53 -27.71
N LEU C 169 10.01 -39.70 -28.53
CA LEU C 169 9.65 -38.34 -28.13
C LEU C 169 8.43 -38.31 -27.22
N LYS C 170 7.59 -39.34 -27.30
CA LYS C 170 6.44 -39.42 -26.40
C LYS C 170 6.88 -39.39 -24.96
N MET C 171 7.98 -40.10 -24.65
CA MET C 171 8.47 -40.13 -23.28
C MET C 171 8.91 -38.74 -22.83
N ALA C 172 9.62 -38.01 -23.69
CA ALA C 172 10.05 -36.68 -23.30
C ALA C 172 8.87 -35.75 -23.08
N VAL C 173 7.85 -35.80 -23.96
CA VAL C 173 6.71 -34.92 -23.80
C VAL C 173 5.92 -35.28 -22.54
N SER C 174 5.77 -36.59 -22.27
CA SER C 174 5.09 -37.00 -21.05
C SER C 174 5.86 -36.56 -19.82
N PHE C 175 7.19 -36.64 -19.86
CA PHE C 175 8.01 -36.13 -18.75
C PHE C 175 7.77 -34.64 -18.54
N SER C 176 7.72 -33.87 -19.63
CA SER C 176 7.45 -32.44 -19.52
C SER C 176 6.10 -32.20 -18.84
N GLN C 177 5.07 -32.91 -19.29
CA GLN C 177 3.75 -32.72 -18.71
C GLN C 177 3.73 -33.11 -17.24
N PHE C 178 4.35 -34.24 -16.90
CA PHE C 178 4.31 -34.73 -15.52
C PHE C 178 5.06 -33.80 -14.58
N ASN C 179 6.22 -33.29 -15.00
CA ASN C 179 6.99 -32.40 -14.15
C ASN C 179 6.57 -30.94 -14.27
N ARG C 180 5.57 -30.64 -15.10
CA ARG C 180 5.02 -29.28 -15.14
C ARG C 180 4.65 -28.81 -13.74
N ARG C 181 3.89 -29.63 -13.00
CA ARG C 181 3.43 -29.22 -11.68
C ARG C 181 4.60 -28.99 -10.73
N PHE C 182 5.57 -29.92 -10.72
CA PHE C 182 6.71 -29.81 -9.81
C PHE C 182 7.54 -28.58 -10.14
N LEU C 183 7.81 -28.34 -11.42
CA LEU C 183 8.60 -27.18 -11.80
C LEU C 183 7.87 -25.89 -11.48
N ASN C 184 6.55 -25.86 -11.67
CA ASN C 184 5.79 -24.67 -11.32
C ASN C 184 5.84 -24.41 -9.82
N VAL C 185 5.70 -25.46 -9.01
CA VAL C 185 5.76 -25.29 -7.56
C VAL C 185 7.13 -24.76 -7.15
N VAL C 186 8.19 -25.32 -7.74
CA VAL C 186 9.54 -24.86 -7.42
C VAL C 186 9.72 -23.40 -7.85
N ARG C 187 9.22 -23.05 -9.04
CA ARG C 187 9.28 -21.67 -9.48
C ARG C 187 8.63 -20.74 -8.46
N GLN C 188 7.40 -21.06 -8.05
CA GLN C 188 6.67 -20.19 -7.13
C GLN C 188 7.41 -20.06 -5.80
N PHE C 189 7.86 -21.18 -5.23
CA PHE C 189 8.49 -21.13 -3.92
C PHE C 189 9.83 -20.39 -3.99
N SER C 190 10.66 -20.70 -4.98
CA SER C 190 11.95 -20.04 -5.11
C SER C 190 11.79 -18.54 -5.35
N ASP C 191 10.85 -18.16 -6.22
CA ASP C 191 10.65 -16.75 -6.51
C ASP C 191 10.19 -16.00 -5.27
N ASN C 192 9.29 -16.59 -4.49
CA ASN C 192 8.76 -15.97 -3.29
C ASN C 192 9.52 -16.35 -2.03
N ALA C 193 10.62 -17.09 -2.16
CA ALA C 193 11.47 -17.47 -1.02
C ALA C 193 10.72 -18.42 -0.07
N GLY C 194 10.06 -19.41 -0.65
CA GLY C 194 9.46 -20.48 0.13
C GLY C 194 8.07 -20.20 0.66
N ILE C 195 7.46 -19.07 0.32
CA ILE C 195 6.11 -18.74 0.77
C ILE C 195 5.40 -18.03 -0.39
N THR C 196 4.44 -18.73 -1.00
CA THR C 196 3.68 -18.15 -2.10
C THR C 196 2.60 -17.21 -1.57
N PRO C 197 2.17 -16.23 -2.38
CA PRO C 197 1.10 -15.33 -1.92
C PRO C 197 -0.30 -15.88 -2.16
N ALA C 198 -0.43 -16.84 -3.08
CA ALA C 198 -1.73 -17.39 -3.42
C ALA C 198 -1.56 -18.82 -3.91
N ILE C 199 -2.67 -19.57 -3.90
CA ILE C 199 -2.66 -20.98 -4.28
C ILE C 199 -2.78 -21.06 -5.80
N SER C 200 -1.67 -21.35 -6.47
CA SER C 200 -1.73 -21.67 -7.88
C SER C 200 -2.47 -22.98 -8.08
N LYS C 201 -2.80 -23.27 -9.34
CA LYS C 201 -3.44 -24.53 -9.67
C LYS C 201 -2.49 -25.71 -9.59
N ASP C 202 -1.19 -25.45 -9.43
CA ASP C 202 -0.22 -26.51 -9.21
C ASP C 202 -0.08 -26.89 -7.74
N LEU C 203 -0.25 -25.92 -6.84
CA LEU C 203 -0.25 -26.24 -5.42
C LEU C 203 -1.40 -27.18 -5.07
N MET C 204 -2.60 -26.86 -5.55
CA MET C 204 -3.78 -27.67 -5.26
C MET C 204 -4.74 -27.55 -6.44
N THR C 205 -5.09 -28.69 -7.04
CA THR C 205 -6.00 -28.70 -8.16
C THR C 205 -7.44 -28.53 -7.69
N ASP C 206 -8.36 -28.44 -8.66
CA ASP C 206 -9.76 -28.22 -8.32
C ASP C 206 -10.34 -29.39 -7.54
N ALA C 207 -10.03 -30.62 -7.96
CA ALA C 207 -10.54 -31.78 -7.25
C ALA C 207 -10.02 -31.85 -5.83
N GLU C 208 -8.71 -31.60 -5.65
CA GLU C 208 -8.13 -31.61 -4.31
C GLU C 208 -8.75 -30.52 -3.44
N LEU C 209 -8.98 -29.34 -4.01
CA LEU C 209 -9.63 -28.27 -3.25
C LEU C 209 -11.04 -28.68 -2.86
N ALA C 210 -11.76 -29.36 -3.76
CA ALA C 210 -13.10 -29.83 -3.42
C ALA C 210 -13.06 -30.82 -2.25
N ARG C 211 -12.11 -31.76 -2.30
CA ARG C 211 -12.00 -32.72 -1.19
C ARG C 211 -11.67 -32.01 0.11
N ALA C 212 -10.73 -31.06 0.07
CA ALA C 212 -10.37 -30.33 1.28
C ALA C 212 -11.53 -29.50 1.80
N ILE C 213 -12.39 -29.01 0.90
CA ILE C 213 -13.56 -28.26 1.32
C ILE C 213 -14.57 -29.19 1.99
N SER C 214 -14.79 -30.36 1.40
CA SER C 214 -15.75 -31.31 1.97
C SER C 214 -15.27 -31.84 3.31
N ASN C 215 -13.97 -31.89 3.54
CA ASN C 215 -13.41 -32.38 4.79
C ASN C 215 -13.32 -31.32 5.86
N MET C 216 -13.78 -30.10 5.59
CA MET C 216 -13.62 -29.01 6.52
C MET C 216 -14.50 -29.20 7.75
N PRO C 217 -14.04 -28.82 8.94
CA PRO C 217 -14.87 -28.95 10.15
C PRO C 217 -15.86 -27.81 10.32
N THR C 218 -16.93 -27.86 9.53
CA THR C 218 -17.98 -26.84 9.58
C THR C 218 -19.29 -27.49 9.13
N SER C 219 -20.32 -26.66 8.97
CA SER C 219 -21.67 -27.14 8.74
C SER C 219 -21.98 -27.25 7.25
N ALA C 220 -23.15 -27.82 6.96
CA ALA C 220 -23.54 -28.12 5.58
C ALA C 220 -23.70 -26.86 4.76
N GLY C 221 -24.30 -25.81 5.33
CA GLY C 221 -24.49 -24.59 4.57
C GLY C 221 -23.19 -23.94 4.15
N GLN C 222 -22.25 -23.83 5.11
CA GLN C 222 -20.95 -23.28 4.79
C GLN C 222 -20.22 -24.15 3.77
N ILE C 223 -20.31 -25.47 3.93
CA ILE C 223 -19.64 -26.38 3.00
C ILE C 223 -20.20 -26.19 1.59
N LYS C 224 -21.52 -26.04 1.47
CA LYS C 224 -22.13 -25.86 0.15
C LYS C 224 -21.73 -24.52 -0.46
N LEU C 225 -21.78 -23.45 0.33
CA LEU C 225 -21.37 -22.15 -0.20
C LEU C 225 -19.92 -22.19 -0.67
N MET C 226 -19.06 -22.87 0.08
CA MET C 226 -17.66 -22.99 -0.34
C MET C 226 -17.52 -23.87 -1.59
N LEU C 227 -18.31 -24.94 -1.68
CA LEU C 227 -18.32 -25.72 -2.91
C LEU C 227 -18.68 -24.85 -4.10
N GLU C 228 -19.54 -23.86 -3.89
CA GLU C 228 -19.91 -22.96 -4.99
C GLU C 228 -18.85 -21.90 -5.26
N ASN C 229 -18.16 -21.42 -4.24
CA ASN C 229 -17.18 -20.32 -4.37
C ASN C 229 -15.75 -20.80 -4.11
N ARG C 230 -15.46 -22.03 -4.53
CA ARG C 230 -14.12 -22.59 -4.34
C ARG C 230 -13.01 -21.76 -4.98
N CYS C 231 -13.26 -21.04 -6.07
CA CYS C 231 -12.16 -20.25 -6.64
C CYS C 231 -11.92 -19.00 -5.79
N MET C 232 -12.95 -18.47 -5.13
CA MET C 232 -12.70 -17.46 -4.11
C MET C 232 -11.88 -18.03 -2.95
N VAL C 233 -12.19 -19.27 -2.56
CA VAL C 233 -11.39 -19.94 -1.54
C VAL C 233 -9.94 -20.00 -1.98
N ARG C 234 -9.71 -20.40 -3.22
CA ARG C 234 -8.34 -20.47 -3.76
C ARG C 234 -7.67 -19.10 -3.74
N ARG C 235 -8.41 -18.06 -4.12
CA ARG C 235 -7.86 -16.72 -4.09
C ARG C 235 -7.41 -16.34 -2.69
N LYS C 236 -8.21 -16.69 -1.68
CA LYS C 236 -7.91 -16.29 -0.31
C LYS C 236 -6.89 -17.21 0.38
N GLY C 237 -6.59 -18.37 -0.19
CA GLY C 237 -5.62 -19.28 0.40
C GLY C 237 -4.19 -18.97 0.00
N PHE C 238 -3.27 -19.78 0.50
CA PHE C 238 -1.84 -19.67 0.17
C PHE C 238 -1.14 -20.95 0.61
N GLY C 239 0.15 -21.05 0.28
CA GLY C 239 0.92 -22.23 0.57
C GLY C 239 2.25 -21.90 1.24
N ILE C 240 2.93 -22.95 1.70
CA ILE C 240 4.21 -22.82 2.38
C ILE C 240 5.02 -24.09 2.14
N LEU C 241 6.34 -23.93 2.07
CA LEU C 241 7.26 -25.04 1.86
C LEU C 241 7.83 -25.49 3.21
N ILE C 242 7.68 -26.78 3.50
CA ILE C 242 8.30 -27.35 4.69
C ILE C 242 9.78 -27.56 4.46
N GLY C 243 10.12 -28.39 3.47
CA GLY C 243 11.51 -28.65 3.16
C GLY C 243 11.61 -29.78 2.15
N VAL C 244 12.86 -30.18 1.89
CA VAL C 244 13.15 -31.29 0.98
C VAL C 244 13.73 -32.42 1.82
N TYR C 245 13.00 -33.53 1.88
CA TYR C 245 13.38 -34.68 2.68
C TYR C 245 13.65 -35.84 1.72
N GLY C 246 14.91 -36.26 1.65
CA GLY C 246 15.29 -37.29 0.69
C GLY C 246 15.13 -36.79 -0.73
N SER C 247 14.12 -37.29 -1.43
CA SER C 247 13.79 -36.87 -2.78
C SER C 247 12.30 -36.56 -2.89
N SER C 248 11.75 -35.90 -1.88
CA SER C 248 10.34 -35.60 -1.82
C SER C 248 10.15 -34.17 -1.32
N VAL C 249 9.43 -33.36 -2.09
CA VAL C 249 9.11 -32.00 -1.69
C VAL C 249 7.84 -32.04 -0.86
N ILE C 250 7.93 -31.60 0.39
CA ILE C 250 6.81 -31.57 1.31
C ILE C 250 6.42 -30.11 1.53
N TYR C 251 5.18 -29.78 1.16
CA TYR C 251 4.64 -28.45 1.36
C TYR C 251 3.21 -28.56 1.86
N MET C 252 2.69 -27.46 2.38
CA MET C 252 1.35 -27.43 2.95
C MET C 252 0.60 -26.23 2.41
N VAL C 253 -0.73 -26.33 2.41
CA VAL C 253 -1.62 -25.29 1.95
C VAL C 253 -2.53 -24.89 3.10
N GLN C 254 -2.56 -23.59 3.41
CA GLN C 254 -3.33 -23.06 4.53
C GLN C 254 -4.63 -22.49 3.97
N LEU C 255 -5.66 -23.34 3.94
CA LEU C 255 -6.93 -22.94 3.34
C LEU C 255 -7.78 -22.15 4.33
N PRO C 256 -8.66 -21.28 3.82
CA PRO C 256 -9.53 -20.49 4.70
C PRO C 256 -10.85 -21.19 4.99
N ILE C 257 -11.27 -21.13 6.25
CA ILE C 257 -12.52 -21.73 6.70
C ILE C 257 -13.57 -20.63 6.76
N PHE C 258 -14.59 -20.72 5.91
CA PHE C 258 -15.71 -19.76 5.94
C PHE C 258 -16.80 -20.35 6.83
N GLY C 259 -16.65 -20.13 8.13
CA GLY C 259 -17.57 -20.66 9.11
C GLY C 259 -18.83 -19.85 9.32
N VAL C 260 -18.95 -18.70 8.68
CA VAL C 260 -20.13 -17.85 8.78
C VAL C 260 -20.60 -17.50 7.38
N ILE C 261 -21.90 -17.61 7.13
CA ILE C 261 -22.48 -17.27 5.84
C ILE C 261 -23.87 -16.67 6.07
N ASP C 262 -24.29 -15.82 5.14
CA ASP C 262 -25.63 -15.23 5.14
C ASP C 262 -25.87 -14.45 6.44
N THR C 263 -25.10 -13.40 6.63
CA THR C 263 -25.25 -12.47 7.73
C THR C 263 -25.27 -11.04 7.20
N PRO C 264 -25.90 -10.12 7.93
CA PRO C 264 -26.01 -8.74 7.42
C PRO C 264 -24.66 -8.06 7.28
N CYS C 265 -24.53 -7.24 6.24
CA CYS C 265 -23.35 -6.42 6.03
C CYS C 265 -23.75 -5.17 5.27
N TRP C 266 -22.92 -4.13 5.38
CA TRP C 266 -23.17 -2.89 4.66
C TRP C 266 -21.84 -2.18 4.42
N ILE C 267 -21.86 -1.22 3.49
CA ILE C 267 -20.69 -0.46 3.11
C ILE C 267 -21.03 1.03 3.17
N VAL C 268 -20.06 1.83 3.59
CA VAL C 268 -20.23 3.27 3.74
C VAL C 268 -19.25 3.97 2.80
N LYS C 269 -19.76 4.98 2.09
CA LYS C 269 -18.96 5.81 1.21
C LYS C 269 -19.24 7.28 1.52
N ALA C 270 -18.25 8.13 1.26
CA ALA C 270 -18.38 9.55 1.58
C ALA C 270 -17.59 10.37 0.58
N ALA C 271 -17.94 11.64 0.50
CA ALA C 271 -17.25 12.62 -0.33
C ALA C 271 -17.17 13.94 0.45
N PRO C 272 -16.21 14.79 0.12
CA PRO C 272 -16.05 16.04 0.88
C PRO C 272 -17.33 16.86 0.90
N SER C 273 -17.87 17.07 2.10
CA SER C 273 -19.05 17.90 2.30
C SER C 273 -18.59 19.30 2.66
N CYS C 274 -18.32 20.10 1.63
CA CYS C 274 -17.82 21.45 1.79
C CYS C 274 -18.96 22.46 1.74
N SER C 275 -18.74 23.61 2.36
CA SER C 275 -19.74 24.66 2.42
C SER C 275 -19.03 26.02 2.45
N GLU C 276 -19.37 26.88 1.50
CA GLU C 276 -18.73 28.18 1.37
C GLU C 276 -19.42 29.22 2.24
N LYS C 277 -18.62 30.11 2.82
CA LYS C 277 -19.14 31.27 3.54
C LYS C 277 -18.03 32.32 3.61
N LYS C 278 -18.35 33.54 3.17
CA LYS C 278 -17.40 34.66 3.18
C LYS C 278 -16.16 34.33 2.36
N GLY C 279 -16.30 33.51 1.33
CA GLY C 279 -15.20 33.15 0.46
C GLY C 279 -14.33 32.02 0.98
N ASN C 280 -14.47 31.65 2.25
CA ASN C 280 -13.73 30.53 2.82
C ASN C 280 -14.63 29.30 2.86
N TYR C 281 -14.03 28.12 2.91
CA TYR C 281 -14.77 26.88 2.96
C TYR C 281 -14.49 26.16 4.28
N ALA C 282 -15.27 25.11 4.52
CA ALA C 282 -15.07 24.25 5.69
C ALA C 282 -15.55 22.86 5.29
N CYS C 283 -14.62 21.97 4.98
CA CYS C 283 -14.93 20.65 4.46
C CYS C 283 -14.83 19.60 5.57
N LEU C 284 -15.45 18.45 5.30
CA LEU C 284 -15.32 17.30 6.18
C LEU C 284 -15.43 16.04 5.32
N LEU C 285 -14.89 14.94 5.84
CA LEU C 285 -14.92 13.66 5.15
C LEU C 285 -14.91 12.56 6.20
N ARG C 286 -15.91 11.68 6.13
CA ARG C 286 -16.01 10.61 7.11
C ARG C 286 -14.88 9.60 6.92
N GLU C 287 -14.15 9.34 8.00
CA GLU C 287 -13.02 8.41 7.97
C GLU C 287 -13.41 6.99 8.34
N ASP C 288 -14.67 6.75 8.69
CA ASP C 288 -15.15 5.43 9.08
C ASP C 288 -15.80 4.71 7.90
N GLN C 289 -15.25 4.91 6.71
CA GLN C 289 -15.73 4.26 5.50
C GLN C 289 -15.22 2.82 5.46
N GLY C 290 -15.90 2.00 4.67
CA GLY C 290 -15.52 0.62 4.49
C GLY C 290 -16.67 -0.32 4.77
N TRP C 291 -16.33 -1.58 5.02
CA TRP C 291 -17.31 -2.63 5.20
C TRP C 291 -17.61 -2.87 6.68
N TYR C 292 -18.84 -3.30 6.95
CA TYR C 292 -19.26 -3.72 8.28
C TYR C 292 -20.09 -4.98 8.14
N CYS C 293 -20.16 -5.75 9.23
CA CYS C 293 -20.97 -6.96 9.25
C CYS C 293 -21.44 -7.21 10.67
N GLN C 294 -22.52 -7.98 10.79
CA GLN C 294 -23.13 -8.31 12.08
C GLN C 294 -22.97 -9.80 12.34
N ASN C 295 -22.66 -10.14 13.59
CA ASN C 295 -22.45 -11.54 13.97
C ASN C 295 -22.93 -11.72 15.40
N ALA C 296 -24.17 -12.18 15.56
CA ALA C 296 -24.74 -12.53 16.85
C ALA C 296 -24.49 -11.43 17.89
N GLY C 297 -24.99 -10.24 17.59
CA GLY C 297 -24.84 -9.13 18.51
C GLY C 297 -23.47 -8.49 18.52
N SER C 298 -22.61 -8.83 17.56
CA SER C 298 -21.27 -8.26 17.47
C SER C 298 -21.12 -7.62 16.10
N THR C 299 -20.79 -6.34 16.07
CA THR C 299 -20.50 -5.61 14.85
C THR C 299 -18.99 -5.55 14.64
N VAL C 300 -18.54 -5.92 13.45
CA VAL C 300 -17.13 -6.07 13.14
C VAL C 300 -16.77 -5.13 12.00
N TYR C 301 -15.77 -4.29 12.22
CA TYR C 301 -15.28 -3.36 11.22
C TYR C 301 -14.11 -3.99 10.48
N TYR C 302 -14.12 -3.86 9.15
CA TYR C 302 -13.08 -4.42 8.27
C TYR C 302 -12.48 -3.26 7.49
N PRO C 303 -11.58 -2.48 8.12
CA PRO C 303 -11.21 -1.17 7.56
C PRO C 303 -10.14 -1.20 6.49
N CYS C 304 -9.32 -2.24 6.41
CA CYS C 304 -8.25 -2.24 5.41
C CYS C 304 -8.76 -2.80 4.09
N GLU C 305 -8.17 -2.32 3.00
CA GLU C 305 -8.78 -2.38 1.68
C GLU C 305 -8.34 -3.59 0.85
N LYS C 306 -7.80 -4.62 1.48
CA LYS C 306 -7.25 -5.75 0.74
C LYS C 306 -7.89 -7.09 1.12
N ASP C 307 -8.93 -7.09 1.96
CA ASP C 307 -9.47 -8.34 2.48
C ASP C 307 -10.97 -8.47 2.28
N CYS C 308 -11.63 -7.40 1.82
CA CYS C 308 -13.09 -7.40 1.68
C CYS C 308 -13.42 -7.26 0.20
N GLU C 309 -13.86 -8.36 -0.42
CA GLU C 309 -14.21 -8.40 -1.82
C GLU C 309 -15.68 -8.79 -1.98
N THR C 310 -16.38 -8.08 -2.85
CA THR C 310 -17.78 -8.36 -3.12
C THR C 310 -17.92 -9.27 -4.34
N ARG C 311 -18.95 -10.12 -4.31
CA ARG C 311 -19.33 -10.95 -5.46
C ARG C 311 -20.86 -10.98 -5.49
N GLY C 312 -21.44 -10.05 -6.24
CA GLY C 312 -22.89 -9.96 -6.33
C GLY C 312 -23.51 -9.42 -5.05
N ASP C 313 -24.30 -10.27 -4.37
CA ASP C 313 -24.91 -9.89 -3.11
C ASP C 313 -24.08 -10.30 -1.90
N HIS C 314 -23.18 -11.27 -2.06
CA HIS C 314 -22.36 -11.74 -0.95
C HIS C 314 -21.05 -10.97 -0.90
N VAL C 315 -20.61 -10.68 0.32
CA VAL C 315 -19.35 -9.97 0.56
C VAL C 315 -18.43 -10.91 1.34
N PHE C 316 -17.25 -11.17 0.79
CA PHE C 316 -16.27 -12.04 1.41
C PHE C 316 -15.25 -11.18 2.15
N CYS C 317 -15.02 -11.51 3.42
CA CYS C 317 -14.05 -10.79 4.22
C CYS C 317 -13.36 -11.78 5.16
N ASP C 318 -12.32 -11.28 5.84
CA ASP C 318 -11.52 -12.08 6.76
C ASP C 318 -11.71 -11.53 8.17
N THR C 319 -12.00 -12.44 9.12
CA THR C 319 -12.28 -12.03 10.49
C THR C 319 -11.02 -11.66 11.25
N ALA C 320 -9.85 -12.13 10.81
CA ALA C 320 -8.61 -11.72 11.44
C ALA C 320 -8.27 -10.26 11.12
N ALA C 321 -8.75 -9.76 9.98
CA ALA C 321 -8.54 -8.39 9.58
C ALA C 321 -9.65 -7.46 10.06
N GLY C 322 -10.55 -7.95 10.91
CA GLY C 322 -11.67 -7.17 11.38
C GLY C 322 -11.46 -6.69 12.81
N ILE C 323 -11.97 -5.50 13.09
CA ILE C 323 -11.90 -4.89 14.41
C ILE C 323 -13.30 -4.94 15.03
N ASN C 324 -13.39 -5.41 16.26
CA ASN C 324 -14.66 -5.53 16.97
C ASN C 324 -15.07 -4.14 17.46
N VAL C 325 -15.92 -3.48 16.69
CA VAL C 325 -16.40 -2.15 17.04
C VAL C 325 -17.69 -2.27 17.86
N ALA C 326 -17.97 -1.25 18.66
CA ALA C 326 -19.18 -1.22 19.47
C ALA C 326 -20.41 -1.17 18.58
N GLU C 327 -21.54 -1.64 19.13
CA GLU C 327 -22.81 -1.63 18.39
C GLU C 327 -23.24 -0.23 18.01
N GLN C 328 -23.46 0.58 19.03
CA GLN C 328 -23.67 2.02 19.00
C GLN C 328 -23.03 2.72 17.80
N SER C 329 -21.90 2.22 17.32
CA SER C 329 -21.25 2.82 16.15
C SER C 329 -22.18 2.94 14.95
N LYS C 330 -23.30 2.20 14.90
CA LYS C 330 -24.24 2.33 13.80
C LYS C 330 -25.07 3.60 13.88
N GLU C 331 -24.98 4.35 14.99
CA GLU C 331 -25.74 5.58 15.16
C GLU C 331 -25.13 6.76 14.42
N CYS C 332 -23.87 6.65 13.96
CA CYS C 332 -23.29 7.71 13.15
C CYS C 332 -23.92 7.76 11.76
N ASN C 333 -24.62 6.70 11.35
CA ASN C 333 -25.31 6.68 10.06
C ASN C 333 -26.68 7.34 10.12
N ILE C 334 -27.11 7.79 11.30
CA ILE C 334 -28.44 8.37 11.48
C ILE C 334 -28.34 9.80 12.00
N ASN C 335 -27.67 9.98 13.14
CA ASN C 335 -27.55 11.29 13.80
C ASN C 335 -26.11 11.56 14.17
N ILE C 336 -25.22 11.42 13.19
CA ILE C 336 -23.79 11.66 13.36
C ILE C 336 -23.56 12.94 14.14
N SER C 337 -24.39 13.97 13.89
CA SER C 337 -24.20 15.25 14.54
C SER C 337 -24.52 15.17 16.04
N THR C 338 -25.69 14.63 16.38
CA THR C 338 -26.18 14.62 17.76
C THR C 338 -26.14 13.22 18.36
N THR C 339 -25.14 12.42 18.00
CA THR C 339 -24.91 11.13 18.63
C THR C 339 -23.77 11.24 19.63
N ASN C 340 -23.82 10.40 20.66
CA ASN C 340 -22.79 10.38 21.69
C ASN C 340 -21.60 9.50 21.33
N TYR C 341 -21.70 8.72 20.25
CA TYR C 341 -20.56 7.96 19.77
C TYR C 341 -19.56 8.92 19.11
N PRO C 342 -18.25 8.81 19.43
CA PRO C 342 -17.28 9.68 18.75
C PRO C 342 -17.04 9.30 17.30
N CYS C 343 -17.91 9.77 16.41
CA CYS C 343 -17.77 9.46 15.00
C CYS C 343 -16.49 10.07 14.43
N LYS C 344 -15.81 9.33 13.57
CA LYS C 344 -14.54 9.75 13.00
C LYS C 344 -14.75 10.50 11.70
N VAL C 345 -14.05 11.63 11.54
CA VAL C 345 -14.10 12.41 10.31
C VAL C 345 -12.78 13.13 10.12
N SER C 346 -12.36 13.26 8.85
CA SER C 346 -11.28 14.16 8.51
C SER C 346 -11.83 15.57 8.32
N CYS C 347 -10.93 16.56 8.39
CA CYS C 347 -11.35 17.95 8.37
C CYS C 347 -10.30 18.79 7.66
N GLY C 348 -10.73 19.97 7.22
CA GLY C 348 -9.85 20.86 6.50
C GLY C 348 -10.58 22.12 6.10
N ARG C 349 -9.91 22.93 5.28
CA ARG C 349 -10.50 24.16 4.77
C ARG C 349 -10.29 24.32 3.27
N HIS C 350 -9.58 23.38 2.63
CA HIS C 350 -9.38 23.43 1.19
C HIS C 350 -10.41 22.58 0.47
N PRO C 351 -11.26 23.12 -0.40
CA PRO C 351 -12.19 22.27 -1.13
C PRO C 351 -11.48 21.26 -2.01
N ILE C 352 -12.03 20.05 -2.06
CA ILE C 352 -11.64 19.02 -3.01
C ILE C 352 -12.88 18.61 -3.80
N SER C 353 -12.83 18.77 -5.12
CA SER C 353 -13.88 18.33 -6.02
C SER C 353 -13.57 16.94 -6.55
N MET C 354 -14.49 15.99 -6.33
CA MET C 354 -14.30 14.61 -6.72
C MET C 354 -15.65 13.94 -6.87
N VAL C 355 -15.65 12.76 -7.49
CA VAL C 355 -16.82 11.92 -7.63
C VAL C 355 -16.56 10.61 -6.88
N ALA C 356 -17.36 10.35 -5.85
CA ALA C 356 -17.21 9.14 -5.02
C ALA C 356 -18.29 8.16 -5.45
N LEU C 357 -17.93 7.28 -6.40
CA LEU C 357 -18.90 6.32 -6.91
C LEU C 357 -19.41 5.43 -5.80
N SER C 358 -20.72 5.23 -5.76
CA SER C 358 -21.39 4.36 -4.82
C SER C 358 -21.90 3.10 -5.53
N PRO C 359 -22.29 2.08 -4.76
CA PRO C 359 -22.73 0.83 -5.41
C PRO C 359 -23.89 1.02 -6.38
N LEU C 360 -24.84 1.91 -6.07
CA LEU C 360 -25.99 2.14 -6.92
C LEU C 360 -26.06 3.56 -7.47
N GLY C 361 -25.25 4.48 -6.95
CA GLY C 361 -25.29 5.84 -7.46
C GLY C 361 -23.91 6.45 -7.52
N ALA C 362 -23.83 7.75 -7.22
CA ALA C 362 -22.54 8.44 -7.20
C ALA C 362 -22.68 9.80 -6.53
N LEU C 363 -21.81 10.10 -5.57
CA LEU C 363 -21.78 11.39 -4.94
C LEU C 363 -20.87 12.32 -5.74
N VAL C 364 -21.40 13.48 -6.11
CA VAL C 364 -20.69 14.44 -6.95
C VAL C 364 -20.46 15.69 -6.12
N ALA C 365 -19.21 15.99 -5.83
CA ALA C 365 -18.80 17.24 -5.22
C ALA C 365 -17.96 18.09 -6.17
N CYS C 366 -18.38 19.33 -6.39
CA CYS C 366 -17.61 20.28 -7.19
C CYS C 366 -17.97 21.69 -6.75
N TYR C 367 -16.95 22.50 -6.53
CA TYR C 367 -17.10 23.84 -5.96
C TYR C 367 -16.23 24.79 -6.78
N LYS C 368 -16.19 26.03 -6.32
CA LYS C 368 -15.57 27.14 -7.06
C LYS C 368 -14.42 26.67 -7.94
N GLY C 369 -14.56 26.91 -9.24
CA GLY C 369 -13.53 26.58 -10.21
C GLY C 369 -13.69 25.24 -10.91
N VAL C 370 -14.79 24.53 -10.67
CA VAL C 370 -15.04 23.26 -11.35
C VAL C 370 -16.45 23.29 -11.92
N SER C 371 -16.59 22.76 -13.13
CA SER C 371 -17.90 22.58 -13.77
C SER C 371 -18.32 21.12 -13.79
N CYS C 372 -19.56 20.85 -13.36
CA CYS C 372 -20.13 19.52 -13.36
C CYS C 372 -21.28 19.38 -14.37
N SER C 373 -21.50 18.15 -14.81
CA SER C 373 -22.58 17.87 -15.76
C SER C 373 -22.76 16.36 -15.88
N ILE C 374 -24.01 15.95 -16.04
CA ILE C 374 -24.35 14.55 -16.19
C ILE C 374 -24.91 14.30 -17.58
N GLY C 375 -24.87 13.04 -18.01
CA GLY C 375 -25.27 12.69 -19.36
C GLY C 375 -25.42 11.20 -19.51
N SER C 376 -25.46 10.77 -20.77
CA SER C 376 -25.69 9.37 -21.11
C SER C 376 -25.15 9.14 -22.52
N ASN C 377 -25.14 7.88 -22.93
CA ASN C 377 -24.66 7.54 -24.27
C ASN C 377 -25.58 8.10 -25.35
N ARG C 378 -26.88 8.16 -25.09
CA ARG C 378 -27.81 8.73 -26.06
C ARG C 378 -27.46 10.20 -26.33
N VAL C 379 -27.67 11.06 -25.33
CA VAL C 379 -27.33 12.47 -25.43
C VAL C 379 -26.13 12.74 -24.54
N GLY C 380 -25.09 13.31 -25.13
CA GLY C 380 -23.92 13.73 -24.36
C GLY C 380 -24.28 14.44 -23.07
N ILE C 381 -24.96 15.58 -23.19
CA ILE C 381 -25.22 16.45 -22.05
C ILE C 381 -26.70 16.38 -21.69
N ILE C 382 -26.99 16.19 -20.40
CA ILE C 382 -28.35 16.22 -19.90
C ILE C 382 -28.63 17.50 -19.12
N LYS C 383 -27.79 17.83 -18.15
CA LYS C 383 -27.99 19.02 -17.35
C LYS C 383 -26.67 19.42 -16.70
N GLN C 384 -26.64 20.64 -16.18
CA GLN C 384 -25.47 21.19 -15.49
C GLN C 384 -25.74 21.16 -13.99
N LEU C 385 -24.99 20.32 -13.28
CA LEU C 385 -25.17 20.19 -11.84
C LEU C 385 -24.84 21.50 -11.15
N ASN C 386 -25.38 21.66 -9.94
CA ASN C 386 -25.18 22.87 -9.15
C ASN C 386 -23.95 22.71 -8.28
N LYS C 387 -23.70 23.68 -7.39
CA LYS C 387 -22.54 23.67 -6.51
C LYS C 387 -22.89 22.96 -5.21
N GLY C 388 -22.00 22.09 -4.74
CA GLY C 388 -22.28 21.32 -3.53
C GLY C 388 -22.41 19.84 -3.84
N CYS C 389 -22.71 19.09 -2.79
CA CYS C 389 -22.80 17.64 -2.90
C CYS C 389 -24.16 17.25 -3.46
N SER C 390 -24.16 16.19 -4.26
CA SER C 390 -25.28 15.89 -5.12
C SER C 390 -25.27 14.39 -5.39
N TYR C 391 -26.43 13.79 -5.23
CA TYR C 391 -26.59 12.36 -5.41
C TYR C 391 -27.16 12.09 -6.80
N ILE C 392 -26.40 11.39 -7.62
CA ILE C 392 -26.81 11.06 -8.98
C ILE C 392 -27.20 9.59 -9.01
N THR C 393 -28.47 9.32 -9.27
CA THR C 393 -28.97 7.95 -9.31
C THR C 393 -28.55 7.26 -10.61
N ASN C 394 -28.23 5.97 -10.51
CA ASN C 394 -27.85 5.22 -11.71
C ASN C 394 -28.99 5.14 -12.70
N GLN C 395 -30.22 4.96 -12.21
CA GLN C 395 -31.37 4.95 -13.10
C GLN C 395 -31.58 6.30 -13.77
N ASP C 396 -30.96 7.36 -13.26
CA ASP C 396 -31.16 8.69 -13.84
C ASP C 396 -30.30 8.92 -15.07
N ALA C 397 -29.05 8.47 -15.03
CA ALA C 397 -28.07 8.78 -16.07
C ALA C 397 -27.07 7.62 -16.15
N ASP C 398 -26.13 7.74 -17.08
CA ASP C 398 -25.11 6.71 -17.23
C ASP C 398 -23.71 7.20 -16.85
N THR C 399 -23.41 8.48 -17.09
CA THR C 399 -22.08 9.03 -16.85
C THR C 399 -22.20 10.43 -16.26
N VAL C 400 -21.12 10.89 -15.63
CA VAL C 400 -21.04 12.22 -15.02
C VAL C 400 -19.64 12.77 -15.24
N THR C 401 -19.57 14.09 -15.47
CA THR C 401 -18.31 14.77 -15.78
C THR C 401 -18.06 15.90 -14.77
N ILE C 402 -16.79 16.13 -14.46
CA ILE C 402 -16.40 17.07 -13.41
C ILE C 402 -15.29 18.01 -13.90
N ASP C 403 -15.10 18.09 -15.22
CA ASP C 403 -14.02 18.83 -15.91
C ASP C 403 -13.22 17.84 -16.76
N ASN C 404 -13.72 17.59 -17.97
CA ASN C 404 -13.03 16.73 -18.93
C ASN C 404 -12.75 15.34 -18.37
N THR C 405 -13.35 15.01 -17.23
CA THR C 405 -13.15 13.72 -16.56
C THR C 405 -14.50 13.01 -16.51
N VAL C 406 -14.63 11.92 -17.26
CA VAL C 406 -15.90 11.21 -17.40
C VAL C 406 -15.89 10.02 -16.46
N TYR C 407 -16.89 9.96 -15.58
CA TYR C 407 -17.12 8.83 -14.70
C TYR C 407 -18.40 8.13 -15.12
N GLN C 408 -18.34 6.82 -15.29
CA GLN C 408 -19.49 6.03 -15.70
C GLN C 408 -20.12 5.37 -14.49
N LEU C 409 -21.42 5.58 -14.30
CA LEU C 409 -22.12 5.04 -13.15
C LEU C 409 -22.34 3.53 -13.30
N SER C 410 -22.63 2.88 -12.17
CA SER C 410 -22.93 1.47 -12.16
C SER C 410 -24.36 1.22 -12.61
N LYS C 411 -24.62 0.00 -13.08
CA LYS C 411 -25.95 -0.40 -13.55
C LYS C 411 -26.54 -1.50 -12.68
N VAL C 412 -26.26 -1.46 -11.38
CA VAL C 412 -26.89 -2.37 -10.43
C VAL C 412 -28.29 -1.86 -10.12
N GLU C 413 -29.19 -2.80 -9.83
CA GLU C 413 -30.61 -2.47 -9.63
C GLU C 413 -30.96 -2.50 -8.16
N GLY C 414 -31.66 -1.47 -7.70
CA GLY C 414 -32.01 -1.35 -6.31
C GLY C 414 -32.63 0.01 -6.05
N GLU C 415 -33.35 0.11 -4.94
CA GLU C 415 -34.07 1.33 -4.63
C GLU C 415 -33.14 2.32 -3.93
N GLN C 416 -33.16 3.56 -4.40
CA GLN C 416 -32.34 4.62 -3.82
C GLN C 416 -33.21 5.54 -2.97
N HIS C 417 -32.68 5.95 -1.82
CA HIS C 417 -33.42 6.75 -0.86
C HIS C 417 -32.66 8.04 -0.57
N VAL C 418 -33.34 8.97 0.08
CA VAL C 418 -32.77 10.25 0.47
C VAL C 418 -33.23 10.57 1.89
N ILE C 419 -32.30 11.04 2.71
CA ILE C 419 -32.55 11.37 4.12
C ILE C 419 -32.27 12.86 4.27
N LYS C 420 -33.32 13.67 4.17
CA LYS C 420 -33.15 15.12 4.20
C LYS C 420 -32.62 15.57 5.55
N GLY C 421 -31.79 16.61 5.53
CA GLY C 421 -31.18 17.11 6.75
C GLY C 421 -30.09 18.10 6.46
N ARG C 422 -30.05 19.19 7.22
CA ARG C 422 -29.04 20.22 6.98
C ARG C 422 -27.65 19.63 7.18
N PRO C 423 -26.77 19.71 6.19
CA PRO C 423 -25.44 19.10 6.35
C PRO C 423 -24.69 19.69 7.53
N VAL C 424 -23.91 18.83 8.20
CA VAL C 424 -23.15 19.26 9.37
C VAL C 424 -22.16 20.34 8.98
N SER C 425 -21.39 20.11 7.92
CA SER C 425 -20.47 21.12 7.43
C SER C 425 -21.10 22.51 7.30
N SER C 426 -22.37 22.60 6.89
CA SER C 426 -23.03 23.88 6.71
C SER C 426 -23.72 24.39 7.96
N SER C 427 -24.04 23.51 8.91
CA SER C 427 -24.87 23.87 10.05
C SER C 427 -24.06 24.16 11.30
N PHE C 428 -22.76 23.86 11.28
CA PHE C 428 -21.90 24.12 12.43
C PHE C 428 -20.76 25.04 12.06
N ASP C 429 -20.23 25.72 13.08
CA ASP C 429 -19.10 26.62 12.92
C ASP C 429 -17.82 25.84 13.18
N PRO C 430 -16.93 25.66 12.19
CA PRO C 430 -15.77 24.78 12.38
C PRO C 430 -14.78 25.35 13.38
N VAL C 431 -13.93 24.46 13.88
CA VAL C 431 -12.89 24.86 14.83
C VAL C 431 -11.87 25.73 14.10
N LYS C 432 -11.52 26.86 14.72
CA LYS C 432 -10.58 27.78 14.09
C LYS C 432 -9.19 27.16 13.97
N PHE C 433 -8.69 26.55 15.05
CA PHE C 433 -7.37 25.95 15.04
C PHE C 433 -7.32 24.76 15.99
N PRO C 434 -6.81 23.60 15.55
CA PRO C 434 -6.38 23.26 14.19
C PRO C 434 -7.58 22.88 13.33
N GLN C 435 -7.61 23.34 12.07
CA GLN C 435 -8.67 22.97 11.16
C GLN C 435 -8.38 21.65 10.46
N ASP C 436 -7.19 21.52 9.87
CA ASP C 436 -6.76 20.29 9.22
C ASP C 436 -6.46 19.24 10.26
N GLN C 437 -7.39 18.30 10.44
CA GLN C 437 -7.16 17.13 11.26
C GLN C 437 -7.38 15.89 10.42
N PHE C 438 -6.42 14.96 10.48
CA PHE C 438 -6.37 13.85 9.54
C PHE C 438 -7.42 12.81 9.87
N ASN C 439 -7.62 12.54 11.16
CA ASN C 439 -8.51 11.47 11.60
C ASN C 439 -8.84 11.69 13.06
N VAL C 440 -10.00 12.32 13.33
CA VAL C 440 -10.33 12.79 14.65
C VAL C 440 -11.83 12.57 14.90
N ALA C 441 -12.24 12.70 16.15
CA ALA C 441 -13.66 12.65 16.45
C ALA C 441 -14.36 13.89 15.91
N LEU C 442 -15.58 13.70 15.42
CA LEU C 442 -16.33 14.81 14.84
C LEU C 442 -16.56 15.94 15.83
N ASP C 443 -16.48 15.65 17.14
CA ASP C 443 -16.63 16.71 18.14
C ASP C 443 -15.54 17.76 17.99
N GLN C 444 -14.29 17.33 17.78
CA GLN C 444 -13.19 18.29 17.79
C GLN C 444 -13.33 19.30 16.66
N CYS C 445 -13.82 18.87 15.50
CA CYS C 445 -13.84 19.74 14.33
C CYS C 445 -14.98 20.76 14.41
N PHE C 446 -16.21 20.27 14.47
CA PHE C 446 -17.40 21.13 14.44
C PHE C 446 -18.05 21.17 15.82
N GLU C 447 -18.65 22.32 16.13
CA GLU C 447 -19.34 22.53 17.40
C GLU C 447 -18.45 22.14 18.57
N SER C 448 -17.19 22.57 18.52
CA SER C 448 -16.21 22.25 19.55
C SER C 448 -16.62 22.87 20.89
N GLN D 1 -43.69 -0.18 -8.67
CA GLN D 1 -42.46 -0.94 -8.67
C GLN D 1 -42.51 -2.07 -7.64
N VAL D 2 -42.93 -1.75 -6.42
CA VAL D 2 -43.06 -2.70 -5.34
C VAL D 2 -44.53 -2.81 -4.96
N GLN D 3 -45.06 -4.03 -4.96
CA GLN D 3 -46.45 -4.28 -4.62
C GLN D 3 -46.53 -5.47 -3.70
N LEU D 4 -46.95 -5.24 -2.45
CA LEU D 4 -47.16 -6.32 -1.49
C LEU D 4 -48.58 -6.85 -1.64
N GLN D 5 -48.69 -8.16 -1.88
CA GLN D 5 -49.98 -8.80 -2.12
C GLN D 5 -50.16 -9.94 -1.13
N GLU D 6 -51.11 -9.79 -0.22
CA GLU D 6 -51.38 -10.84 0.75
C GLU D 6 -51.98 -12.07 0.09
N SER D 7 -51.72 -13.23 0.68
CA SER D 7 -52.23 -14.50 0.16
C SER D 7 -52.48 -15.44 1.33
N GLY D 8 -53.34 -16.43 1.08
CA GLY D 8 -53.67 -17.40 2.09
C GLY D 8 -55.06 -17.97 1.82
N SER D 9 -55.61 -18.61 2.85
CA SER D 9 -56.93 -19.20 2.77
C SER D 9 -57.97 -18.18 3.21
N GLY D 10 -58.94 -17.89 2.34
CA GLY D 10 -59.99 -16.96 2.69
C GLY D 10 -61.00 -17.52 3.67
N LEU D 11 -61.09 -18.84 3.75
CA LEU D 11 -62.00 -19.51 4.67
C LEU D 11 -61.19 -20.22 5.75
N VAL D 12 -61.28 -19.74 6.97
CA VAL D 12 -60.57 -20.31 8.12
C VAL D 12 -61.59 -20.70 9.17
N LYS D 13 -61.61 -21.99 9.53
CA LYS D 13 -62.58 -22.47 10.48
C LYS D 13 -62.27 -21.95 11.89
N PRO D 14 -63.29 -21.75 12.72
CA PRO D 14 -63.05 -21.27 14.08
C PRO D 14 -62.24 -22.28 14.88
N SER D 15 -61.43 -21.77 15.80
CA SER D 15 -60.58 -22.53 16.71
C SER D 15 -59.32 -23.07 16.03
N GLN D 16 -59.14 -22.82 14.74
CA GLN D 16 -57.95 -23.29 14.03
C GLN D 16 -56.79 -22.32 14.26
N THR D 17 -55.71 -22.51 13.53
CA THR D 17 -54.52 -21.67 13.64
C THR D 17 -54.51 -20.63 12.53
N LEU D 18 -54.01 -19.43 12.84
CA LEU D 18 -54.02 -18.31 11.92
C LEU D 18 -52.75 -18.35 11.06
N SER D 19 -52.93 -18.44 9.75
CA SER D 19 -51.83 -18.45 8.80
C SER D 19 -51.98 -17.30 7.83
N LEU D 20 -50.87 -16.61 7.55
CA LEU D 20 -50.88 -15.49 6.63
C LEU D 20 -49.56 -15.46 5.87
N THR D 21 -49.58 -14.78 4.72
CA THR D 21 -48.40 -14.69 3.87
C THR D 21 -48.45 -13.38 3.09
N CYS D 22 -47.28 -12.94 2.65
CA CYS D 22 -47.15 -11.73 1.86
C CYS D 22 -46.11 -11.98 0.76
N ALA D 23 -46.14 -11.13 -0.26
CA ALA D 23 -45.23 -11.25 -1.39
C ALA D 23 -44.85 -9.86 -1.88
N VAL D 24 -43.75 -9.81 -2.63
CA VAL D 24 -43.23 -8.55 -3.17
C VAL D 24 -42.96 -8.74 -4.65
N SER D 25 -43.55 -7.89 -5.48
CA SER D 25 -43.33 -7.88 -6.91
C SER D 25 -42.58 -6.61 -7.31
N GLY D 26 -41.73 -6.72 -8.33
CA GLY D 26 -40.90 -5.61 -8.72
C GLY D 26 -39.77 -5.30 -7.76
N GLY D 27 -39.42 -6.26 -6.90
CA GLY D 27 -38.36 -6.08 -5.93
C GLY D 27 -37.98 -7.42 -5.33
N SER D 28 -37.02 -7.38 -4.41
CA SER D 28 -36.51 -8.58 -3.75
C SER D 28 -36.75 -8.49 -2.25
N ILE D 29 -36.99 -9.64 -1.62
CA ILE D 29 -36.96 -9.70 -0.16
C ILE D 29 -35.53 -9.74 0.34
N SER D 30 -34.77 -10.73 -0.13
CA SER D 30 -33.43 -11.02 0.36
C SER D 30 -32.60 -9.76 0.58
N SER D 31 -32.74 -8.80 -0.31
CA SER D 31 -32.13 -7.48 -0.15
C SER D 31 -33.10 -6.36 -0.46
N GLY D 32 -34.28 -6.40 0.17
CA GLY D 32 -35.34 -5.51 -0.25
C GLY D 32 -35.18 -4.15 0.39
N ASP D 33 -35.98 -3.83 1.40
CA ASP D 33 -35.57 -2.79 2.33
C ASP D 33 -35.17 -3.40 3.67
N SER D 34 -36.10 -4.04 4.38
CA SER D 34 -35.80 -5.18 5.24
C SER D 34 -37.07 -5.58 5.97
N SER D 35 -36.96 -5.71 7.30
CA SER D 35 -38.06 -5.49 8.23
C SER D 35 -39.43 -5.80 7.65
N TRP D 36 -39.54 -6.87 6.84
CA TRP D 36 -40.83 -7.18 6.28
C TRP D 36 -41.83 -7.37 7.42
N SER D 37 -42.69 -6.38 7.62
CA SER D 37 -43.47 -6.29 8.83
C SER D 37 -44.92 -6.71 8.58
N TRP D 38 -45.62 -6.95 9.68
CA TRP D 38 -47.01 -7.41 9.63
C TRP D 38 -47.89 -6.52 10.50
N ILE D 39 -49.18 -6.47 10.17
CA ILE D 39 -50.11 -5.61 10.88
C ILE D 39 -51.51 -6.22 10.86
N ARG D 40 -52.28 -5.91 11.89
CA ARG D 40 -53.69 -6.26 11.95
C ARG D 40 -54.47 -5.08 12.52
N GLN D 41 -55.74 -4.99 12.11
CA GLN D 41 -56.62 -3.88 12.48
C GLN D 41 -57.92 -4.44 13.02
N PRO D 42 -58.01 -4.68 14.32
CA PRO D 42 -59.24 -5.24 14.91
C PRO D 42 -60.39 -4.23 14.85
N PRO D 43 -61.59 -4.68 14.49
CA PRO D 43 -62.76 -3.79 14.62
C PRO D 43 -62.94 -3.35 16.06
N GLY D 44 -63.36 -2.10 16.24
CA GLY D 44 -63.43 -1.48 17.55
C GLY D 44 -62.26 -0.58 17.92
N LYS D 45 -61.04 -1.12 17.96
CA LYS D 45 -59.84 -0.35 18.25
C LYS D 45 -59.24 0.15 16.94
N GLY D 46 -57.93 0.36 16.90
CA GLY D 46 -57.23 0.74 15.69
C GLY D 46 -56.34 -0.34 15.12
N LEU D 47 -55.13 0.06 14.70
CA LEU D 47 -54.14 -0.85 14.11
C LEU D 47 -53.17 -1.35 15.17
N GLU D 48 -52.69 -2.58 14.99
CA GLU D 48 -51.79 -3.21 15.94
C GLU D 48 -50.68 -3.96 15.21
N TRP D 49 -49.45 -3.77 15.66
CA TRP D 49 -48.29 -4.41 15.05
C TRP D 49 -47.97 -5.70 15.80
N ILE D 50 -47.76 -6.78 15.05
CA ILE D 50 -47.51 -8.10 15.63
C ILE D 50 -46.01 -8.33 15.74
N GLY D 51 -45.34 -8.31 14.60
CA GLY D 51 -43.90 -8.54 14.56
C GLY D 51 -43.40 -8.40 13.15
N HIS D 52 -42.08 -8.60 13.00
CA HIS D 52 -41.45 -8.50 11.69
C HIS D 52 -40.27 -9.46 11.63
N VAL D 53 -39.71 -9.59 10.43
CA VAL D 53 -38.49 -10.34 10.19
C VAL D 53 -37.57 -9.49 9.32
N TYR D 54 -36.30 -9.85 9.32
CA TYR D 54 -35.29 -9.15 8.56
C TYR D 54 -34.87 -9.98 7.36
N GLU D 55 -34.13 -9.33 6.45
CA GLU D 55 -33.65 -10.02 5.25
C GLU D 55 -32.72 -11.16 5.59
N SER D 56 -32.06 -11.09 6.75
CA SER D 56 -31.20 -12.18 7.20
C SER D 56 -31.93 -13.22 8.04
N GLY D 57 -32.84 -12.78 8.92
CA GLY D 57 -33.49 -13.70 9.85
C GLY D 57 -33.80 -13.20 11.25
N ASN D 58 -33.37 -12.00 11.62
CA ASN D 58 -33.75 -11.45 12.93
C ASN D 58 -35.26 -11.24 12.97
N THR D 59 -35.89 -11.64 14.07
CA THR D 59 -37.34 -11.66 14.19
C THR D 59 -37.80 -11.04 15.51
N TYR D 60 -38.33 -9.82 15.44
CA TYR D 60 -38.88 -9.13 16.60
C TYR D 60 -40.40 -9.32 16.64
N TYR D 61 -40.94 -9.54 17.85
CA TYR D 61 -42.35 -9.79 18.02
C TYR D 61 -42.91 -8.97 19.17
N ASP D 62 -44.21 -8.67 19.08
CA ASP D 62 -44.86 -7.84 20.08
C ASP D 62 -44.72 -8.45 21.47
N PRO D 63 -44.42 -7.65 22.49
CA PRO D 63 -44.29 -8.21 23.85
C PRO D 63 -45.55 -8.92 24.32
N SER D 64 -46.71 -8.31 24.09
CA SER D 64 -47.98 -8.93 24.47
C SER D 64 -48.60 -9.73 23.33
N LEU D 65 -47.81 -10.13 22.33
CA LEU D 65 -48.29 -11.14 21.40
C LEU D 65 -47.19 -12.09 20.95
N GLN D 66 -45.95 -11.96 21.45
CA GLN D 66 -44.86 -12.77 20.92
C GLN D 66 -44.93 -14.23 21.38
N SER D 67 -45.82 -14.55 22.34
CA SER D 67 -45.90 -15.93 22.81
C SER D 67 -46.48 -16.88 21.78
N ARG D 68 -47.11 -16.38 20.72
CA ARG D 68 -47.75 -17.21 19.71
C ARG D 68 -47.31 -16.95 18.28
N VAL D 69 -46.70 -15.80 18.00
CA VAL D 69 -46.33 -15.46 16.62
C VAL D 69 -44.98 -16.05 16.28
N THR D 70 -44.89 -16.65 15.10
CA THR D 70 -43.63 -17.11 14.52
C THR D 70 -43.59 -16.56 13.10
N ILE D 71 -42.99 -15.38 12.95
CA ILE D 71 -42.90 -14.71 11.65
C ILE D 71 -41.62 -15.18 10.97
N SER D 72 -41.76 -15.74 9.78
CA SER D 72 -40.63 -16.25 9.01
C SER D 72 -40.52 -15.51 7.69
N VAL D 73 -39.32 -15.54 7.13
CA VAL D 73 -39.04 -14.93 5.83
C VAL D 73 -38.32 -15.95 4.96
N ASP D 74 -38.55 -15.87 3.65
CA ASP D 74 -37.94 -16.80 2.70
C ASP D 74 -37.33 -15.97 1.58
N ARG D 75 -35.99 -15.86 1.60
CA ARG D 75 -35.30 -15.04 0.61
C ARG D 75 -35.32 -15.64 -0.78
N SER D 76 -35.58 -16.94 -0.90
CA SER D 76 -35.61 -17.58 -2.21
C SER D 76 -36.90 -17.26 -2.95
N ARG D 77 -38.04 -17.61 -2.35
CA ARG D 77 -39.33 -17.33 -2.97
C ARG D 77 -39.74 -15.87 -2.87
N ASN D 78 -39.05 -15.09 -2.03
CA ASN D 78 -39.33 -13.66 -1.89
C ASN D 78 -40.66 -13.41 -1.17
N GLN D 79 -40.95 -14.19 -0.14
CA GLN D 79 -42.19 -14.06 0.60
C GLN D 79 -41.92 -14.29 2.08
N PHE D 80 -42.42 -13.38 2.91
CA PHE D 80 -42.40 -13.53 4.36
C PHE D 80 -43.81 -13.83 4.85
N SER D 81 -43.95 -14.89 5.65
CA SER D 81 -45.24 -15.40 6.07
C SER D 81 -45.47 -15.12 7.55
N LEU D 82 -46.66 -15.50 8.02
CA LEU D 82 -47.05 -15.33 9.41
C LEU D 82 -47.71 -16.61 9.91
N LYS D 83 -47.61 -16.83 11.21
CA LYS D 83 -48.23 -17.99 11.85
C LYS D 83 -48.70 -17.58 13.24
N LEU D 84 -50.01 -17.48 13.42
CA LEU D 84 -50.62 -17.07 14.68
C LEU D 84 -51.45 -18.21 15.23
N THR D 85 -51.17 -18.59 16.47
CA THR D 85 -51.87 -19.68 17.13
C THR D 85 -52.78 -19.15 18.22
N SER D 86 -53.72 -20.00 18.64
CA SER D 86 -54.69 -19.66 19.67
C SER D 86 -55.56 -18.48 19.24
N VAL D 87 -56.24 -18.66 18.11
CA VAL D 87 -57.14 -17.63 17.61
C VAL D 87 -58.39 -17.56 18.47
N THR D 88 -58.92 -16.34 18.64
CA THR D 88 -60.10 -16.12 19.45
C THR D 88 -61.06 -15.24 18.68
N VAL D 89 -62.16 -14.84 19.34
CA VAL D 89 -63.13 -13.94 18.72
C VAL D 89 -62.54 -12.56 18.51
N ALA D 90 -61.67 -12.12 19.42
CA ALA D 90 -61.05 -10.80 19.32
C ALA D 90 -59.99 -10.72 18.24
N ASP D 91 -59.62 -11.85 17.61
CA ASP D 91 -58.63 -11.87 16.55
C ASP D 91 -59.26 -11.85 15.16
N THR D 92 -60.49 -11.38 15.05
CA THR D 92 -61.17 -11.24 13.76
C THR D 92 -61.05 -9.79 13.33
N ALA D 93 -60.24 -9.54 12.31
CA ALA D 93 -59.93 -8.18 11.87
C ALA D 93 -59.30 -8.26 10.48
N VAL D 94 -58.76 -7.14 10.02
CA VAL D 94 -58.07 -7.05 8.74
C VAL D 94 -56.57 -7.04 9.02
N TYR D 95 -55.85 -7.99 8.43
CA TYR D 95 -54.41 -8.15 8.65
C TYR D 95 -53.66 -7.65 7.42
N TYR D 96 -52.61 -6.88 7.66
CA TYR D 96 -51.84 -6.25 6.59
C TYR D 96 -50.37 -6.64 6.67
N CYS D 97 -49.76 -6.87 5.52
CA CYS D 97 -48.32 -6.96 5.39
C CYS D 97 -47.79 -5.63 4.84
N ALA D 98 -46.56 -5.28 5.22
CA ALA D 98 -46.03 -3.98 4.88
C ALA D 98 -44.52 -4.04 4.80
N ARG D 99 -43.92 -2.95 4.31
CA ARG D 99 -42.47 -2.81 4.21
C ARG D 99 -42.04 -1.58 4.98
N GLU D 100 -40.83 -1.60 5.54
CA GLU D 100 -40.39 -0.60 6.49
C GLU D 100 -39.51 0.47 5.85
N GLY D 101 -39.65 1.69 6.38
CA GLY D 101 -38.93 2.86 5.90
C GLY D 101 -37.71 3.16 6.76
N ASN D 102 -36.60 2.45 6.50
CA ASN D 102 -35.43 2.51 7.37
C ASN D 102 -34.88 3.92 7.48
N TYR D 103 -35.61 4.78 8.19
CA TYR D 103 -35.12 6.14 8.46
C TYR D 103 -34.12 6.13 9.60
N GLY D 104 -34.61 5.96 10.82
CA GLY D 104 -33.74 5.79 11.97
C GLY D 104 -33.36 4.34 12.13
N TRP D 105 -34.36 3.51 12.40
CA TRP D 105 -34.23 2.08 12.21
C TRP D 105 -35.47 1.44 11.61
N ASP D 106 -36.62 2.12 11.61
CA ASP D 106 -37.85 1.49 11.15
C ASP D 106 -38.98 2.51 11.03
N TYR D 107 -39.70 2.45 9.91
CA TYR D 107 -40.93 3.20 9.67
C TYR D 107 -41.66 2.48 8.55
N PHE D 108 -42.98 2.70 8.44
CA PHE D 108 -43.75 2.03 7.41
C PHE D 108 -43.91 2.91 6.18
N ASP D 109 -43.61 2.35 5.01
CA ASP D 109 -43.73 3.05 3.74
C ASP D 109 -44.57 2.33 2.71
N TYR D 110 -44.72 1.01 2.80
CA TYR D 110 -45.49 0.22 1.86
C TYR D 110 -46.45 -0.68 2.62
N TRP D 111 -47.67 -0.78 2.12
CA TRP D 111 -48.69 -1.63 2.71
C TRP D 111 -49.32 -2.51 1.64
N GLY D 112 -49.92 -3.60 2.08
CA GLY D 112 -50.64 -4.49 1.18
C GLY D 112 -52.12 -4.13 1.08
N GLN D 113 -52.81 -4.84 0.18
CA GLN D 113 -54.23 -4.60 0.00
C GLN D 113 -55.02 -4.98 1.25
N GLY D 114 -54.69 -6.11 1.85
CA GLY D 114 -55.39 -6.58 3.03
C GLY D 114 -56.18 -7.85 2.77
N THR D 115 -55.81 -8.95 3.44
CA THR D 115 -56.49 -10.22 3.30
C THR D 115 -57.46 -10.39 4.45
N LEU D 116 -58.75 -10.51 4.12
CA LEU D 116 -59.81 -10.66 5.12
C LEU D 116 -60.45 -12.03 4.96
N VAL D 117 -60.71 -12.68 6.10
CA VAL D 117 -61.42 -13.96 6.14
C VAL D 117 -62.79 -13.70 6.75
N THR D 118 -63.84 -14.08 6.02
CA THR D 118 -65.20 -13.78 6.41
C THR D 118 -65.89 -15.04 6.92
N VAL D 119 -66.61 -14.90 8.03
CA VAL D 119 -67.31 -16.01 8.68
C VAL D 119 -68.80 -15.75 8.54
N SER D 120 -69.48 -16.60 7.77
CA SER D 120 -70.91 -16.48 7.55
C SER D 120 -71.59 -17.81 7.87
N SER D 121 -72.80 -17.72 8.42
CA SER D 121 -73.56 -18.91 8.78
C SER D 121 -75.06 -18.60 8.85
N ASP E 1 -52.71 -0.69 25.22
CA ASP E 1 -52.11 -0.75 26.54
C ASP E 1 -52.00 0.65 27.14
N ILE E 2 -51.71 1.64 26.30
CA ILE E 2 -51.58 3.03 26.71
C ILE E 2 -52.67 3.83 26.02
N GLN E 3 -53.34 4.70 26.77
CA GLN E 3 -54.45 5.49 26.26
C GLN E 3 -54.03 6.95 26.13
N MET E 4 -54.39 7.54 24.99
CA MET E 4 -54.12 8.95 24.72
C MET E 4 -55.42 9.66 24.37
N THR E 5 -55.49 10.94 24.69
CA THR E 5 -56.69 11.74 24.49
C THR E 5 -56.51 12.64 23.28
N SER E 6 -57.46 12.56 22.35
CA SER E 6 -57.46 13.37 21.14
C SER E 6 -58.90 13.49 20.64
N PRO E 7 -59.20 14.52 19.85
CA PRO E 7 -60.56 14.69 19.35
C PRO E 7 -61.01 13.48 18.54
N PHE E 8 -62.28 13.10 18.72
CA PHE E 8 -62.82 11.96 17.99
C PHE E 8 -62.87 12.25 16.50
N SER E 9 -63.35 13.44 16.12
CA SER E 9 -63.47 13.81 14.72
C SER E 9 -63.48 15.33 14.62
N LEU E 10 -63.26 15.82 13.41
CA LEU E 10 -63.23 17.25 13.14
C LEU E 10 -63.79 17.51 11.75
N SER E 11 -64.41 18.67 11.57
CA SER E 11 -65.02 19.04 10.30
C SER E 11 -64.59 20.45 9.92
N ALA E 12 -64.54 20.70 8.62
CA ALA E 12 -64.16 22.01 8.08
C ALA E 12 -64.38 21.98 6.57
N SER E 13 -64.14 23.13 5.94
CA SER E 13 -64.33 23.28 4.50
C SER E 13 -62.98 23.23 3.79
N VAL E 14 -63.03 23.13 2.46
CA VAL E 14 -61.82 23.07 1.66
C VAL E 14 -61.00 24.33 1.87
N GLY E 15 -59.70 24.17 1.99
CA GLY E 15 -58.81 25.29 2.22
C GLY E 15 -58.69 25.75 3.66
N ASP E 16 -59.24 25.01 4.60
CA ASP E 16 -59.18 25.37 6.00
C ASP E 16 -57.88 24.87 6.63
N ARG E 17 -57.57 25.42 7.81
CA ARG E 17 -56.39 25.01 8.56
C ARG E 17 -56.72 23.78 9.38
N VAL E 18 -56.22 22.62 8.95
CA VAL E 18 -56.49 21.35 9.61
C VAL E 18 -55.29 20.99 10.47
N THR E 19 -55.53 20.82 11.77
CA THR E 19 -54.47 20.52 12.73
C THR E 19 -54.82 19.25 13.48
N ILE E 20 -53.82 18.38 13.67
CA ILE E 20 -53.98 17.12 14.39
C ILE E 20 -52.93 17.06 15.50
N THR E 21 -53.24 16.30 16.53
CA THR E 21 -52.34 16.13 17.66
C THR E 21 -52.33 14.67 18.08
N CYS E 22 -51.13 14.13 18.30
CA CYS E 22 -50.95 12.74 18.69
C CYS E 22 -50.12 12.72 19.97
N ARG E 23 -50.72 12.21 21.06
CA ARG E 23 -50.08 12.19 22.36
C ARG E 23 -49.44 10.85 22.63
N ALA E 24 -48.43 10.86 23.50
CA ALA E 24 -47.72 9.65 23.87
C ALA E 24 -47.51 9.62 25.38
N SER E 25 -47.40 8.42 25.93
CA SER E 25 -47.23 8.29 27.37
C SER E 25 -45.76 8.33 27.77
N GLN E 26 -44.90 7.61 27.05
CA GLN E 26 -43.51 7.56 27.47
C GLN E 26 -42.68 8.68 26.86
N SER E 27 -42.27 8.48 25.61
CA SER E 27 -41.33 9.36 24.92
C SER E 27 -41.27 9.04 23.44
N ILE E 28 -41.13 10.07 22.60
CA ILE E 28 -41.17 9.88 21.16
C ILE E 28 -39.92 10.46 20.48
N ASN E 29 -39.34 11.51 21.06
CA ASN E 29 -38.19 12.18 20.47
C ASN E 29 -38.49 12.58 19.03
N SER E 30 -38.06 11.76 18.08
CA SER E 30 -38.36 12.03 16.68
C SER E 30 -38.79 10.78 15.93
N TYR E 31 -39.08 9.69 16.62
CA TYR E 31 -39.52 8.46 15.97
C TYR E 31 -41.05 8.39 15.89
N LEU E 32 -41.68 9.45 15.43
CA LEU E 32 -43.12 9.51 15.26
C LEU E 32 -43.47 9.39 13.78
N ASN E 33 -44.58 8.72 13.49
CA ASN E 33 -45.00 8.49 12.12
C ASN E 33 -46.46 8.92 11.96
N TRP E 34 -46.81 9.26 10.71
CA TRP E 34 -48.15 9.72 10.37
C TRP E 34 -48.68 8.88 9.22
N TYR E 35 -49.93 8.44 9.34
CA TYR E 35 -50.58 7.64 8.32
C TYR E 35 -51.97 8.18 8.04
N GLN E 36 -52.37 8.15 6.76
CA GLN E 36 -53.71 8.52 6.35
C GLN E 36 -54.40 7.28 5.77
N GLN E 37 -55.61 7.01 6.25
CA GLN E 37 -56.37 5.83 5.80
C GLN E 37 -57.75 6.28 5.35
N LYS E 38 -58.09 5.97 4.11
CA LYS E 38 -59.45 6.14 3.63
C LYS E 38 -60.29 4.94 4.01
N PRO E 39 -61.62 5.08 3.99
CA PRO E 39 -62.47 3.93 4.30
C PRO E 39 -62.21 2.78 3.34
N GLY E 40 -61.95 1.61 3.91
CA GLY E 40 -61.68 0.43 3.10
C GLY E 40 -60.37 0.44 2.37
N LYS E 41 -59.36 1.13 2.89
CA LYS E 41 -58.05 1.21 2.26
C LYS E 41 -56.97 1.17 3.33
N ALA E 42 -55.78 0.74 2.91
CA ALA E 42 -54.65 0.67 3.84
C ALA E 42 -54.13 2.07 4.14
N PRO E 43 -53.50 2.25 5.31
CA PRO E 43 -52.93 3.56 5.64
C PRO E 43 -51.80 3.93 4.70
N ARG E 44 -51.54 5.23 4.61
CA ARG E 44 -50.50 5.78 3.75
C ARG E 44 -49.48 6.53 4.59
N LEU E 45 -48.21 6.21 4.39
CA LEU E 45 -47.13 6.92 5.09
C LEU E 45 -46.92 8.28 4.43
N LEU E 46 -47.05 9.35 5.23
CA LEU E 46 -46.83 10.70 4.76
C LEU E 46 -45.61 11.36 5.39
N ILE E 47 -45.47 11.26 6.71
CA ILE E 47 -44.36 11.87 7.44
C ILE E 47 -43.68 10.80 8.27
N TYR E 48 -42.35 10.73 8.16
CA TYR E 48 -41.54 9.89 9.02
C TYR E 48 -40.53 10.76 9.76
N ALA E 49 -40.39 10.53 11.05
CA ALA E 49 -39.64 11.35 11.99
C ALA E 49 -40.47 12.55 12.45
N ALA E 50 -41.73 12.65 12.03
CA ALA E 50 -42.62 13.72 12.46
C ALA E 50 -42.26 15.05 11.81
N SER E 51 -41.14 15.10 11.09
CA SER E 51 -40.71 16.31 10.40
C SER E 51 -40.24 16.06 8.97
N SER E 52 -39.89 14.83 8.62
CA SER E 52 -39.47 14.52 7.26
C SER E 52 -40.67 14.16 6.40
N LEU E 53 -40.71 14.71 5.19
CA LEU E 53 -41.82 14.54 4.28
C LEU E 53 -41.51 13.42 3.30
N GLN E 54 -42.35 12.38 3.28
CA GLN E 54 -42.15 11.26 2.38
C GLN E 54 -42.22 11.74 0.93
N SER E 55 -41.37 11.16 0.08
CA SER E 55 -41.35 11.55 -1.32
C SER E 55 -42.70 11.31 -1.97
N GLY E 56 -43.14 12.27 -2.78
CA GLY E 56 -44.40 12.16 -3.47
C GLY E 56 -45.62 12.54 -2.66
N VAL E 57 -45.46 13.40 -1.66
CA VAL E 57 -46.56 13.83 -0.80
C VAL E 57 -46.77 15.33 -1.00
N PRO E 58 -48.00 15.81 -1.09
CA PRO E 58 -48.23 17.24 -1.26
C PRO E 58 -47.64 18.04 -0.10
N SER E 59 -47.16 19.24 -0.42
CA SER E 59 -46.47 20.07 0.56
C SER E 59 -47.39 20.53 1.68
N ARG E 60 -48.71 20.43 1.52
CA ARG E 60 -49.63 20.91 2.55
C ARG E 60 -49.40 20.19 3.88
N PHE E 61 -49.18 18.89 3.83
CA PHE E 61 -48.88 18.13 5.04
C PHE E 61 -47.50 18.54 5.56
N ARG E 62 -47.47 19.07 6.78
CA ARG E 62 -46.25 19.61 7.35
C ARG E 62 -46.34 19.52 8.87
N GLY E 63 -45.18 19.46 9.52
CA GLY E 63 -45.16 19.40 10.97
C GLY E 63 -43.99 20.18 11.54
N SER E 64 -44.31 21.14 12.42
CA SER E 64 -43.30 21.98 13.05
C SER E 64 -43.52 21.97 14.56
N GLY E 65 -42.65 22.65 15.29
CA GLY E 65 -42.74 22.72 16.74
C GLY E 65 -41.46 22.29 17.40
N SER E 66 -41.18 22.87 18.56
CA SER E 66 -39.97 22.58 19.30
C SER E 66 -40.28 22.59 20.79
N GLY E 67 -39.48 21.87 21.56
CA GLY E 67 -39.65 21.81 23.00
C GLY E 67 -40.58 20.71 23.45
N THR E 68 -41.81 21.08 23.82
CA THR E 68 -42.80 20.13 24.30
C THR E 68 -44.07 20.11 23.45
N ASP E 69 -44.17 20.97 22.44
CA ASP E 69 -45.37 21.06 21.61
C ASP E 69 -45.10 20.47 20.24
N PHE E 70 -45.91 19.50 19.84
CA PHE E 70 -45.84 18.89 18.52
C PHE E 70 -47.25 18.68 18.00
N ALA E 71 -47.41 18.81 16.69
CA ALA E 71 -48.73 18.67 16.07
C ALA E 71 -48.59 18.64 14.56
N LEU E 72 -49.54 17.98 13.91
CA LEU E 72 -49.60 17.93 12.45
C LEU E 72 -50.62 18.93 11.94
N THR E 73 -50.25 19.63 10.87
CA THR E 73 -51.08 20.69 10.31
C THR E 73 -51.34 20.42 8.84
N ILE E 74 -52.56 20.73 8.40
CA ILE E 74 -52.96 20.64 7.00
C ILE E 74 -53.50 22.01 6.62
N SER E 75 -52.71 22.77 5.84
CA SER E 75 -53.09 24.15 5.53
C SER E 75 -54.10 24.20 4.39
N SER E 76 -53.80 23.57 3.26
CA SER E 76 -54.65 23.61 2.08
C SER E 76 -55.39 22.28 1.95
N LEU E 77 -56.56 22.21 2.59
CA LEU E 77 -57.38 21.00 2.50
C LEU E 77 -57.82 20.77 1.06
N GLN E 78 -57.91 19.50 0.68
CA GLN E 78 -58.26 19.10 -0.68
C GLN E 78 -59.39 18.08 -0.63
N PRO E 79 -60.14 17.95 -1.72
CA PRO E 79 -61.27 17.00 -1.72
C PRO E 79 -60.85 15.57 -1.39
N GLU E 80 -59.67 15.15 -1.81
CA GLU E 80 -59.16 13.81 -1.52
C GLU E 80 -58.38 13.77 -0.22
N ASP E 81 -58.63 14.70 0.69
CA ASP E 81 -57.93 14.77 1.97
C ASP E 81 -58.87 14.57 3.15
N PHE E 82 -59.94 13.79 2.94
CA PHE E 82 -60.89 13.45 4.00
C PHE E 82 -60.74 11.97 4.33
N ALA E 83 -60.18 11.68 5.49
CA ALA E 83 -59.95 10.30 5.92
C ALA E 83 -59.50 10.32 7.37
N THR E 84 -59.26 9.14 7.92
CA THR E 84 -58.78 8.99 9.29
C THR E 84 -57.25 8.95 9.29
N TYR E 85 -56.66 9.72 10.21
CA TYR E 85 -55.21 9.88 10.27
C TYR E 85 -54.72 9.38 11.61
N TYR E 86 -54.03 8.22 11.60
CA TYR E 86 -53.46 7.66 12.81
C TYR E 86 -52.07 8.24 13.06
N CYS E 87 -51.41 7.76 14.10
CA CYS E 87 -50.02 8.07 14.40
C CYS E 87 -49.37 6.83 14.99
N GLN E 88 -48.05 6.74 14.86
CA GLN E 88 -47.32 5.56 15.31
C GLN E 88 -46.08 5.99 16.07
N GLN E 89 -45.65 5.13 16.99
CA GLN E 89 -44.47 5.37 17.81
C GLN E 89 -43.48 4.23 17.60
N SER E 90 -42.25 4.58 17.20
CA SER E 90 -41.18 3.61 17.05
C SER E 90 -40.08 3.79 18.08
N TYR E 91 -40.38 4.41 19.22
CA TYR E 91 -39.43 4.50 20.32
C TYR E 91 -39.49 3.21 21.12
N ARG E 92 -38.37 2.52 21.21
CA ARG E 92 -38.30 1.32 22.04
C ARG E 92 -39.22 0.21 21.55
N PRO E 93 -38.82 -0.52 20.52
CA PRO E 93 -39.57 -1.71 20.13
C PRO E 93 -39.42 -2.79 21.20
N PRO E 94 -40.24 -3.84 21.13
CA PRO E 94 -41.33 -4.04 20.17
C PRO E 94 -42.61 -3.35 20.61
N SER E 95 -42.51 -2.21 21.31
CA SER E 95 -43.68 -1.43 21.67
C SER E 95 -43.90 -0.40 20.56
N ARG E 96 -44.80 -0.74 19.64
CA ARG E 96 -45.15 0.13 18.52
C ARG E 96 -46.66 0.16 18.41
N THR E 97 -47.27 1.21 18.97
CA THR E 97 -48.72 1.32 19.07
C THR E 97 -49.22 2.46 18.20
N PHE E 98 -50.17 2.17 17.33
CA PHE E 98 -50.82 3.20 16.56
C PHE E 98 -51.80 3.98 17.42
N GLY E 99 -52.21 5.13 16.90
CA GLY E 99 -53.21 5.92 17.57
C GLY E 99 -54.60 5.38 17.36
N GLN E 100 -55.53 5.86 18.18
CA GLN E 100 -56.92 5.45 18.05
C GLN E 100 -57.49 5.86 16.70
N GLY E 101 -57.00 6.93 16.12
CA GLY E 101 -57.48 7.39 14.82
C GLY E 101 -58.26 8.68 14.93
N THR E 102 -57.99 9.58 14.00
CA THR E 102 -58.71 10.85 13.90
C THR E 102 -59.32 10.97 12.51
N LYS E 103 -60.61 11.29 12.46
CA LYS E 103 -61.36 11.34 11.21
C LYS E 103 -61.79 12.77 10.92
N VAL E 104 -61.61 13.18 9.67
CA VAL E 104 -61.97 14.52 9.22
C VAL E 104 -63.03 14.39 8.14
N GLU E 105 -64.16 15.08 8.33
CA GLU E 105 -65.27 15.04 7.39
C GLU E 105 -65.75 16.45 7.11
N MET E 106 -66.36 16.63 5.94
CA MET E 106 -66.86 17.92 5.52
C MET E 106 -68.14 18.27 6.29
N LYS E 107 -68.35 19.57 6.51
CA LYS E 107 -69.50 20.05 7.24
C LYS E 107 -70.71 20.22 6.34
N GLN F 1 27.57 26.61 -24.14
CA GLN F 1 26.72 25.44 -24.14
C GLN F 1 25.45 25.67 -24.95
N VAL F 2 24.78 26.80 -24.69
CA VAL F 2 23.57 27.19 -25.40
C VAL F 2 23.86 28.46 -26.19
N GLN F 3 23.57 28.42 -27.49
CA GLN F 3 23.80 29.56 -28.36
C GLN F 3 22.59 29.74 -29.26
N LEU F 4 21.88 30.84 -29.09
CA LEU F 4 20.74 31.17 -29.95
C LEU F 4 21.25 31.96 -31.15
N GLN F 5 20.95 31.45 -32.35
CA GLN F 5 21.42 32.05 -33.60
C GLN F 5 20.22 32.34 -34.48
N GLU F 6 19.97 33.63 -34.71
CA GLU F 6 18.86 34.03 -35.57
C GLU F 6 19.15 33.65 -37.02
N SER F 7 18.08 33.41 -37.78
CA SER F 7 18.19 33.05 -39.18
C SER F 7 16.97 33.57 -39.92
N GLY F 8 17.13 33.71 -41.23
CA GLY F 8 16.05 34.21 -42.07
C GLY F 8 16.62 34.88 -43.31
N SER F 9 15.77 35.66 -43.97
CA SER F 9 16.15 36.39 -45.16
C SER F 9 16.66 37.77 -44.77
N GLY F 10 17.90 38.08 -45.17
CA GLY F 10 18.46 39.38 -44.87
C GLY F 10 17.88 40.50 -45.72
N LEU F 11 17.30 40.16 -46.86
CA LEU F 11 16.67 41.13 -47.75
C LEU F 11 15.16 40.89 -47.75
N VAL F 12 14.41 41.84 -47.20
CA VAL F 12 12.96 41.76 -47.13
C VAL F 12 12.39 42.99 -47.83
N LYS F 13 11.58 42.78 -48.85
CA LYS F 13 11.02 43.88 -49.61
C LYS F 13 9.98 44.63 -48.79
N PRO F 14 9.84 45.94 -49.01
CA PRO F 14 8.84 46.70 -48.27
C PRO F 14 7.43 46.21 -48.57
N SER F 15 6.56 46.33 -47.57
CA SER F 15 5.14 45.95 -47.63
C SER F 15 4.93 44.45 -47.55
N GLN F 16 5.99 43.66 -47.44
CA GLN F 16 5.85 42.21 -47.33
C GLN F 16 5.57 41.82 -45.88
N THR F 17 5.62 40.52 -45.60
CA THR F 17 5.37 40.01 -44.25
C THR F 17 6.70 39.72 -43.55
N LEU F 18 6.72 39.95 -42.25
CA LEU F 18 7.94 39.81 -41.45
C LEU F 18 8.06 38.36 -40.97
N SER F 19 9.16 37.71 -41.34
CA SER F 19 9.44 36.34 -40.94
C SER F 19 10.76 36.29 -40.19
N LEU F 20 10.79 35.56 -39.09
CA LEU F 20 12.00 35.42 -38.28
C LEU F 20 12.06 34.02 -37.70
N THR F 21 13.27 33.61 -37.32
CA THR F 21 13.49 32.27 -36.78
C THR F 21 14.68 32.32 -35.82
N CYS F 22 14.71 31.35 -34.91
CA CYS F 22 15.80 31.21 -33.96
C CYS F 22 16.13 29.74 -33.81
N ALA F 23 17.31 29.47 -33.27
CA ALA F 23 17.78 28.10 -33.07
C ALA F 23 18.59 28.01 -31.79
N VAL F 24 18.75 26.79 -31.29
CA VAL F 24 19.47 26.52 -30.06
C VAL F 24 20.47 25.40 -30.31
N SER F 25 21.74 25.67 -30.03
CA SER F 25 22.80 24.68 -30.14
C SER F 25 23.32 24.35 -28.75
N GLY F 26 23.73 23.09 -28.56
CA GLY F 26 24.15 22.63 -27.25
C GLY F 26 23.03 22.46 -26.26
N GLY F 27 21.79 22.36 -26.74
CA GLY F 27 20.63 22.19 -25.89
C GLY F 27 19.43 21.79 -26.72
N SER F 28 18.29 21.62 -26.05
CA SER F 28 17.05 21.22 -26.70
C SER F 28 15.99 22.28 -26.50
N ILE F 29 15.10 22.43 -27.49
CA ILE F 29 13.90 23.22 -27.29
C ILE F 29 12.87 22.44 -26.51
N SER F 30 12.50 21.27 -27.02
CA SER F 30 11.41 20.46 -26.49
C SER F 30 11.41 20.39 -24.96
N SER F 31 12.59 20.33 -24.37
CA SER F 31 12.73 20.42 -22.92
C SER F 31 13.88 21.35 -22.54
N GLY F 32 13.87 22.57 -23.07
CA GLY F 32 15.01 23.43 -22.94
C GLY F 32 15.01 24.16 -21.62
N ASP F 33 14.67 25.44 -21.60
CA ASP F 33 14.18 26.03 -20.37
C ASP F 33 12.68 26.30 -20.46
N SER F 34 12.24 27.17 -21.36
CA SER F 34 10.95 27.05 -22.03
C SER F 34 10.74 28.27 -22.92
N SER F 35 9.58 28.90 -22.75
CA SER F 35 9.39 30.33 -22.99
C SER F 35 10.32 30.90 -24.05
N TRP F 36 10.57 30.15 -25.13
CA TRP F 36 11.45 30.67 -26.16
C TRP F 36 10.87 32.00 -26.64
N SER F 37 11.50 33.09 -26.23
CA SER F 37 10.89 34.40 -26.37
C SER F 37 11.54 35.18 -27.51
N TRP F 38 10.86 36.25 -27.91
CA TRP F 38 11.30 37.10 -29.01
C TRP F 38 11.35 38.55 -28.59
N ILE F 39 12.18 39.34 -29.27
CA ILE F 39 12.38 40.73 -28.92
C ILE F 39 12.74 41.54 -30.15
N ARG F 40 12.37 42.82 -30.12
CA ARG F 40 12.78 43.77 -31.14
C ARG F 40 13.15 45.08 -30.48
N GLN F 41 14.06 45.82 -31.11
CA GLN F 41 14.60 47.07 -30.58
C GLN F 41 14.49 48.15 -31.64
N PRO F 42 13.39 48.89 -31.68
CA PRO F 42 13.21 49.94 -32.70
C PRO F 42 14.16 51.09 -32.46
N PRO F 43 14.79 51.63 -33.51
CA PRO F 43 15.55 52.87 -33.35
C PRO F 43 14.65 54.00 -32.84
N GLY F 44 15.21 54.84 -31.98
CA GLY F 44 14.46 55.87 -31.28
C GLY F 44 14.03 55.53 -29.87
N LYS F 45 13.26 54.47 -29.68
CA LYS F 45 12.83 54.00 -28.37
C LYS F 45 13.83 52.99 -27.84
N GLY F 46 13.37 52.05 -27.00
CA GLY F 46 14.22 50.98 -26.50
C GLY F 46 13.83 49.61 -27.03
N LEU F 47 13.83 48.61 -26.14
CA LEU F 47 13.49 47.23 -26.48
C LEU F 47 12.01 46.95 -26.24
N GLU F 48 11.45 46.06 -27.06
CA GLU F 48 10.03 45.73 -26.97
C GLU F 48 9.85 44.22 -27.13
N TRP F 49 9.03 43.63 -26.26
CA TRP F 49 8.75 42.20 -26.31
C TRP F 49 7.47 41.95 -27.10
N ILE F 50 7.54 40.98 -28.03
CA ILE F 50 6.42 40.67 -28.90
C ILE F 50 5.60 39.55 -28.30
N GLY F 51 6.23 38.39 -28.12
CA GLY F 51 5.55 37.24 -27.57
C GLY F 51 6.52 36.09 -27.42
N HIS F 52 6.00 34.98 -26.93
CA HIS F 52 6.81 33.79 -26.73
C HIS F 52 5.96 32.54 -26.94
N VAL F 53 6.63 31.39 -26.94
CA VAL F 53 5.98 30.09 -26.98
C VAL F 53 6.64 29.21 -25.93
N TYR F 54 5.94 28.14 -25.56
CA TYR F 54 6.42 27.20 -24.57
C TYR F 54 6.85 25.90 -25.24
N GLU F 55 7.54 25.06 -24.47
CA GLU F 55 8.01 23.78 -24.99
C GLU F 55 6.86 22.89 -25.40
N SER F 56 5.68 23.09 -24.82
CA SER F 56 4.50 22.33 -25.22
C SER F 56 3.70 23.00 -26.34
N GLY F 57 3.57 24.33 -26.30
CA GLY F 57 2.72 25.02 -27.26
C GLY F 57 1.93 26.24 -26.79
N ASN F 58 1.94 26.55 -25.48
CA ASN F 58 1.30 27.77 -25.02
C ASN F 58 2.00 28.98 -25.62
N THR F 59 1.21 29.94 -26.10
CA THR F 59 1.73 31.09 -26.85
C THR F 59 1.13 32.40 -26.37
N TYR F 60 1.92 33.17 -25.62
CA TYR F 60 1.51 34.49 -25.15
C TYR F 60 2.05 35.57 -26.08
N TYR F 61 1.23 36.58 -26.35
CA TYR F 61 1.59 37.65 -27.28
C TYR F 61 1.24 39.01 -26.69
N ASP F 62 1.99 40.02 -27.13
CA ASP F 62 1.82 41.37 -26.61
C ASP F 62 0.39 41.85 -26.83
N PRO F 63 -0.22 42.50 -25.83
CA PRO F 63 -1.60 42.99 -26.02
C PRO F 63 -1.73 43.95 -27.19
N SER F 64 -0.79 44.89 -27.33
CA SER F 64 -0.82 45.82 -28.45
C SER F 64 0.03 45.35 -29.62
N LEU F 65 0.33 44.05 -29.70
CA LEU F 65 0.86 43.52 -30.95
C LEU F 65 0.34 42.11 -31.26
N GLN F 66 -0.52 41.53 -30.42
CA GLN F 66 -0.91 40.14 -30.62
C GLN F 66 -1.85 39.96 -31.80
N SER F 67 -2.37 41.03 -32.38
CA SER F 67 -3.29 40.90 -33.51
C SER F 67 -2.61 40.41 -34.78
N ARG F 68 -1.28 40.43 -34.84
CA ARG F 68 -0.55 40.04 -36.04
C ARG F 68 0.52 38.98 -35.81
N VAL F 69 0.96 38.76 -34.58
CA VAL F 69 2.05 37.82 -34.31
C VAL F 69 1.50 36.41 -34.16
N THR F 70 2.17 35.46 -34.81
CA THR F 70 1.89 34.03 -34.64
C THR F 70 3.24 33.37 -34.38
N ILE F 71 3.60 33.26 -33.10
CA ILE F 71 4.88 32.67 -32.70
C ILE F 71 4.68 31.17 -32.54
N SER F 72 5.46 30.40 -33.28
CA SER F 72 5.38 28.94 -33.24
C SER F 72 6.71 28.36 -32.77
N VAL F 73 6.64 27.13 -32.26
CA VAL F 73 7.81 26.39 -31.81
C VAL F 73 7.77 25.01 -32.44
N ASP F 74 8.95 24.45 -32.69
CA ASP F 74 9.07 23.13 -33.31
C ASP F 74 10.05 22.31 -32.48
N ARG F 75 9.51 21.38 -31.68
CA ARG F 75 10.34 20.59 -30.79
C ARG F 75 11.22 19.59 -31.53
N SER F 76 10.89 19.26 -32.78
CA SER F 76 11.68 18.31 -33.54
C SER F 76 12.96 18.94 -34.06
N ARG F 77 12.83 20.02 -34.85
CA ARG F 77 13.99 20.71 -35.38
C ARG F 77 14.69 21.58 -34.35
N ASN F 78 14.06 21.82 -33.20
CA ASN F 78 14.65 22.60 -32.12
C ASN F 78 14.75 24.08 -32.49
N GLN F 79 13.72 24.62 -33.13
CA GLN F 79 13.71 26.02 -33.55
C GLN F 79 12.32 26.59 -33.36
N PHE F 80 12.24 27.76 -32.73
CA PHE F 80 11.01 28.52 -32.62
C PHE F 80 11.10 29.74 -33.52
N SER F 81 10.07 29.94 -34.34
CA SER F 81 10.08 30.96 -35.38
C SER F 81 9.10 32.08 -35.04
N LEU F 82 9.07 33.09 -35.89
CA LEU F 82 8.20 34.24 -35.73
C LEU F 82 7.56 34.58 -37.06
N LYS F 83 6.37 35.17 -36.99
CA LYS F 83 5.65 35.60 -38.20
C LYS F 83 4.90 36.88 -37.86
N LEU F 84 5.37 37.99 -38.44
CA LEU F 84 4.79 39.31 -38.20
C LEU F 84 4.22 39.84 -39.51
N THR F 85 2.95 40.22 -39.48
CA THR F 85 2.26 40.73 -40.65
C THR F 85 2.00 42.23 -40.52
N SER F 86 1.71 42.87 -41.65
CA SER F 86 1.44 44.31 -41.70
C SER F 86 2.66 45.11 -41.21
N VAL F 87 3.77 44.90 -41.91
CA VAL F 87 4.99 45.62 -41.59
C VAL F 87 4.87 47.08 -42.04
N THR F 88 5.46 47.98 -41.27
CA THR F 88 5.41 49.40 -41.57
C THR F 88 6.81 49.98 -41.45
N VAL F 89 6.92 51.31 -41.57
CA VAL F 89 8.20 51.98 -41.42
C VAL F 89 8.69 51.91 -39.98
N ALA F 90 7.77 51.94 -39.02
CA ALA F 90 8.13 51.88 -37.61
C ALA F 90 8.59 50.50 -37.16
N ASP F 91 8.46 49.48 -38.02
CA ASP F 91 8.87 48.13 -37.69
C ASP F 91 10.27 47.80 -38.22
N THR F 92 11.09 48.81 -38.49
CA THR F 92 12.46 48.62 -38.93
C THR F 92 13.37 48.79 -37.71
N ALA F 93 13.94 47.68 -37.24
CA ALA F 93 14.72 47.67 -36.01
C ALA F 93 15.52 46.38 -35.97
N VAL F 94 16.13 46.10 -34.83
CA VAL F 94 16.91 44.89 -34.59
C VAL F 94 16.05 43.94 -33.76
N TYR F 95 15.81 42.74 -34.27
CA TYR F 95 14.96 41.75 -33.63
C TYR F 95 15.82 40.65 -33.03
N TYR F 96 15.51 40.28 -31.78
CA TYR F 96 16.30 39.32 -31.04
C TYR F 96 15.44 38.15 -30.58
N CYS F 97 16.00 36.95 -30.65
CA CYS F 97 15.45 35.77 -29.99
C CYS F 97 16.22 35.53 -28.69
N ALA F 98 15.54 34.96 -27.70
CA ALA F 98 16.13 34.83 -26.38
C ALA F 98 15.50 33.64 -25.66
N ARG F 99 16.10 33.28 -24.52
CA ARG F 99 15.62 32.21 -23.67
C ARG F 99 15.33 32.76 -22.27
N GLU F 100 14.36 32.17 -21.58
CA GLU F 100 13.83 32.76 -20.37
C GLU F 100 14.41 32.11 -19.11
N GLY F 101 14.55 32.93 -18.08
CA GLY F 101 15.10 32.54 -16.79
C GLY F 101 14.01 32.23 -15.77
N ASN F 102 13.46 31.02 -15.84
CA ASN F 102 12.28 30.66 -15.04
C ASN F 102 12.55 30.82 -13.56
N TYR F 103 12.65 32.07 -13.09
CA TYR F 103 12.79 32.32 -11.66
C TYR F 103 11.44 32.25 -10.97
N GLY F 104 10.59 33.25 -11.18
CA GLY F 104 9.23 33.21 -10.66
C GLY F 104 8.34 32.52 -11.67
N TRP F 105 8.19 33.12 -12.85
CA TRP F 105 7.70 32.43 -14.02
C TRP F 105 8.46 32.78 -15.29
N ASP F 106 9.23 33.87 -15.31
CA ASP F 106 9.86 34.29 -16.56
C ASP F 106 10.87 35.41 -16.29
N TYR F 107 12.05 35.27 -16.90
CA TYR F 107 13.08 36.30 -16.95
C TYR F 107 14.00 35.95 -18.11
N PHE F 108 14.73 36.94 -18.62
CA PHE F 108 15.61 36.69 -19.76
C PHE F 108 17.03 36.40 -19.29
N ASP F 109 17.61 35.31 -19.80
CA ASP F 109 18.98 34.91 -19.47
C ASP F 109 19.86 34.69 -20.68
N TYR F 110 19.29 34.39 -21.84
CA TYR F 110 20.06 34.14 -23.06
C TYR F 110 19.48 34.98 -24.19
N TRP F 111 20.37 35.56 -24.99
CA TRP F 111 19.98 36.36 -26.13
C TRP F 111 20.74 35.90 -27.37
N GLY F 112 20.19 36.23 -28.54
CA GLY F 112 20.85 35.94 -29.79
C GLY F 112 21.71 37.09 -30.28
N GLN F 113 22.43 36.84 -31.36
CA GLN F 113 23.30 37.88 -31.94
C GLN F 113 22.47 39.04 -32.46
N GLY F 114 21.37 38.75 -33.15
CA GLY F 114 20.54 39.78 -33.73
C GLY F 114 20.55 39.76 -35.23
N THR F 115 19.40 39.51 -35.85
CA THR F 115 19.27 39.49 -37.30
C THR F 115 18.70 40.81 -37.77
N LEU F 116 19.46 41.54 -38.58
CA LEU F 116 19.06 42.83 -39.10
C LEU F 116 18.89 42.75 -40.61
N VAL F 117 17.81 43.36 -41.11
CA VAL F 117 17.56 43.46 -42.55
C VAL F 117 17.76 44.92 -42.95
N THR F 118 18.63 45.15 -43.92
CA THR F 118 19.03 46.49 -44.32
C THR F 118 18.38 46.85 -45.65
N VAL F 119 17.86 48.08 -45.72
CA VAL F 119 17.19 48.58 -46.92
C VAL F 119 18.05 49.70 -47.50
N SER F 120 18.59 49.46 -48.68
CA SER F 120 19.43 50.43 -49.36
C SER F 120 18.91 50.66 -50.78
N SER F 121 19.03 51.90 -51.24
CA SER F 121 18.57 52.26 -52.58
C SER F 121 19.30 53.51 -53.08
N ASP G 1 4.50 52.74 -24.15
CA ASP G 1 3.15 53.06 -23.70
C ASP G 1 3.17 53.80 -22.37
N ILE G 2 4.11 53.40 -21.49
CA ILE G 2 4.28 54.02 -20.19
C ILE G 2 5.66 54.68 -20.14
N GLN G 3 5.71 55.91 -19.62
CA GLN G 3 6.93 56.69 -19.57
C GLN G 3 7.43 56.78 -18.14
N MET G 4 8.73 56.58 -17.97
CA MET G 4 9.39 56.68 -16.68
C MET G 4 10.55 57.67 -16.76
N THR G 5 10.83 58.34 -15.65
CA THR G 5 11.86 59.36 -15.59
C THR G 5 13.10 58.81 -14.92
N SER G 6 14.24 58.93 -15.59
CA SER G 6 15.52 58.50 -15.07
C SER G 6 16.63 59.29 -15.75
N PRO G 7 17.80 59.39 -15.13
CA PRO G 7 18.89 60.16 -15.75
C PRO G 7 19.26 59.61 -17.11
N PHE G 8 19.54 60.52 -18.05
CA PHE G 8 19.91 60.12 -19.40
C PHE G 8 21.24 59.37 -19.38
N SER G 9 22.23 59.89 -18.66
CA SER G 9 23.54 59.27 -18.60
C SER G 9 24.24 59.73 -17.33
N LEU G 10 25.30 59.01 -16.97
CA LEU G 10 26.07 59.32 -15.77
C LEU G 10 27.54 58.99 -16.02
N SER G 11 28.42 59.73 -15.36
CA SER G 11 29.85 59.55 -15.54
C SER G 11 30.52 59.48 -14.17
N ALA G 12 31.64 58.75 -14.11
CA ALA G 12 32.40 58.58 -12.89
C ALA G 12 33.70 57.85 -13.23
N SER G 13 34.56 57.68 -12.22
CA SER G 13 35.84 57.02 -12.39
C SER G 13 35.77 55.59 -11.87
N VAL G 14 36.82 54.82 -12.16
CA VAL G 14 36.88 53.43 -11.72
C VAL G 14 36.84 53.38 -10.20
N GLY G 15 36.07 52.43 -9.67
CA GLY G 15 35.94 52.27 -8.23
C GLY G 15 34.93 53.19 -7.58
N ASP G 16 34.13 53.91 -8.37
CA ASP G 16 33.13 54.81 -7.83
C ASP G 16 31.83 54.06 -7.51
N ARG G 17 30.98 54.70 -6.72
CA ARG G 17 29.68 54.14 -6.36
C ARG G 17 28.69 54.46 -7.48
N VAL G 18 28.34 53.45 -8.27
CA VAL G 18 27.43 53.62 -9.41
C VAL G 18 26.06 53.13 -8.99
N THR G 19 25.06 54.01 -9.08
CA THR G 19 23.70 53.71 -8.67
C THR G 19 22.75 53.98 -9.82
N ILE G 20 21.79 53.07 -10.03
CA ILE G 20 20.80 53.20 -11.08
C ILE G 20 19.42 53.05 -10.46
N THR G 21 18.43 53.64 -11.12
CA THR G 21 17.05 53.59 -10.66
C THR G 21 16.13 53.34 -11.84
N CYS G 22 15.19 52.40 -11.67
CA CYS G 22 14.24 52.04 -12.71
C CYS G 22 12.83 52.18 -12.13
N ARG G 23 12.05 53.09 -12.70
CA ARG G 23 10.71 53.40 -12.22
C ARG G 23 9.67 52.63 -13.01
N ALA G 24 8.52 52.40 -12.37
CA ALA G 24 7.41 51.69 -13.00
C ALA G 24 6.11 52.43 -12.70
N SER G 25 5.14 52.27 -13.59
CA SER G 25 3.87 52.95 -13.42
C SER G 25 2.90 52.12 -12.59
N GLN G 26 2.78 50.82 -12.88
CA GLN G 26 1.79 50.02 -12.19
C GLN G 26 2.35 49.42 -10.89
N SER G 27 3.08 48.32 -11.04
CA SER G 27 3.55 47.52 -9.91
C SER G 27 4.57 46.50 -10.37
N ILE G 28 5.57 46.23 -9.54
CA ILE G 28 6.67 45.34 -9.92
C ILE G 28 6.87 44.22 -8.90
N ASN G 29 6.57 44.49 -7.62
CA ASN G 29 6.78 43.51 -6.56
C ASN G 29 8.21 43.02 -6.58
N SER G 30 8.44 41.86 -7.20
CA SER G 30 9.80 41.35 -7.31
C SER G 30 10.10 40.81 -8.71
N TYR G 31 9.24 41.07 -9.70
CA TYR G 31 9.48 40.61 -11.05
C TYR G 31 10.20 41.66 -11.89
N LEU G 32 11.28 42.21 -11.36
CA LEU G 32 12.10 43.19 -12.05
C LEU G 32 13.38 42.53 -12.54
N ASN G 33 13.86 42.95 -13.71
CA ASN G 33 15.06 42.38 -14.31
C ASN G 33 16.02 43.50 -14.70
N TRP G 34 17.30 43.14 -14.76
CA TRP G 34 18.37 44.08 -15.09
C TRP G 34 19.19 43.51 -16.22
N TYR G 35 19.50 44.36 -17.21
CA TYR G 35 20.28 43.97 -18.36
C TYR G 35 21.35 45.01 -18.63
N GLN G 36 22.53 44.54 -19.05
CA GLN G 36 23.63 45.40 -19.45
C GLN G 36 23.92 45.16 -20.93
N GLN G 37 23.97 46.23 -21.70
CA GLN G 37 24.20 46.15 -23.14
C GLN G 37 25.37 47.05 -23.52
N LYS G 38 26.40 46.46 -24.13
CA LYS G 38 27.47 47.23 -24.72
C LYS G 38 27.07 47.68 -26.12
N PRO G 39 27.75 48.69 -26.66
CA PRO G 39 27.43 49.12 -28.04
C PRO G 39 27.61 47.98 -29.03
N GLY G 40 26.58 47.74 -29.82
CA GLY G 40 26.63 46.68 -30.81
C GLY G 40 26.62 45.28 -30.24
N LYS G 41 26.00 45.07 -29.09
CA LYS G 41 25.95 43.76 -28.45
C LYS G 41 24.59 43.58 -27.79
N ALA G 42 24.20 42.32 -27.62
CA ALA G 42 22.93 42.02 -26.99
C ALA G 42 23.00 42.27 -25.49
N PRO G 43 21.87 42.55 -24.85
CA PRO G 43 21.85 42.76 -23.40
C PRO G 43 22.24 41.50 -22.65
N ARG G 44 22.71 41.69 -21.42
CA ARG G 44 23.14 40.60 -20.56
C ARG G 44 22.30 40.58 -19.29
N LEU G 45 21.75 39.43 -18.96
CA LEU G 45 20.99 39.29 -17.72
C LEU G 45 21.95 39.19 -16.53
N LEU G 46 21.80 40.10 -15.58
CA LEU G 46 22.62 40.12 -14.37
C LEU G 46 21.83 39.81 -13.12
N ILE G 47 20.68 40.46 -12.94
CA ILE G 47 19.83 40.27 -11.77
C ILE G 47 18.43 39.90 -12.21
N TYR G 48 17.88 38.84 -11.64
CA TYR G 48 16.49 38.46 -11.83
C TYR G 48 15.80 38.46 -10.48
N ALA G 49 14.60 39.03 -10.42
CA ALA G 49 13.84 39.31 -9.20
C ALA G 49 14.34 40.59 -8.53
N ALA G 50 15.30 41.30 -9.13
CA ALA G 50 15.78 42.57 -8.59
C ALA G 50 16.67 42.35 -7.38
N SER G 51 16.74 41.12 -6.88
CA SER G 51 17.59 40.80 -5.74
C SER G 51 18.40 39.53 -5.91
N SER G 52 18.03 38.65 -6.85
CA SER G 52 18.79 37.44 -7.09
C SER G 52 19.88 37.70 -8.11
N LEU G 53 21.08 37.20 -7.83
CA LEU G 53 22.25 37.42 -8.67
C LEU G 53 22.42 36.23 -9.61
N GLN G 54 22.41 36.50 -10.91
CA GLN G 54 22.60 35.45 -11.90
C GLN G 54 23.98 34.81 -11.74
N SER G 55 24.02 33.49 -11.93
CA SER G 55 25.29 32.78 -11.78
C SER G 55 26.33 33.31 -12.76
N GLY G 56 27.55 33.47 -12.27
CA GLY G 56 28.64 33.96 -13.09
C GLY G 56 28.70 35.47 -13.26
N VAL G 57 28.17 36.22 -12.31
CA VAL G 57 28.17 37.68 -12.37
C VAL G 57 29.01 38.21 -11.21
N PRO G 58 29.85 39.23 -11.43
CA PRO G 58 30.66 39.77 -10.34
C PRO G 58 29.78 40.28 -9.20
N SER G 59 30.30 40.13 -7.98
CA SER G 59 29.53 40.49 -6.78
C SER G 59 29.24 41.98 -6.69
N ARG G 60 29.94 42.81 -7.47
CA ARG G 60 29.73 44.26 -7.36
C ARG G 60 28.29 44.64 -7.67
N PHE G 61 27.70 44.02 -8.69
CA PHE G 61 26.30 44.26 -9.01
C PHE G 61 25.41 43.69 -7.90
N ARG G 62 24.65 44.56 -7.26
CA ARG G 62 23.85 44.18 -6.11
C ARG G 62 22.65 45.11 -6.01
N GLY G 63 21.58 44.61 -5.39
CA GLY G 63 20.39 45.43 -5.22
C GLY G 63 19.71 45.17 -3.90
N SER G 64 19.53 46.23 -3.12
CA SER G 64 18.92 46.15 -1.80
C SER G 64 17.82 47.20 -1.70
N GLY G 65 17.11 47.21 -0.57
CA GLY G 65 16.03 48.16 -0.36
C GLY G 65 14.74 47.45 0.00
N SER G 66 13.93 48.13 0.81
CA SER G 66 12.66 47.58 1.27
C SER G 66 11.63 48.70 1.34
N GLY G 67 10.37 48.32 1.22
CA GLY G 67 9.27 49.27 1.30
C GLY G 67 8.90 49.86 -0.04
N THR G 68 9.31 51.11 -0.28
CA THR G 68 9.01 51.80 -1.53
C THR G 68 10.25 52.23 -2.30
N ASP G 69 11.45 52.00 -1.76
CA ASP G 69 12.68 52.42 -2.40
C ASP G 69 13.42 51.21 -2.96
N PHE G 70 13.72 51.25 -4.25
CA PHE G 70 14.50 50.22 -4.92
C PHE G 70 15.47 50.88 -5.89
N ALA G 71 16.64 50.28 -6.04
CA ALA G 71 17.68 50.84 -6.90
C ALA G 71 18.80 49.83 -7.07
N LEU G 72 19.49 49.93 -8.20
CA LEU G 72 20.65 49.09 -8.49
C LEU G 72 21.93 49.87 -8.21
N THR G 73 22.89 49.21 -7.58
CA THR G 73 24.14 49.84 -7.16
C THR G 73 25.32 49.07 -7.73
N ILE G 74 26.34 49.81 -8.15
CA ILE G 74 27.61 49.24 -8.62
C ILE G 74 28.71 49.87 -7.77
N SER G 75 29.26 49.09 -6.84
CA SER G 75 30.23 49.64 -5.90
C SER G 75 31.62 49.74 -6.51
N SER G 76 32.13 48.63 -7.07
CA SER G 76 33.48 48.58 -7.62
C SER G 76 33.39 48.61 -9.15
N LEU G 77 33.38 49.81 -9.71
CA LEU G 77 33.34 49.96 -11.16
C LEU G 77 34.60 49.37 -11.78
N GLN G 78 34.44 48.78 -12.96
CA GLN G 78 35.51 48.11 -13.68
C GLN G 78 35.59 48.64 -15.10
N PRO G 79 36.75 48.51 -15.74
CA PRO G 79 36.88 49.02 -17.13
C PRO G 79 35.87 48.43 -18.09
N GLU G 80 35.49 47.17 -17.91
CA GLU G 80 34.49 46.53 -18.77
C GLU G 80 33.07 46.71 -18.23
N ASP G 81 32.84 47.74 -17.42
CA ASP G 81 31.53 47.99 -16.84
C ASP G 81 30.95 49.32 -17.31
N PHE G 82 31.28 49.73 -18.53
CA PHE G 82 30.75 50.94 -19.15
C PHE G 82 29.83 50.53 -20.29
N ALA G 83 28.52 50.70 -20.09
CA ALA G 83 27.54 50.33 -21.10
C ALA G 83 26.18 50.86 -20.64
N THR G 84 25.16 50.62 -21.47
CA THR G 84 23.80 51.02 -21.15
C THR G 84 23.08 49.89 -20.43
N TYR G 85 22.39 50.24 -19.34
CA TYR G 85 21.75 49.27 -18.47
C TYR G 85 20.24 49.53 -18.48
N TYR G 86 19.48 48.64 -19.11
CA TYR G 86 18.04 48.74 -19.14
C TYR G 86 17.44 48.05 -17.92
N CYS G 87 16.10 48.04 -17.85
CA CYS G 87 15.38 47.28 -16.85
C CYS G 87 14.11 46.74 -17.50
N GLN G 88 13.58 45.67 -16.94
CA GLN G 88 12.41 45.01 -17.51
C GLN G 88 11.41 44.67 -16.42
N GLN G 89 10.13 44.62 -16.80
CA GLN G 89 9.03 44.31 -15.89
C GLN G 89 8.30 43.08 -16.41
N SER G 90 8.19 42.06 -15.56
CA SER G 90 7.43 40.85 -15.88
C SER G 90 6.18 40.71 -15.03
N TYR G 91 5.66 41.81 -14.49
CA TYR G 91 4.40 41.80 -13.77
C TYR G 91 3.27 41.89 -14.80
N ARG G 92 2.41 40.88 -14.81
CA ARG G 92 1.24 40.92 -15.68
C ARG G 92 1.61 40.94 -17.16
N PRO G 93 1.96 39.80 -17.74
CA PRO G 93 2.13 39.72 -19.18
C PRO G 93 0.78 39.88 -19.87
N PRO G 94 0.79 40.11 -21.19
CA PRO G 94 1.97 40.27 -22.04
C PRO G 94 2.48 41.70 -22.03
N SER G 95 2.33 42.41 -20.90
CA SER G 95 2.89 43.75 -20.76
C SER G 95 4.29 43.60 -20.16
N ARG G 96 5.30 43.61 -21.03
CA ARG G 96 6.70 43.48 -20.62
C ARG G 96 7.49 44.55 -21.36
N THR G 97 7.73 45.68 -20.70
CA THR G 97 8.36 46.84 -21.31
C THR G 97 9.74 47.07 -20.70
N PHE G 98 10.75 47.16 -21.56
CA PHE G 98 12.08 47.53 -21.10
C PHE G 98 12.15 49.01 -20.81
N GLY G 99 13.20 49.40 -20.09
CA GLY G 99 13.45 50.78 -19.82
C GLY G 99 14.04 51.51 -21.01
N GLN G 100 13.99 52.83 -20.93
CA GLN G 100 14.57 53.64 -22.01
C GLN G 100 16.07 53.41 -22.15
N GLY G 101 16.74 53.05 -21.05
CA GLY G 101 18.17 52.80 -21.10
C GLY G 101 18.95 53.86 -20.37
N THR G 102 19.93 53.42 -19.58
CA THR G 102 20.84 54.30 -18.87
C THR G 102 22.27 53.97 -19.27
N LYS G 103 23.03 55.00 -19.66
CA LYS G 103 24.38 54.84 -20.16
C LYS G 103 25.38 55.46 -19.19
N VAL G 104 26.46 54.73 -18.93
CA VAL G 104 27.52 55.17 -18.03
C VAL G 104 28.81 55.27 -18.82
N GLU G 105 29.44 56.44 -18.78
CA GLU G 105 30.69 56.68 -19.50
C GLU G 105 31.70 57.34 -18.57
N MET G 106 32.98 57.16 -18.89
CA MET G 106 34.05 57.72 -18.08
C MET G 106 34.17 59.22 -18.31
N LYS G 107 34.60 59.93 -17.28
CA LYS G 107 34.73 61.38 -17.34
C LYS G 107 36.07 61.80 -17.93
N GLN H 1 16.98 -25.65 33.39
CA GLN H 1 16.92 -25.43 31.95
C GLN H 1 18.25 -24.90 31.41
N VAL H 2 18.78 -23.88 32.07
CA VAL H 2 20.06 -23.28 31.71
C VAL H 2 21.04 -23.51 32.84
N GLN H 3 22.20 -24.08 32.52
CA GLN H 3 23.23 -24.37 33.51
C GLN H 3 24.58 -23.96 32.94
N LEU H 4 25.20 -22.95 33.55
CA LEU H 4 26.54 -22.52 33.16
C LEU H 4 27.56 -23.33 33.94
N GLN H 5 28.47 -23.99 33.22
CA GLN H 5 29.47 -24.86 33.81
C GLN H 5 30.85 -24.41 33.36
N GLU H 6 31.64 -23.92 34.30
CA GLU H 6 33.00 -23.48 33.98
C GLU H 6 33.87 -24.67 33.64
N SER H 7 34.87 -24.41 32.79
CA SER H 7 35.81 -25.45 32.38
C SER H 7 37.17 -24.83 32.12
N GLY H 8 38.20 -25.65 32.17
CA GLY H 8 39.55 -25.20 31.96
C GLY H 8 40.54 -26.11 32.67
N SER H 9 41.76 -25.60 32.83
CA SER H 9 42.81 -26.34 33.51
C SER H 9 42.79 -26.01 34.99
N GLY H 10 42.65 -27.03 35.84
CA GLY H 10 42.66 -26.81 37.27
C GLY H 10 44.03 -26.49 37.83
N LEU H 11 45.09 -26.86 37.10
CA LEU H 11 46.46 -26.59 37.51
C LEU H 11 47.07 -25.58 36.54
N VAL H 12 47.33 -24.38 37.05
CA VAL H 12 47.93 -23.31 36.26
C VAL H 12 49.22 -22.87 36.95
N LYS H 13 50.33 -22.97 36.22
CA LYS H 13 51.62 -22.63 36.80
C LYS H 13 51.73 -21.12 37.01
N PRO H 14 52.48 -20.70 38.03
CA PRO H 14 52.65 -19.26 38.27
C PRO H 14 53.35 -18.58 37.11
N SER H 15 53.00 -17.32 36.89
CA SER H 15 53.56 -16.46 35.85
C SER H 15 53.01 -16.77 34.46
N GLN H 16 52.13 -17.76 34.33
CA GLN H 16 51.56 -18.10 33.02
C GLN H 16 50.38 -17.17 32.73
N THR H 17 49.63 -17.49 31.68
CA THR H 17 48.48 -16.69 31.26
C THR H 17 47.19 -17.34 31.78
N LEU H 18 46.22 -16.52 32.14
CA LEU H 18 44.97 -16.98 32.73
C LEU H 18 43.98 -17.28 31.61
N SER H 19 43.51 -18.52 31.56
CA SER H 19 42.54 -18.97 30.58
C SER H 19 41.30 -19.52 31.30
N LEU H 20 40.13 -19.14 30.81
CA LEU H 20 38.88 -19.59 31.40
C LEU H 20 37.84 -19.78 30.29
N THR H 21 36.82 -20.58 30.60
CA THR H 21 35.77 -20.88 29.64
C THR H 21 34.48 -21.17 30.38
N CYS H 22 33.36 -20.99 29.69
CA CYS H 22 32.04 -21.28 30.23
C CYS H 22 31.20 -21.93 29.14
N ALA H 23 30.11 -22.57 29.57
CA ALA H 23 29.22 -23.28 28.66
C ALA H 23 27.79 -23.13 29.15
N VAL H 24 26.85 -23.38 28.24
CA VAL H 24 25.43 -23.27 28.51
C VAL H 24 24.73 -24.54 28.03
N SER H 25 24.02 -25.21 28.94
CA SER H 25 23.24 -26.38 28.61
C SER H 25 21.76 -26.06 28.76
N GLY H 26 20.94 -26.69 27.91
CA GLY H 26 19.52 -26.38 27.89
C GLY H 26 19.19 -25.03 27.29
N GLY H 27 20.11 -24.45 26.52
CA GLY H 27 19.90 -23.16 25.90
C GLY H 27 20.96 -22.92 24.85
N SER H 28 20.90 -21.75 24.22
CA SER H 28 21.82 -21.38 23.16
C SER H 28 22.57 -20.11 23.56
N ILE H 29 23.83 -20.00 23.12
CA ILE H 29 24.53 -18.73 23.23
C ILE H 29 24.08 -17.78 22.12
N SER H 30 24.21 -18.24 20.87
CA SER H 30 23.99 -17.41 19.69
C SER H 30 22.76 -16.53 19.82
N SER H 31 21.70 -17.05 20.43
CA SER H 31 20.51 -16.27 20.75
C SER H 31 20.04 -16.56 22.17
N GLY H 32 20.94 -16.44 23.14
CA GLY H 32 20.62 -16.90 24.47
C GLY H 32 19.85 -15.86 25.25
N ASP H 33 20.48 -15.16 26.17
CA ASP H 33 19.96 -13.87 26.58
C ASP H 33 20.82 -12.74 26.04
N SER H 34 22.08 -12.65 26.46
CA SER H 34 23.18 -12.15 25.63
C SER H 34 24.44 -12.09 26.46
N SER H 35 25.09 -10.92 26.44
CA SER H 35 25.93 -10.43 27.53
C SER H 35 26.56 -11.55 28.36
N TRP H 36 27.02 -12.62 27.72
CA TRP H 36 27.63 -13.69 28.49
C TRP H 36 28.79 -13.10 29.28
N SER H 37 28.59 -12.92 30.58
CA SER H 37 29.49 -12.12 31.38
C SER H 37 30.40 -12.98 32.23
N TRP H 38 31.44 -12.35 32.77
CA TRP H 38 32.44 -13.04 33.58
C TRP H 38 32.64 -12.30 34.89
N ILE H 39 33.09 -13.05 35.90
CA ILE H 39 33.26 -12.49 37.24
C ILE H 39 34.39 -13.21 37.96
N ARG H 40 35.03 -12.47 38.87
CA ARG H 40 36.01 -13.04 39.78
C ARG H 40 35.82 -12.46 41.16
N GLN H 41 36.18 -13.24 42.18
CA GLN H 41 35.99 -12.89 43.58
C GLN H 41 37.30 -13.06 44.33
N PRO H 42 38.13 -12.02 44.39
CA PRO H 42 39.42 -12.14 45.09
C PRO H 42 39.23 -12.28 46.58
N PRO H 43 39.99 -13.17 47.24
CA PRO H 43 39.99 -13.20 48.70
C PRO H 43 40.43 -11.86 49.27
N GLY H 44 39.80 -11.46 50.38
CA GLY H 44 40.00 -10.14 50.95
C GLY H 44 38.93 -9.11 50.61
N LYS H 45 38.73 -8.81 49.33
CA LYS H 45 37.71 -7.87 48.88
C LYS H 45 36.43 -8.66 48.58
N GLY H 46 35.61 -8.15 47.65
CA GLY H 46 34.41 -8.85 47.21
C GLY H 46 34.49 -9.36 45.78
N LEU H 47 33.40 -9.17 45.04
CA LEU H 47 33.30 -9.61 43.65
C LEU H 47 33.68 -8.49 42.69
N GLU H 48 34.24 -8.87 41.54
CA GLU H 48 34.71 -7.90 40.56
C GLU H 48 34.35 -8.38 39.16
N TRP H 49 33.81 -7.48 38.34
CA TRP H 49 33.42 -7.80 36.97
C TRP H 49 34.55 -7.43 36.03
N ILE H 50 34.89 -8.35 35.12
CA ILE H 50 36.00 -8.16 34.19
C ILE H 50 35.46 -7.60 32.88
N GLY H 51 34.58 -8.35 32.24
CA GLY H 51 34.01 -7.94 30.97
C GLY H 51 33.00 -8.95 30.49
N HIS H 52 32.42 -8.67 29.33
CA HIS H 52 31.42 -9.56 28.75
C HIS H 52 31.51 -9.49 27.23
N VAL H 53 30.77 -10.39 26.58
CA VAL H 53 30.60 -10.39 25.14
C VAL H 53 29.12 -10.55 24.84
N TYR H 54 28.74 -10.20 23.62
CA TYR H 54 27.36 -10.30 23.17
C TYR H 54 27.20 -11.45 22.21
N GLU H 55 25.94 -11.79 21.92
CA GLU H 55 25.64 -12.88 21.00
C GLU H 55 26.17 -12.60 19.60
N SER H 56 26.32 -11.32 19.25
CA SER H 56 26.90 -10.97 17.95
C SER H 56 28.41 -10.81 18.00
N GLY H 57 28.96 -10.23 19.07
CA GLY H 57 30.39 -9.95 19.13
C GLY H 57 30.84 -8.66 19.82
N ASN H 58 29.91 -7.80 20.24
CA ASN H 58 30.31 -6.63 21.03
C ASN H 58 30.92 -7.07 22.34
N THR H 59 32.05 -6.45 22.72
CA THR H 59 32.85 -6.87 23.86
C THR H 59 33.24 -5.69 24.74
N TYR H 60 32.58 -5.56 25.90
CA TYR H 60 32.89 -4.52 26.87
C TYR H 60 33.81 -5.10 27.95
N TYR H 61 34.79 -4.30 28.37
CA TYR H 61 35.77 -4.73 29.35
C TYR H 61 35.99 -3.66 30.41
N ASP H 62 36.38 -4.12 31.60
CA ASP H 62 36.55 -3.21 32.74
C ASP H 62 37.58 -2.13 32.40
N PRO H 63 37.31 -0.87 32.76
CA PRO H 63 38.29 0.19 32.47
C PRO H 63 39.65 -0.08 33.08
N SER H 64 39.69 -0.52 34.33
CA SER H 64 40.95 -0.83 35.00
C SER H 64 41.32 -2.30 34.87
N LEU H 65 40.75 -3.02 33.91
CA LEU H 65 41.29 -4.33 33.57
C LEU H 65 41.23 -4.63 32.07
N GLN H 66 40.75 -3.70 31.25
CA GLN H 66 40.55 -4.02 29.83
C GLN H 66 41.86 -4.11 29.05
N SER H 67 42.99 -3.69 29.65
CA SER H 67 44.26 -3.73 28.95
C SER H 67 44.76 -5.15 28.71
N ARG H 68 44.21 -6.14 29.41
CA ARG H 68 44.67 -7.52 29.28
C ARG H 68 43.60 -8.53 28.95
N VAL H 69 42.31 -8.20 29.12
CA VAL H 69 41.24 -9.16 28.90
C VAL H 69 40.83 -9.17 27.43
N THR H 70 40.67 -10.36 26.88
CA THR H 70 40.13 -10.56 25.54
C THR H 70 39.04 -11.62 25.69
N ILE H 71 37.81 -11.17 25.92
CA ILE H 71 36.67 -12.07 26.11
C ILE H 71 36.05 -12.35 24.75
N SER H 72 35.97 -13.63 24.40
CA SER H 72 35.43 -14.05 23.12
C SER H 72 34.22 -14.94 23.33
N VAL H 73 33.37 -15.02 22.31
CA VAL H 73 32.19 -15.86 22.32
C VAL H 73 32.17 -16.69 21.05
N ASP H 74 31.62 -17.89 21.14
CA ASP H 74 31.55 -18.80 19.99
C ASP H 74 30.11 -19.29 19.88
N ARG H 75 29.37 -18.77 18.91
CA ARG H 75 27.97 -19.11 18.76
C ARG H 75 27.77 -20.55 18.26
N SER H 76 28.79 -21.14 17.66
CA SER H 76 28.67 -22.51 17.16
C SER H 76 28.74 -23.54 18.28
N ARG H 77 29.84 -23.52 19.05
CA ARG H 77 29.99 -24.44 20.16
C ARG H 77 29.18 -24.04 21.38
N ASN H 78 28.64 -22.81 21.40
CA ASN H 78 27.80 -22.34 22.49
C ASN H 78 28.62 -22.12 23.78
N GLN H 79 29.81 -21.56 23.64
CA GLN H 79 30.69 -21.31 24.77
C GLN H 79 31.41 -19.98 24.58
N PHE H 80 31.39 -19.15 25.62
CA PHE H 80 32.16 -17.92 25.67
C PHE H 80 33.31 -18.11 26.64
N SER H 81 34.52 -17.78 26.20
CA SER H 81 35.73 -18.03 26.95
C SER H 81 36.34 -16.72 27.46
N LEU H 82 37.43 -16.86 28.21
CA LEU H 82 38.14 -15.73 28.77
C LEU H 82 39.64 -15.93 28.57
N LYS H 83 40.37 -14.82 28.50
CA LYS H 83 41.81 -14.85 28.35
C LYS H 83 42.39 -13.67 29.12
N LEU H 84 43.06 -13.96 30.23
CA LEU H 84 43.64 -12.93 31.09
C LEU H 84 45.16 -13.10 31.11
N THR H 85 45.88 -12.03 30.80
CA THR H 85 47.33 -12.05 30.75
C THR H 85 47.91 -11.26 31.92
N SER H 86 49.19 -11.49 32.19
CA SER H 86 49.91 -10.82 33.27
C SER H 86 49.27 -11.15 34.63
N VAL H 87 49.22 -12.44 34.93
CA VAL H 87 48.68 -12.90 36.20
C VAL H 87 49.65 -12.56 37.32
N THR H 88 49.11 -12.23 38.49
CA THR H 88 49.93 -11.87 39.65
C THR H 88 49.40 -12.61 40.87
N VAL H 89 49.96 -12.30 42.04
CA VAL H 89 49.49 -12.93 43.28
C VAL H 89 48.09 -12.46 43.63
N ALA H 90 47.76 -11.21 43.30
CA ALA H 90 46.45 -10.65 43.61
C ALA H 90 45.35 -11.20 42.71
N ASP H 91 45.70 -11.96 41.67
CA ASP H 91 44.72 -12.55 40.77
C ASP H 91 44.38 -13.98 41.12
N THR H 92 44.60 -14.39 42.36
CA THR H 92 44.24 -15.72 42.85
C THR H 92 42.91 -15.61 43.59
N ALA H 93 41.85 -16.13 42.99
CA ALA H 93 40.50 -15.97 43.52
C ALA H 93 39.59 -16.98 42.82
N VAL H 94 38.30 -16.85 43.03
CA VAL H 94 37.29 -17.70 42.41
C VAL H 94 36.66 -16.91 41.26
N TYR H 95 36.71 -17.46 40.05
CA TYR H 95 36.22 -16.80 38.85
C TYR H 95 34.91 -17.45 38.42
N TYR H 96 33.93 -16.62 38.09
CA TYR H 96 32.58 -17.09 37.75
C TYR H 96 32.18 -16.60 36.37
N CYS H 97 31.50 -17.47 35.62
CA CYS H 97 30.78 -17.09 34.42
C CYS H 97 29.30 -16.96 34.75
N ALA H 98 28.61 -16.08 34.04
CA ALA H 98 27.22 -15.78 34.38
C ALA H 98 26.48 -15.32 33.13
N ARG H 99 25.16 -15.20 33.26
CA ARG H 99 24.29 -14.71 32.20
C ARG H 99 23.53 -13.50 32.70
N GLU H 100 23.20 -12.58 31.78
CA GLU H 100 22.71 -11.27 32.16
C GLU H 100 21.18 -11.18 32.05
N GLY H 101 20.60 -10.38 32.94
CA GLY H 101 19.17 -10.17 33.04
C GLY H 101 18.74 -8.88 32.35
N ASN H 102 18.59 -8.94 31.02
CA ASN H 102 18.37 -7.72 30.21
C ASN H 102 17.11 -6.99 30.65
N TYR H 103 17.17 -6.36 31.84
CA TYR H 103 16.06 -5.53 32.29
C TYR H 103 16.10 -4.16 31.62
N GLY H 104 17.04 -3.32 32.04
CA GLY H 104 17.26 -2.05 31.37
C GLY H 104 18.21 -2.23 30.22
N TRP H 105 19.44 -2.61 30.52
CA TRP H 105 20.34 -3.18 29.54
C TRP H 105 21.14 -4.36 30.07
N ASP H 106 21.22 -4.55 31.38
CA ASP H 106 22.08 -5.60 31.92
C ASP H 106 21.84 -5.79 33.41
N TYR H 107 21.72 -7.06 33.82
CA TYR H 107 21.67 -7.48 35.21
C TYR H 107 22.05 -8.95 35.24
N PHE H 108 22.49 -9.45 36.40
CA PHE H 108 22.89 -10.84 36.49
C PHE H 108 21.75 -11.70 37.02
N ASP H 109 21.46 -12.80 36.31
CA ASP H 109 20.42 -13.74 36.70
C ASP H 109 20.89 -15.19 36.82
N TYR H 110 21.97 -15.56 36.14
CA TYR H 110 22.48 -16.91 36.17
C TYR H 110 23.98 -16.87 36.46
N TRP H 111 24.43 -17.80 37.31
CA TRP H 111 25.83 -17.91 37.66
C TRP H 111 26.29 -19.35 37.51
N GLY H 112 27.60 -19.53 37.37
CA GLY H 112 28.19 -20.85 37.30
C GLY H 112 28.62 -21.36 38.67
N GLN H 113 29.06 -22.61 38.69
CA GLN H 113 29.50 -23.22 39.94
C GLN H 113 30.76 -22.53 40.46
N GLY H 114 31.70 -22.24 39.57
CA GLY H 114 32.95 -21.60 39.97
C GLY H 114 34.14 -22.52 39.79
N THR H 115 35.07 -22.13 38.91
CA THR H 115 36.27 -22.90 38.66
C THR H 115 37.43 -22.29 39.45
N LEU H 116 38.00 -23.08 40.36
CA LEU H 116 39.10 -22.64 41.20
C LEU H 116 40.35 -23.43 40.86
N VAL H 117 41.48 -22.73 40.79
CA VAL H 117 42.79 -23.35 40.58
C VAL H 117 43.57 -23.23 41.87
N THR H 118 44.03 -24.37 42.39
CA THR H 118 44.67 -24.44 43.70
C THR H 118 46.18 -24.62 43.52
N VAL H 119 46.95 -23.85 44.30
CA VAL H 119 48.41 -23.89 44.25
C VAL H 119 48.90 -24.47 45.57
N SER H 120 49.51 -25.66 45.50
CA SER H 120 50.04 -26.33 46.67
C SER H 120 51.49 -26.71 46.44
N SER H 121 52.28 -26.64 47.50
CA SER H 121 53.70 -26.96 47.43
C SER H 121 54.25 -27.36 48.80
N ASP I 1 38.25 -0.49 42.80
CA ASP I 1 38.68 0.83 42.39
C ASP I 1 37.99 1.90 43.23
N ILE I 2 36.72 1.66 43.56
CA ILE I 2 35.92 2.57 44.37
C ILE I 2 35.55 1.87 45.66
N GLN I 3 35.69 2.57 46.78
CA GLN I 3 35.44 2.01 48.10
C GLN I 3 34.16 2.59 48.69
N MET I 4 33.33 1.72 49.25
CA MET I 4 32.09 2.11 49.89
C MET I 4 32.07 1.58 51.32
N THR I 5 31.39 2.30 52.21
CA THR I 5 31.34 1.97 53.63
C THR I 5 29.99 1.33 53.96
N SER I 6 30.04 0.16 54.57
CA SER I 6 28.84 -0.57 54.99
C SER I 6 29.22 -1.50 56.14
N PRO I 7 28.25 -1.89 56.96
CA PRO I 7 28.56 -2.78 58.09
C PRO I 7 29.19 -4.08 57.61
N PHE I 8 30.18 -4.55 58.37
CA PHE I 8 30.85 -5.80 58.02
C PHE I 8 29.89 -6.98 58.12
N SER I 9 29.12 -7.03 59.21
CA SER I 9 28.19 -8.13 59.43
C SER I 9 27.10 -7.67 60.38
N LEU I 10 26.01 -8.43 60.42
CA LEU I 10 24.88 -8.11 61.29
C LEU I 10 24.25 -9.41 61.77
N SER I 11 23.66 -9.37 62.97
CA SER I 11 23.05 -10.53 63.57
C SER I 11 21.67 -10.17 64.10
N ALA I 12 20.79 -11.17 64.12
CA ALA I 12 19.42 -10.99 64.59
C ALA I 12 18.74 -12.36 64.64
N SER I 13 17.52 -12.39 65.12
CA SER I 13 16.75 -13.61 65.25
C SER I 13 15.73 -13.72 64.11
N VAL I 14 15.12 -14.91 64.01
CA VAL I 14 14.13 -15.15 62.97
C VAL I 14 12.97 -14.18 63.14
N GLY I 15 12.48 -13.64 62.02
CA GLY I 15 11.39 -12.70 62.06
C GLY I 15 11.77 -11.27 62.37
N ASP I 16 13.06 -10.95 62.40
CA ASP I 16 13.53 -9.60 62.69
C ASP I 16 13.53 -8.76 61.41
N ARG I 17 13.62 -7.45 61.60
CA ARG I 17 13.70 -6.51 60.49
C ARG I 17 15.15 -6.40 60.04
N VAL I 18 15.46 -7.00 58.90
CA VAL I 18 16.82 -7.01 58.36
C VAL I 18 16.91 -5.95 57.28
N THR I 19 17.84 -5.02 57.44
CA THR I 19 18.02 -3.91 56.50
C THR I 19 19.47 -3.87 56.04
N ILE I 20 19.65 -3.64 54.74
CA ILE I 20 20.97 -3.56 54.14
C ILE I 20 21.07 -2.26 53.35
N THR I 21 22.30 -1.78 53.20
CA THR I 21 22.55 -0.53 52.48
C THR I 21 23.77 -0.72 51.58
N CYS I 22 23.65 -0.27 50.33
CA CYS I 22 24.73 -0.38 49.35
C CYS I 22 24.99 1.02 48.79
N ARG I 23 26.20 1.51 49.03
CA ARG I 23 26.59 2.86 48.62
C ARG I 23 27.34 2.84 47.30
N ALA I 24 27.27 3.95 46.59
CA ALA I 24 27.94 4.10 45.30
C ALA I 24 28.64 5.45 45.25
N SER I 25 29.70 5.51 44.45
CA SER I 25 30.47 6.74 44.34
C SER I 25 29.91 7.66 43.26
N GLN I 26 29.60 7.12 42.09
CA GLN I 26 29.16 7.98 41.00
C GLN I 26 27.64 8.20 41.01
N SER I 27 26.91 7.21 40.48
CA SER I 27 25.48 7.33 40.27
C SER I 27 24.90 5.96 39.90
N ILE I 28 23.68 5.70 40.37
CA ILE I 28 23.05 4.39 40.16
C ILE I 28 21.69 4.51 39.51
N ASN I 29 20.97 5.60 39.76
CA ASN I 29 19.62 5.79 39.24
C ASN I 29 18.75 4.61 39.62
N SER I 30 18.58 3.66 38.70
CA SER I 30 17.82 2.47 38.99
C SER I 30 18.50 1.20 38.48
N TYR I 31 19.76 1.27 38.08
CA TYR I 31 20.48 0.09 37.61
C TYR I 31 21.26 -0.57 38.73
N LEU I 32 20.59 -0.82 39.86
CA LEU I 32 21.19 -1.49 41.00
C LEU I 32 20.68 -2.93 41.08
N ASN I 33 21.55 -3.84 41.50
CA ASN I 33 21.19 -5.24 41.58
C ASN I 33 21.54 -5.78 42.96
N TRP I 34 20.83 -6.84 43.35
CA TRP I 34 21.01 -7.48 44.65
C TRP I 34 21.24 -8.97 44.45
N TYR I 35 22.24 -9.51 45.16
CA TYR I 35 22.58 -10.91 45.08
C TYR I 35 22.76 -11.49 46.48
N GLN I 36 22.31 -12.72 46.67
CA GLN I 36 22.51 -13.46 47.91
C GLN I 36 23.39 -14.66 47.62
N GLN I 37 24.45 -14.82 48.42
CA GLN I 37 25.39 -15.92 48.25
C GLN I 37 25.55 -16.67 49.55
N LYS I 38 25.28 -17.96 49.54
CA LYS I 38 25.58 -18.82 50.65
C LYS I 38 27.04 -19.27 50.58
N PRO I 39 27.59 -19.74 51.69
CA PRO I 39 28.98 -20.23 51.67
C PRO I 39 29.13 -21.37 50.67
N GLY I 40 30.11 -21.21 49.77
CA GLY I 40 30.36 -22.24 48.78
C GLY I 40 29.30 -22.35 47.70
N LYS I 41 28.61 -21.26 47.39
CA LYS I 41 27.56 -21.27 46.38
C LYS I 41 27.60 -19.98 45.60
N ALA I 42 27.07 -20.02 44.38
CA ALA I 42 27.04 -18.84 43.53
C ALA I 42 25.98 -17.86 44.03
N PRO I 43 26.15 -16.57 43.74
CA PRO I 43 25.15 -15.58 44.14
C PRO I 43 23.82 -15.82 43.42
N ARG I 44 22.76 -15.30 44.03
CA ARG I 44 21.40 -15.45 43.51
C ARG I 44 20.82 -14.06 43.25
N LEU I 45 20.30 -13.85 42.04
CA LEU I 45 19.63 -12.60 41.71
C LEU I 45 18.25 -12.57 42.35
N LEU I 46 18.00 -11.55 43.17
CA LEU I 46 16.71 -11.36 43.82
C LEU I 46 15.98 -10.12 43.34
N ILE I 47 16.67 -8.98 43.27
CA ILE I 47 16.07 -7.71 42.85
C ILE I 47 16.91 -7.14 41.71
N TYR I 48 16.24 -6.76 40.62
CA TYR I 48 16.86 -6.03 39.53
C TYR I 48 16.14 -4.70 39.37
N ALA I 49 16.91 -3.63 39.20
CA ALA I 49 16.46 -2.25 39.21
C ALA I 49 16.30 -1.73 40.63
N ALA I 50 16.63 -2.54 41.64
CA ALA I 50 16.57 -2.12 43.04
C ALA I 50 15.14 -2.04 43.55
N SER I 51 14.17 -2.20 42.65
CA SER I 51 12.76 -2.18 43.02
C SER I 51 11.95 -3.30 42.40
N SER I 52 12.43 -3.92 41.32
CA SER I 52 11.71 -5.02 40.69
C SER I 52 12.11 -6.33 41.34
N LEU I 53 11.11 -7.17 41.62
CA LEU I 53 11.31 -8.44 42.30
C LEU I 53 11.41 -9.56 41.27
N GLN I 54 12.54 -10.27 41.27
CA GLN I 54 12.72 -11.38 40.35
C GLN I 54 11.67 -12.46 40.61
N SER I 55 11.20 -13.07 39.52
CA SER I 55 10.17 -14.10 39.63
C SER I 55 10.68 -15.26 40.48
N GLY I 56 9.81 -15.76 41.36
CA GLY I 56 10.16 -16.86 42.23
C GLY I 56 10.94 -16.50 43.47
N VAL I 57 10.80 -15.27 43.95
CA VAL I 57 11.51 -14.81 45.15
C VAL I 57 10.48 -14.51 46.23
N PRO I 58 10.73 -14.88 47.48
CA PRO I 58 9.76 -14.58 48.55
C PRO I 58 9.53 -13.08 48.68
N SER I 59 8.29 -12.71 49.04
CA SER I 59 7.91 -11.31 49.09
C SER I 59 8.64 -10.54 50.18
N ARG I 60 9.29 -11.23 51.13
CA ARG I 60 9.95 -10.53 52.22
C ARG I 60 11.03 -9.58 51.70
N PHE I 61 11.80 -10.02 50.70
CA PHE I 61 12.79 -9.16 50.09
C PHE I 61 12.10 -8.04 49.32
N ARG I 62 12.37 -6.80 49.72
CA ARG I 62 11.68 -5.65 49.15
C ARG I 62 12.59 -4.43 49.28
N GLY I 63 12.38 -3.46 48.40
CA GLY I 63 13.17 -2.25 48.45
C GLY I 63 12.36 -1.03 48.07
N SER I 64 12.33 -0.05 48.99
CA SER I 64 11.57 1.18 48.79
C SER I 64 12.48 2.37 49.07
N GLY I 65 11.95 3.57 48.88
CA GLY I 65 12.72 4.78 49.10
C GLY I 65 12.72 5.67 47.87
N SER I 66 12.78 6.98 48.12
CA SER I 66 12.77 7.97 47.05
C SER I 66 13.70 9.12 47.42
N GLY I 67 14.20 9.80 46.40
CA GLY I 67 15.08 10.93 46.61
C GLY I 67 16.55 10.55 46.67
N THR I 68 17.10 10.54 47.89
CA THR I 68 18.51 10.20 48.09
C THR I 68 18.71 9.00 49.01
N ASP I 69 17.64 8.42 49.55
CA ASP I 69 17.74 7.30 50.47
C ASP I 69 17.29 6.03 49.78
N PHE I 70 18.16 5.02 49.78
CA PHE I 70 17.84 3.70 49.24
C PHE I 70 18.43 2.63 50.16
N ALA I 71 17.72 1.51 50.27
CA ALA I 71 18.16 0.44 51.16
C ALA I 71 17.31 -0.80 50.91
N LEU I 72 17.90 -1.96 51.19
CA LEU I 72 17.20 -3.24 51.08
C LEU I 72 16.75 -3.69 52.46
N THR I 73 15.53 -4.19 52.53
CA THR I 73 14.93 -4.58 53.80
C THR I 73 14.46 -6.04 53.73
N ILE I 74 14.64 -6.77 54.83
CA ILE I 74 14.16 -8.13 54.96
C ILE I 74 13.28 -8.16 56.22
N SER I 75 11.96 -8.22 56.03
CA SER I 75 11.04 -8.13 57.15
C SER I 75 10.92 -9.45 57.89
N SER I 76 10.61 -10.53 57.17
CA SER I 76 10.38 -11.85 57.77
C SER I 76 11.60 -12.73 57.50
N LEU I 77 12.57 -12.67 58.41
CA LEU I 77 13.76 -13.50 58.28
C LEU I 77 13.38 -14.98 58.37
N GLN I 78 14.09 -15.80 57.61
CA GLN I 78 13.85 -17.23 57.52
C GLN I 78 15.13 -17.99 57.78
N PRO I 79 15.03 -19.26 58.20
CA PRO I 79 16.25 -20.03 58.47
C PRO I 79 17.19 -20.14 57.28
N GLU I 80 16.66 -20.20 56.06
CA GLU I 80 17.47 -20.24 54.85
C GLU I 80 17.80 -18.85 54.31
N ASP I 81 17.77 -17.83 55.16
CA ASP I 81 18.03 -16.46 54.76
C ASP I 81 19.27 -15.90 55.46
N PHE I 82 20.24 -16.76 55.78
CA PHE I 82 21.49 -16.37 56.40
C PHE I 82 22.60 -16.58 55.37
N ALA I 83 23.13 -15.49 54.84
CA ALA I 83 24.20 -15.54 53.83
C ALA I 83 24.72 -14.13 53.60
N THR I 84 25.70 -14.01 52.71
CA THR I 84 26.27 -12.72 52.36
C THR I 84 25.54 -12.15 51.16
N TYR I 85 25.19 -10.87 51.24
CA TYR I 85 24.39 -10.20 50.22
C TYR I 85 25.20 -9.06 49.62
N TYR I 86 25.63 -9.23 48.38
CA TYR I 86 26.36 -8.20 47.67
C TYR I 86 25.40 -7.25 46.97
N CYS I 87 25.96 -6.28 46.24
CA CYS I 87 25.19 -5.40 45.38
C CYS I 87 26.03 -5.10 44.14
N GLN I 88 25.36 -4.74 43.05
CA GLN I 88 26.04 -4.51 41.79
C GLN I 88 25.52 -3.24 41.14
N GLN I 89 26.38 -2.61 40.35
CA GLN I 89 26.05 -1.37 39.65
C GLN I 89 26.22 -1.59 38.15
N SER I 90 25.17 -1.33 37.38
CA SER I 90 25.21 -1.41 35.92
C SER I 90 25.08 -0.05 35.26
N TYR I 91 25.40 1.02 35.98
CA TYR I 91 25.44 2.36 35.39
C TYR I 91 26.78 2.53 34.68
N ARG I 92 26.73 2.78 33.39
CA ARG I 92 27.95 3.07 32.64
C ARG I 92 28.92 1.89 32.63
N PRO I 93 28.68 0.89 31.78
CA PRO I 93 29.67 -0.16 31.58
C PRO I 93 30.89 0.40 30.87
N PRO I 94 32.00 -0.35 30.85
CA PRO I 94 32.17 -1.65 31.49
C PRO I 94 32.57 -1.51 32.94
N SER I 95 32.11 -0.47 33.63
CA SER I 95 32.34 -0.32 35.07
C SER I 95 31.17 -0.96 35.80
N ARG I 96 31.38 -2.21 36.22
CA ARG I 96 30.35 -2.98 36.93
C ARG I 96 31.04 -3.63 38.13
N THR I 97 30.93 -3.01 39.30
CA THR I 97 31.64 -3.43 40.50
C THR I 97 30.64 -3.93 41.53
N PHE I 98 30.86 -5.15 42.02
CA PHE I 98 30.06 -5.68 43.12
C PHE I 98 30.49 -5.03 44.42
N GLY I 99 29.63 -5.19 45.43
CA GLY I 99 29.94 -4.71 46.75
C GLY I 99 30.90 -5.63 47.47
N GLN I 100 31.47 -5.10 48.56
CA GLN I 100 32.38 -5.91 49.36
C GLN I 100 31.68 -7.11 49.96
N GLY I 101 30.38 -7.02 50.21
CA GLY I 101 29.64 -8.13 50.76
C GLY I 101 29.21 -7.86 52.19
N THR I 102 27.95 -8.22 52.48
CA THR I 102 27.39 -8.10 53.82
C THR I 102 26.89 -9.47 54.26
N LYS I 103 27.29 -9.89 55.46
CA LYS I 103 26.98 -11.21 55.97
C LYS I 103 26.06 -11.09 57.18
N VAL I 104 25.02 -11.93 57.21
CA VAL I 104 24.05 -11.96 58.29
C VAL I 104 24.11 -13.33 58.96
N GLU I 105 24.31 -13.35 60.27
CA GLU I 105 24.39 -14.58 61.03
C GLU I 105 23.52 -14.48 62.27
N MET I 106 23.08 -15.64 62.76
CA MET I 106 22.22 -15.70 63.93
C MET I 106 23.04 -15.41 65.20
N LYS I 107 22.37 -14.83 66.19
CA LYS I 107 23.01 -14.46 67.45
C LYS I 107 23.02 -15.63 68.42
C1 NAG J . 3.16 34.77 -4.90
C2 NAG J . 2.54 36.17 -4.76
C3 NAG J . 1.49 36.41 -5.84
C4 NAG J . 2.05 36.11 -7.22
C5 NAG J . 2.60 34.68 -7.21
C6 NAG J . 3.17 34.23 -8.53
C7 NAG J . 1.92 37.52 -2.80
C8 NAG J . 1.23 37.51 -1.47
N2 NAG J . 1.94 36.36 -3.47
O3 NAG J . 1.07 37.74 -5.73
O4 NAG J . 1.00 36.27 -8.15
O5 NAG J . 3.61 34.58 -6.23
O6 NAG J . 2.14 34.17 -9.50
O7 NAG J . 2.45 38.55 -3.23
H1 NAG J . 2.48 34.10 -4.71
H2 NAG J . 3.25 36.83 -4.86
H3 NAG J . 0.75 35.80 -5.68
H4 NAG J . 2.78 36.72 -7.39
H5 NAG J . 1.88 34.07 -7.00
H61 NAG J . 3.87 34.85 -8.79
H62 NAG J . 3.60 33.37 -8.40
H81 NAG J . 0.50 38.17 -1.47
H82 NAG J . 0.81 36.64 -1.33
H83 NAG J . 1.80 37.70 -0.71
HN2 NAG J . 1.54 35.68 -3.11
HO3 NAG J . 0.45 37.87 -6.31
HO4 NAG J . 1.32 36.62 -8.86
HO6 NAG J . 1.87 34.96 -9.66
C1 NAG K . -22.87 -32.15 -26.40
C2 NAG K . -24.34 -32.60 -26.45
C3 NAG K . -25.27 -31.39 -26.34
C4 NAG K . -24.90 -30.56 -25.12
C5 NAG K . -23.41 -30.21 -25.16
C6 NAG K . -22.95 -29.39 -23.99
C7 NAG K . -25.09 -34.60 -27.70
C8 NAG K . -25.31 -35.15 -29.08
N2 NAG K . -24.62 -33.33 -27.65
O3 NAG K . -26.59 -31.86 -26.29
O4 NAG K . -25.71 -29.41 -25.14
O5 NAG K . -22.67 -31.41 -25.22
O6 NAG K . -21.58 -29.08 -24.13
O7 NAG K . -25.33 -35.25 -26.70
H1 NAG K . -22.69 -31.58 -27.16
H2 NAG K . -24.50 -33.19 -25.70
H3 NAG K . -25.12 -30.83 -27.13
H4 NAG K . -25.08 -31.10 -24.33
H5 NAG K . -23.25 -29.67 -25.95
H61 NAG K . -23.11 -29.89 -23.17
H62 NAG K . -23.49 -28.59 -23.94
H81 NAG K . -24.82 -35.99 -29.16
H82 NAG K . -26.24 -35.35 -29.19
H83 NAG K . -25.02 -34.56 -29.79
HN2 NAG K . -24.47 -32.92 -28.40
HO3 NAG K . -27.10 -31.19 -26.29
HO4 NAG K . -25.34 -28.81 -25.62
HO6 NAG K . -21.34 -28.58 -23.47
C1 NAG L . 16.31 6.73 30.55
C2 NAG L . 17.05 7.74 31.44
C3 NAG L . 18.49 7.93 30.98
C4 NAG L . 19.18 6.58 30.83
C5 NAG L . 18.34 5.71 29.90
C6 NAG L . 18.94 4.33 29.64
C7 NAG L . 16.34 9.84 32.53
C8 NAG L . 15.61 11.15 32.33
N2 NAG L . 16.39 9.03 31.46
O3 NAG L . 19.14 8.76 31.90
O4 NAG L . 20.47 6.83 30.32
O5 NAG L . 17.06 5.54 30.46
O6 NAG L . 20.16 4.47 28.94
O7 NAG L . 16.84 9.56 33.61
H1 NAG L . 16.21 7.10 29.66
H2 NAG L . 17.05 7.40 32.35
H3 NAG L . 18.47 8.35 30.10
H4 NAG L . 19.22 6.17 31.71
H5 NAG L . 18.29 6.14 29.04
H61 NAG L . 19.07 3.90 30.50
H62 NAG L . 18.30 3.82 29.16
H81 NAG L . 16.22 11.88 32.50
H82 NAG L . 15.35 11.22 31.39
H83 NAG L . 14.83 11.26 32.88
HN2 NAG L . 16.02 9.29 30.72
HO3 NAG L . 19.93 8.89 31.63
HO4 NAG L . 21.02 6.30 30.69
HO6 NAG L . 20.72 4.84 29.46
C1 NAG M . 18.64 -10.61 -42.33
C2 NAG M . 19.20 -9.74 -43.47
C3 NAG M . 20.03 -8.60 -42.90
C4 NAG M . 19.23 -7.83 -41.86
C5 NAG M . 18.70 -8.80 -40.80
C6 NAG M . 17.89 -8.15 -39.71
C7 NAG M . 19.73 -10.65 -45.69
C8 NAG M . 20.70 -11.53 -46.46
N2 NAG M . 19.98 -10.53 -44.39
O3 NAG M . 20.43 -7.79 -43.97
O4 NAG M . 20.09 -6.86 -41.30
O5 NAG M . 17.92 -9.80 -41.45
O6 NAG M . 17.49 -9.11 -38.77
O7 NAG M . 18.80 -10.10 -46.26
H1 NAG M . 19.40 -11.01 -41.86
H2 NAG M . 18.45 -9.38 -43.95
H3 NAG M . 20.81 -8.99 -42.45
H4 NAG M . 18.48 -7.41 -42.30
H5 NAG M . 19.47 -9.22 -40.36
H61 NAG M . 17.12 -7.71 -40.12
H62 NAG M . 18.42 -7.45 -39.31
H81 NAG M . 20.20 -12.21 -46.94
H82 NAG M . 21.16 -10.98 -47.13
H83 NAG M . 21.36 -11.96 -45.91
HN2 NAG M . 20.66 -10.95 -44.05
HO3 NAG M . 20.94 -7.18 -43.66
HO4 NAG M . 20.53 -7.23 -40.66
HO6 NAG M . 17.06 -8.72 -38.15
C1 NAG N . -29.00 9.02 17.95
C2 NAG N . -29.64 9.37 19.30
C3 NAG N . -29.89 8.12 20.14
C4 NAG N . -30.63 7.07 19.32
C5 NAG N . -29.86 6.80 18.04
C6 NAG N . -30.49 5.75 17.15
C7 NAG N . -29.33 11.26 20.86
C8 NAG N . -28.30 12.11 21.57
N2 NAG N . -28.83 10.29 20.06
O3 NAG N . -30.59 8.49 21.28
O4 NAG N . -30.74 5.91 20.13
O5 NAG N . -29.77 8.01 17.30
O6 NAG N . -30.45 4.50 17.79
O7 NAG N . -30.52 11.46 21.00
H1 NAG N . -28.10 8.68 18.09
H2 NAG N . -30.50 9.80 19.12
H3 NAG N . -29.02 7.75 20.37
H4 NAG N . -31.51 7.43 19.10
H5 NAG N . -28.97 6.48 18.27
H61 NAG N . -31.39 6.03 16.94
H62 NAG N . -30.00 5.74 16.31
H81 NAG N . -28.43 12.03 22.53
H82 NAG N . -27.42 11.75 21.38
H83 NAG N . -28.32 13.04 21.33
HN2 NAG N . -27.98 10.20 20.00
HO3 NAG N . -30.69 7.80 21.77
HO4 NAG N . -31.50 5.56 20.00
HO6 NAG N . -30.97 4.53 18.46
C1 NAG O . 20.29 -42.68 -4.77
C2 NAG O . 21.28 -43.46 -3.90
C3 NAG O . 20.89 -43.32 -2.43
C4 NAG O . 20.75 -41.85 -2.06
C5 NAG O . 19.78 -41.18 -3.02
C6 NAG O . 19.57 -39.70 -2.74
C7 NAG O . 22.41 -45.51 -4.68
C8 NAG O . 22.21 -46.95 -5.03
N2 NAG O . 21.31 -44.85 -4.28
O3 NAG O . 21.87 -43.98 -1.67
O4 NAG O . 20.30 -41.81 -0.72
O5 NAG O . 20.26 -41.33 -4.34
O6 NAG O . 18.64 -39.17 -3.64
O7 NAG O . 23.52 -44.98 -4.76
H1 NAG O . 19.40 -43.06 -4.67
H2 NAG O . 22.16 -43.09 -4.03
H3 NAG O . 20.02 -43.74 -2.30
H4 NAG O . 21.63 -41.44 -2.14
H5 NAG O . 18.91 -41.60 -2.93
H61 NAG O . 20.44 -39.25 -2.80
H62 NAG O . 19.29 -39.61 -1.82
H81 NAG O . 22.55 -47.12 -5.92
H82 NAG O . 22.74 -47.50 -4.41
H83 NAG O . 21.29 -47.25 -4.98
HN2 NAG O . 20.57 -45.29 -4.24
HO3 NAG O . 21.62 -43.94 -0.85
HO4 NAG O . 19.45 -41.85 -0.72
HO6 NAG O . 18.51 -38.35 -3.45
#